data_2QEF
# 
_entry.id   2QEF 
# 
_audit_conform.dict_name       mmcif_pdbx.dic 
_audit_conform.dict_version    5.377 
_audit_conform.dict_location   http://mmcif.pdb.org/dictionaries/ascii/mmcif_pdbx.dic 
# 
loop_
_database_2.database_id 
_database_2.database_code 
_database_2.pdbx_database_accession 
_database_2.pdbx_DOI 
PDB   2QEF         pdb_00002qef 10.2210/pdb2qef/pdb 
NDB   BD0102       ?            ?                   
RCSB  RCSB043494   ?            ?                   
WWPDB D_1000043494 ?            ?                   
# 
_pdbx_database_related.db_name        PDB 
_pdbx_database_related.db_id          2QEG 
_pdbx_database_related.details        . 
_pdbx_database_related.content_type   unspecified 
# 
_pdbx_database_status.status_code                     REL 
_pdbx_database_status.entry_id                        2QEF 
_pdbx_database_status.recvd_initial_deposition_date   2007-06-25 
_pdbx_database_status.deposit_site                    RCSB 
_pdbx_database_status.process_site                    RCSB 
_pdbx_database_status.status_code_sf                  REL 
_pdbx_database_status.status_code_mr                  ? 
_pdbx_database_status.SG_entry                        ? 
_pdbx_database_status.status_code_cs                  ? 
_pdbx_database_status.methods_development_category    ? 
_pdbx_database_status.pdb_format_compatible           Y 
_pdbx_database_status.status_code_nmr_data            ? 
# 
loop_
_audit_author.name 
_audit_author.pdbx_ordinal 
'Wang, F.'    1 
'Li, F.'      2 
'Ganguly, M.' 3 
'Marky, L.A.' 4 
'Gold, B.'    5 
'Egli, M.'    6 
'Stone, M.P.' 7 
# 
_citation.id                        primary 
_citation.title                     
;A bridging water anchors the tethered 5-(3-aminopropyl)-2'-deoxyuridine amine in the DNA major groove proximate to the N+2 C.G base pair: implications for formation of interstrand 5'-GNC-3' cross-links by nitrogen mustards.
;
_citation.journal_abbrev            Biochemistry 
_citation.journal_volume            47 
_citation.page_first                7147 
_citation.page_last                 7157 
_citation.year                      2008 
_citation.journal_id_ASTM           BICHAW 
_citation.country                   US 
_citation.journal_id_ISSN           0006-2960 
_citation.journal_id_CSD            0033 
_citation.book_publisher            ? 
_citation.pdbx_database_id_PubMed   18549246 
_citation.pdbx_database_id_DOI      10.1021/bi800375m 
# 
loop_
_citation_author.citation_id 
_citation_author.name 
_citation_author.ordinal 
_citation_author.identifier_ORCID 
primary 'Wang, F.'    1 ? 
primary 'Li, F.'      2 ? 
primary 'Ganguly, M.' 3 ? 
primary 'Marky, L.A.' 4 ? 
primary 'Gold, B.'    5 ? 
primary 'Egli, M.'    6 ? 
primary 'Stone, M.P.' 7 ? 
# 
_cell.entry_id           2QEF 
_cell.length_a           24.858 
_cell.length_b           41.057 
_cell.length_c           66.615 
_cell.angle_alpha        90.00 
_cell.angle_beta         90.00 
_cell.angle_gamma        90.00 
_cell.Z_PDB              8 
_cell.pdbx_unique_axis   ? 
_cell.length_a_esd       ? 
_cell.length_b_esd       ? 
_cell.length_c_esd       ? 
_cell.angle_alpha_esd    ? 
_cell.angle_beta_esd     ? 
_cell.angle_gamma_esd    ? 
# 
_symmetry.entry_id                         2QEF 
_symmetry.space_group_name_H-M             'P 21 21 21' 
_symmetry.pdbx_full_space_group_name_H-M   ? 
_symmetry.cell_setting                     ? 
_symmetry.Int_Tables_number                19 
_symmetry.space_group_name_Hall            ? 
# 
loop_
_entity.id 
_entity.type 
_entity.src_method 
_entity.pdbx_description 
_entity.formula_weight 
_entity.pdbx_number_of_molecules 
_entity.pdbx_ec 
_entity.pdbx_mutation 
_entity.pdbx_fragment 
_entity.details 
1 polymer syn 
;DNA (5'-D(*DCP*DGP*DCP*DGP*DAP*DAP*DTP*(ZDU)P*DCP*(7GU)P*DCP*DG)-3')
;
3705.472 2  ? ? ? DDD2+/Z10 
2 water   nat water                                                                  18.015   96 ? ? ? ?         
# 
_entity_poly.entity_id                      1 
_entity_poly.type                           polydeoxyribonucleotide 
_entity_poly.nstd_linkage                   no 
_entity_poly.nstd_monomer                   yes 
_entity_poly.pdbx_seq_one_letter_code       '(DC)(DG)(DC)(DG)(DA)(DA)(DT)(ZDU)(DC)(7GU)(DC)(DG)' 
_entity_poly.pdbx_seq_one_letter_code_can   CGCGAATUCGCG 
_entity_poly.pdbx_strand_id                 A,B 
_entity_poly.pdbx_target_identifier         ? 
# 
loop_
_entity_poly_seq.entity_id 
_entity_poly_seq.num 
_entity_poly_seq.mon_id 
_entity_poly_seq.hetero 
1 1  DC  n 
1 2  DG  n 
1 3  DC  n 
1 4  DG  n 
1 5  DA  n 
1 6  DA  n 
1 7  DT  n 
1 8  ZDU n 
1 9  DC  n 
1 10 7GU n 
1 11 DC  n 
1 12 DG  n 
# 
_pdbx_entity_src_syn.entity_id              1 
_pdbx_entity_src_syn.pdbx_src_id            1 
_pdbx_entity_src_syn.pdbx_alt_source_flag   sample 
_pdbx_entity_src_syn.pdbx_beg_seq_num       ? 
_pdbx_entity_src_syn.pdbx_end_seq_num       ? 
_pdbx_entity_src_syn.organism_scientific    ? 
_pdbx_entity_src_syn.organism_common_name   ? 
_pdbx_entity_src_syn.ncbi_taxonomy_id       ? 
_pdbx_entity_src_syn.details                
;The oligodeoxynucleotide 5'-d(CGCGAATXCZCG)-3' (DDD2+/Z10) was synthesized and purified using reversed-phase semipreparative HPLC (Phenomenex, Phenyl-Hexyl, 5 m, 250 10.0 mm) equilibrated with 0.1 M ammonium formate (pH 7.0) and desalted using G25 column.
;
# 
_struct_ref.id                         1 
_struct_ref.db_name                    PDB 
_struct_ref.db_code                    2QEF 
_struct_ref.pdbx_db_accession          2QEF 
_struct_ref.entity_id                  1 
_struct_ref.pdbx_align_begin           ? 
_struct_ref.pdbx_seq_one_letter_code   CGCGAATUCGCG 
_struct_ref.pdbx_db_isoform            ? 
# 
loop_
_struct_ref_seq.align_id 
_struct_ref_seq.ref_id 
_struct_ref_seq.pdbx_PDB_id_code 
_struct_ref_seq.pdbx_strand_id 
_struct_ref_seq.seq_align_beg 
_struct_ref_seq.pdbx_seq_align_beg_ins_code 
_struct_ref_seq.seq_align_end 
_struct_ref_seq.pdbx_seq_align_end_ins_code 
_struct_ref_seq.pdbx_db_accession 
_struct_ref_seq.db_align_beg 
_struct_ref_seq.pdbx_db_align_beg_ins_code 
_struct_ref_seq.db_align_end 
_struct_ref_seq.pdbx_db_align_end_ins_code 
_struct_ref_seq.pdbx_auth_seq_align_beg 
_struct_ref_seq.pdbx_auth_seq_align_end 
1 1 2QEF A 1 ? 12 ? 2QEF 1 ? 12 ? 1 12 
2 1 2QEF B 1 ? 12 ? 2QEF 1 ? 12 ? 1 12 
# 
loop_
_chem_comp.id 
_chem_comp.type 
_chem_comp.mon_nstd_flag 
_chem_comp.name 
_chem_comp.pdbx_synonyms 
_chem_comp.formula 
_chem_comp.formula_weight 
7GU 'DNA linking' n "7-DEAZA-2'-DEOXYGUANOSINE-5'-MONOPHOSPHATE"         ? 'C11 H15 N4 O7 P' 346.233 
DA  'DNA linking' y "2'-DEOXYADENOSINE-5'-MONOPHOSPHATE"                 ? 'C10 H14 N5 O6 P' 331.222 
DC  'DNA linking' y "2'-DEOXYCYTIDINE-5'-MONOPHOSPHATE"                  ? 'C9 H14 N3 O7 P'  307.197 
DG  'DNA linking' y "2'-DEOXYGUANOSINE-5'-MONOPHOSPHATE"                 ? 'C10 H14 N5 O7 P' 347.221 
DT  'DNA linking' y "THYMIDINE-5'-MONOPHOSPHATE"                         ? 'C10 H15 N2 O8 P' 322.208 
HOH non-polymer   . WATER                                                ? 'H2 O'            18.015  
ZDU 'DNA linking' n "5-(3-AMINOPROPYL)-2'-DEOXYURIDINE-5'-MONOPHOSPHATE" ? 'C12 H20 N3 O8 P' 365.276 
# 
_exptl.entry_id          2QEF 
_exptl.method            'X-RAY DIFFRACTION' 
_exptl.crystals_number   1 
# 
_exptl_crystal.id                    1 
_exptl_crystal.density_meas          ? 
_exptl_crystal.density_Matthews      2.21 
_exptl_crystal.density_percent_sol   44.28 
_exptl_crystal.description           ? 
_exptl_crystal.F_000                 ? 
_exptl_crystal.preparation           ? 
# 
_exptl_crystal_grow.crystal_id      1 
_exptl_crystal_grow.method          'VAPOR DIFFUSION, HANGING DROP' 
_exptl_crystal_grow.temp            291 
_exptl_crystal_grow.temp_details    ? 
_exptl_crystal_grow.pH              6.0 
_exptl_crystal_grow.pdbx_details    
;Final droplets contain 0.6 mM oligonucleotides, 5% MPD, 20 mM sodium cacodylate, 6 mM spermine tetrahydrochloride, 40 mM KCl and 10 mM MgCl2., pH 6.0, VAPOR DIFFUSION, HANGING DROP, temperature 291K
;
_exptl_crystal_grow.pdbx_pH_range   . 
# 
loop_
_exptl_crystal_grow_comp.crystal_id 
_exptl_crystal_grow_comp.id 
_exptl_crystal_grow_comp.sol_id 
_exptl_crystal_grow_comp.name 
_exptl_crystal_grow_comp.volume 
_exptl_crystal_grow_comp.conc 
_exptl_crystal_grow_comp.details 
1 1  1 MPD                           ? ? ? 
1 2  1 'sodium cacodylate'           ? ? ? 
1 3  1 'spermine tetrahydrochloride' ? ? ? 
1 4  1 KCl                           ? ? ? 
1 5  1 MgCl2                         ? ? ? 
1 6  2 MPD                           ? ? ? 
1 7  2 'sodium cacodylate'           ? ? ? 
1 8  2 'spermine tetrahydrochloride' ? ? ? 
1 9  2 KCl                           ? ? ? 
1 10 2 MgCl2                         ? ? ? 
# 
_diffrn.id                     1 
_diffrn.ambient_temp           100 
_diffrn.ambient_temp_details   ? 
_diffrn.crystal_id             1 
# 
_diffrn_detector.diffrn_id              1 
_diffrn_detector.detector               CCD 
_diffrn_detector.type                   'MAR CCD 165 mm' 
_diffrn_detector.pdbx_collection_date   2007-04-18 
_diffrn_detector.details                ? 
# 
_diffrn_radiation.diffrn_id                        1 
_diffrn_radiation.wavelength_id                    1 
_diffrn_radiation.pdbx_monochromatic_or_laue_m_l   M 
_diffrn_radiation.monochromator                    ? 
_diffrn_radiation.pdbx_diffrn_protocol             'SINGLE WAVELENGTH' 
_diffrn_radiation.pdbx_scattering_type             x-ray 
# 
_diffrn_radiation_wavelength.id           1 
_diffrn_radiation_wavelength.wavelength   1 
_diffrn_radiation_wavelength.wt           1.0 
# 
_diffrn_source.diffrn_id                   1 
_diffrn_source.source                      SYNCHROTRON 
_diffrn_source.type                        'APS BEAMLINE 22-ID' 
_diffrn_source.pdbx_synchrotron_site       APS 
_diffrn_source.pdbx_synchrotron_beamline   22-ID 
_diffrn_source.pdbx_wavelength             ? 
_diffrn_source.pdbx_wavelength_list        1 
# 
_reflns.entry_id                     2QEF 
_reflns.observed_criterion_sigma_F   0 
_reflns.observed_criterion_sigma_I   0 
_reflns.d_resolution_high            1.6 
_reflns.d_resolution_low             34.94 
_reflns.number_all                   9574 
_reflns.number_obs                   8368 
_reflns.percent_possible_obs         93 
_reflns.pdbx_Rmerge_I_obs            0.067 
_reflns.pdbx_Rsym_value              ? 
_reflns.pdbx_netI_over_sigmaI        ? 
_reflns.B_iso_Wilson_estimate        ? 
_reflns.pdbx_redundancy              8.5 
_reflns.R_free_details               ? 
_reflns.pdbx_chi_squared             ? 
_reflns.pdbx_scaling_rejects         ? 
_reflns.pdbx_diffrn_id               1 
_reflns.pdbx_ordinal                 1 
# 
_reflns_shell.d_res_high             1.60 
_reflns_shell.d_res_low              1.68 
_reflns_shell.percent_possible_all   62.1 
_reflns_shell.Rmerge_I_obs           0.133 
_reflns_shell.pdbx_Rsym_value        ? 
_reflns_shell.meanI_over_sigI_obs    ? 
_reflns_shell.pdbx_redundancy        4.1 
_reflns_shell.percent_possible_obs   ? 
_reflns_shell.number_unique_all      821 
_reflns_shell.number_measured_all    ? 
_reflns_shell.number_measured_obs    ? 
_reflns_shell.number_unique_obs      ? 
_reflns_shell.pdbx_chi_squared       ? 
_reflns_shell.pdbx_diffrn_id         ? 
_reflns_shell.pdbx_ordinal           1 
# 
_refine.entry_id                                 2QEF 
_refine.ls_number_reflns_obs                     8368 
_refine.ls_number_reflns_all                     9574 
_refine.pdbx_ls_sigma_I                          2.0 
_refine.pdbx_ls_sigma_F                          2.0 
_refine.pdbx_data_cutoff_high_absF               ? 
_refine.pdbx_data_cutoff_low_absF                ? 
_refine.pdbx_data_cutoff_high_rms_absF           ? 
_refine.ls_d_res_low                             34.94 
_refine.ls_d_res_high                            1.60 
_refine.ls_percent_reflns_obs                    93.38 
_refine.ls_R_factor_obs                          0.18112 
_refine.ls_R_factor_all                          0.18365 
_refine.ls_R_factor_R_work                       0.18112 
_refine.ls_R_factor_R_free                       0.23114 
_refine.ls_R_factor_R_free_error                 ? 
_refine.ls_R_factor_R_free_error_details         ? 
_refine.ls_percent_reflns_R_free                 5.6 
_refine.ls_number_reflns_R_free                  497 
_refine.ls_number_parameters                     ? 
_refine.ls_number_restraints                     ? 
_refine.occupancy_min                            ? 
_refine.occupancy_max                            ? 
_refine.correlation_coeff_Fo_to_Fc               0.965 
_refine.correlation_coeff_Fo_to_Fc_free          0.953 
_refine.B_iso_mean                               29.313 
_refine.aniso_B[1][1]                            1.23 
_refine.aniso_B[2][2]                            -0.44 
_refine.aniso_B[3][3]                            -0.79 
_refine.aniso_B[1][2]                            0.00 
_refine.aniso_B[1][3]                            0.00 
_refine.aniso_B[2][3]                            0.00 
_refine.solvent_model_details                    'BABINET MODEL WITH MASK' 
_refine.solvent_model_param_ksol                 ? 
_refine.solvent_model_param_bsol                 ? 
_refine.pdbx_solvent_vdw_probe_radii             1.20 
_refine.pdbx_solvent_ion_probe_radii             0.80 
_refine.pdbx_solvent_shrinkage_radii             0.80 
_refine.pdbx_ls_cross_valid_method               THROUGHOUT 
_refine.details                                  'HYDROGENS HAVE BEEN ADDED IN THE RIDING POSITIONS' 
_refine.pdbx_starting_model                      355D 
_refine.pdbx_method_to_determine_struct          'MOLECULAR REPLACEMENT' 
_refine.pdbx_isotropic_thermal_model             ? 
_refine.pdbx_stereochemistry_target_values       'MAXIMUM LIKELIHOOD' 
_refine.pdbx_stereochem_target_val_spec_case     ? 
_refine.pdbx_R_Free_selection_details            RANDOM 
_refine.pdbx_overall_ESU_R_Free                  0.103 
_refine.overall_SU_ML                            0.067 
_refine.overall_SU_B                             4.317 
_refine.ls_redundancy_reflns_obs                 ? 
_refine.overall_SU_R_Cruickshank_DPI             ? 
_refine.overall_SU_R_free                        ? 
_refine.ls_wR_factor_R_free                      ? 
_refine.ls_wR_factor_R_work                      ? 
_refine.overall_FOM_free_R_set                   ? 
_refine.overall_FOM_work_R_set                   ? 
_refine.pdbx_overall_phase_error                 ? 
_refine.pdbx_refine_id                           'X-RAY DIFFRACTION' 
_refine.pdbx_overall_ESU_R                       0.134 
_refine.pdbx_diffrn_id                           1 
_refine.pdbx_TLS_residual_ADP_flag               ? 
_refine.pdbx_overall_SU_R_free_Cruickshank_DPI   ? 
_refine.pdbx_overall_SU_R_Blow_DPI               ? 
_refine.pdbx_overall_SU_R_free_Blow_DPI          ? 
# 
_refine_hist.pdbx_refine_id                   'X-RAY DIFFRACTION' 
_refine_hist.cycle_id                         LAST 
_refine_hist.pdbx_number_atoms_protein        0 
_refine_hist.pdbx_number_atoms_nucleic_acid   492 
_refine_hist.pdbx_number_atoms_ligand         0 
_refine_hist.number_atoms_solvent             96 
_refine_hist.number_atoms_total               588 
_refine_hist.d_res_high                       1.60 
_refine_hist.d_res_low                        34.94 
# 
loop_
_refine_ls_restr.type 
_refine_ls_restr.dev_ideal 
_refine_ls_restr.dev_ideal_target 
_refine_ls_restr.weight 
_refine_ls_restr.number 
_refine_ls_restr.pdbx_refine_id 
_refine_ls_restr.pdbx_restraint_function 
r_bond_refined_d         0.006 0.021 ? 546 'X-RAY DIFFRACTION' ? 
r_bond_other_d           0.002 0.020 ? 238 'X-RAY DIFFRACTION' ? 
r_angle_refined_deg      1.596 3.000 ? 822 'X-RAY DIFFRACTION' ? 
r_angle_other_deg        1.096 3.000 ? 596 'X-RAY DIFFRACTION' ? 
r_chiral_restr           0.064 0.200 ? 94  'X-RAY DIFFRACTION' ? 
r_gen_planes_refined     0.024 0.020 ? 248 'X-RAY DIFFRACTION' ? 
r_nbd_refined            0.526 0.200 ? 76  'X-RAY DIFFRACTION' ? 
r_nbd_other              0.251 0.200 ? 261 'X-RAY DIFFRACTION' ? 
r_nbtor_refined          0.249 0.200 ? 189 'X-RAY DIFFRACTION' ? 
r_nbtor_other            0.081 0.200 ? 128 'X-RAY DIFFRACTION' ? 
r_xyhbond_nbd_refined    0.174 0.200 ? 60  'X-RAY DIFFRACTION' ? 
r_symmetry_vdw_refined   0.008 0.200 ? 1   'X-RAY DIFFRACTION' ? 
r_symmetry_vdw_other     0.136 0.200 ? 17  'X-RAY DIFFRACTION' ? 
r_symmetry_hbond_refined 0.180 0.200 ? 5   'X-RAY DIFFRACTION' ? 
r_scbond_it              3.735 3.000 ? 786 'X-RAY DIFFRACTION' ? 
r_scangle_it             4.893 4.500 ? 822 'X-RAY DIFFRACTION' ? 
# 
_refine_ls_shell.pdbx_total_number_of_bins_used   20 
_refine_ls_shell.d_res_high                       1.600 
_refine_ls_shell.d_res_low                        1.641 
_refine_ls_shell.number_reflns_R_work             336 
_refine_ls_shell.R_factor_R_work                  0.162 
_refine_ls_shell.percent_reflns_obs               52.94 
_refine_ls_shell.R_factor_R_free                  0.23 
_refine_ls_shell.R_factor_R_free_error            ? 
_refine_ls_shell.percent_reflns_R_free            ? 
_refine_ls_shell.number_reflns_R_free             24 
_refine_ls_shell.number_reflns_all                ? 
_refine_ls_shell.R_factor_all                     ? 
_refine_ls_shell.number_reflns_obs                ? 
_refine_ls_shell.redundancy_reflns_obs            ? 
_refine_ls_shell.pdbx_refine_id                   'X-RAY DIFFRACTION' 
# 
_struct.entry_id                  2QEF 
_struct.title                     'X-ray structure of 7-deaza-dG and Z3dU modified duplex CGCGAATXCZCG' 
_struct.pdbx_model_details        ? 
_struct.pdbx_CASP_flag            ? 
_struct.pdbx_model_type_details   ? 
# 
_struct_keywords.entry_id        2QEF 
_struct_keywords.pdbx_keywords   DNA 
_struct_keywords.text            'B-DNA, Z3dU, 7-deaza-dG, DNA' 
# 
loop_
_struct_asym.id 
_struct_asym.pdbx_blank_PDB_chainid_flag 
_struct_asym.pdbx_modified 
_struct_asym.entity_id 
_struct_asym.details 
A N N 1 ? 
B N N 1 ? 
C N N 2 ? 
D N N 2 ? 
# 
_struct_biol.id        1 
_struct_biol.details   ? 
# 
loop_
_struct_conn.id 
_struct_conn.conn_type_id 
_struct_conn.pdbx_leaving_atom_flag 
_struct_conn.pdbx_PDB_id 
_struct_conn.ptnr1_label_asym_id 
_struct_conn.ptnr1_label_comp_id 
_struct_conn.ptnr1_label_seq_id 
_struct_conn.ptnr1_label_atom_id 
_struct_conn.pdbx_ptnr1_label_alt_id 
_struct_conn.pdbx_ptnr1_PDB_ins_code 
_struct_conn.pdbx_ptnr1_standard_comp_id 
_struct_conn.ptnr1_symmetry 
_struct_conn.ptnr2_label_asym_id 
_struct_conn.ptnr2_label_comp_id 
_struct_conn.ptnr2_label_seq_id 
_struct_conn.ptnr2_label_atom_id 
_struct_conn.pdbx_ptnr2_label_alt_id 
_struct_conn.pdbx_ptnr2_PDB_ins_code 
_struct_conn.ptnr1_auth_asym_id 
_struct_conn.ptnr1_auth_comp_id 
_struct_conn.ptnr1_auth_seq_id 
_struct_conn.ptnr2_auth_asym_id 
_struct_conn.ptnr2_auth_comp_id 
_struct_conn.ptnr2_auth_seq_id 
_struct_conn.ptnr2_symmetry 
_struct_conn.pdbx_ptnr3_label_atom_id 
_struct_conn.pdbx_ptnr3_label_seq_id 
_struct_conn.pdbx_ptnr3_label_comp_id 
_struct_conn.pdbx_ptnr3_label_asym_id 
_struct_conn.pdbx_ptnr3_label_alt_id 
_struct_conn.pdbx_ptnr3_PDB_ins_code 
_struct_conn.details 
_struct_conn.pdbx_dist_value 
_struct_conn.pdbx_value_order 
_struct_conn.pdbx_role 
covale1  covale both ? A DT  7  "O3'" ? ? ? 1_555 A ZDU 8  P  ? ? A DT  7  A ZDU 8  1_555 ? ? ? ? ? ? ?            1.591 ? ? 
covale2  covale both ? A ZDU 8  "O3'" ? ? ? 1_555 A DC  9  P  ? ? A ZDU 8  A DC  9  1_555 ? ? ? ? ? ? ?            1.634 ? ? 
covale3  covale both ? A DC  9  "O3'" ? ? ? 1_555 A 7GU 10 P  ? ? A DC  9  A 7GU 10 1_555 ? ? ? ? ? ? ?            1.594 ? ? 
covale4  covale both ? A 7GU 10 "O3'" ? ? ? 1_555 A DC  11 P  ? ? A 7GU 10 A DC  11 1_555 ? ? ? ? ? ? ?            1.632 ? ? 
covale5  covale both ? B DT  7  "O3'" ? ? ? 1_555 B ZDU 8  P  ? ? B DT  7  B ZDU 8  1_555 ? ? ? ? ? ? ?            1.600 ? ? 
covale6  covale both ? B ZDU 8  "O3'" ? ? ? 1_555 B DC  9  P  ? ? B ZDU 8  B DC  9  1_555 ? ? ? ? ? ? ?            1.537 ? ? 
covale7  covale both ? B DC  9  "O3'" ? ? ? 1_555 B 7GU 10 P  ? ? B DC  9  B 7GU 10 1_555 ? ? ? ? ? ? ?            1.595 ? ? 
covale8  covale both ? B 7GU 10 "O3'" ? ? ? 1_555 B DC  11 P  ? ? B 7GU 10 B DC  11 1_555 ? ? ? ? ? ? ?            1.649 ? ? 
hydrog1  hydrog ?    ? A DC  1  N3    ? ? ? 1_555 B DG  12 N1 ? ? A DC  1  B DG  12 1_555 ? ? ? ? ? ? WATSON-CRICK ?     ? ? 
hydrog2  hydrog ?    ? A DC  1  N4    ? ? ? 1_555 B DG  12 O6 ? ? A DC  1  B DG  12 1_555 ? ? ? ? ? ? WATSON-CRICK ?     ? ? 
hydrog3  hydrog ?    ? A DC  1  O2    ? ? ? 1_555 B DG  12 N2 ? ? A DC  1  B DG  12 1_555 ? ? ? ? ? ? WATSON-CRICK ?     ? ? 
hydrog4  hydrog ?    ? A DG  2  N1    ? ? ? 1_555 B DC  11 N3 ? ? A DG  2  B DC  11 1_555 ? ? ? ? ? ? WATSON-CRICK ?     ? ? 
hydrog5  hydrog ?    ? A DG  2  N2    ? ? ? 1_555 B DC  11 O2 ? ? A DG  2  B DC  11 1_555 ? ? ? ? ? ? WATSON-CRICK ?     ? ? 
hydrog6  hydrog ?    ? A DG  2  O6    ? ? ? 1_555 B DC  11 N4 ? ? A DG  2  B DC  11 1_555 ? ? ? ? ? ? WATSON-CRICK ?     ? ? 
hydrog7  hydrog ?    ? A DC  3  N3    ? ? ? 1_555 B 7GU 10 N1 ? ? A DC  3  B 7GU 10 1_555 ? ? ? ? ? ? WATSON-CRICK ?     ? ? 
hydrog8  hydrog ?    ? A DC  3  N4    ? ? ? 1_555 B 7GU 10 O6 ? ? A DC  3  B 7GU 10 1_555 ? ? ? ? ? ? WATSON-CRICK ?     ? ? 
hydrog9  hydrog ?    ? A DC  3  O2    ? ? ? 1_555 B 7GU 10 N2 ? ? A DC  3  B 7GU 10 1_555 ? ? ? ? ? ? WATSON-CRICK ?     ? ? 
hydrog10 hydrog ?    ? A DG  4  N1    ? ? ? 1_555 B DC  9  N3 ? ? A DG  4  B DC  9  1_555 ? ? ? ? ? ? WATSON-CRICK ?     ? ? 
hydrog11 hydrog ?    ? A DG  4  N2    ? ? ? 1_555 B DC  9  O2 ? ? A DG  4  B DC  9  1_555 ? ? ? ? ? ? WATSON-CRICK ?     ? ? 
hydrog12 hydrog ?    ? A DG  4  O6    ? ? ? 1_555 B DC  9  N4 ? ? A DG  4  B DC  9  1_555 ? ? ? ? ? ? WATSON-CRICK ?     ? ? 
hydrog13 hydrog ?    ? A DA  5  N1    ? ? ? 1_555 B ZDU 8  N3 ? ? A DA  5  B ZDU 8  1_555 ? ? ? ? ? ? WATSON-CRICK ?     ? ? 
hydrog14 hydrog ?    ? A DA  5  N6    ? ? ? 1_555 B ZDU 8  O4 ? ? A DA  5  B ZDU 8  1_555 ? ? ? ? ? ? WATSON-CRICK ?     ? ? 
hydrog15 hydrog ?    ? A DA  6  N1    ? ? ? 1_555 B DT  7  N3 ? ? A DA  6  B DT  7  1_555 ? ? ? ? ? ? WATSON-CRICK ?     ? ? 
hydrog16 hydrog ?    ? A DA  6  N6    ? ? ? 1_555 B DT  7  O4 ? ? A DA  6  B DT  7  1_555 ? ? ? ? ? ? WATSON-CRICK ?     ? ? 
hydrog17 hydrog ?    ? A DT  7  N3    ? ? ? 1_555 B DA  6  N1 ? ? A DT  7  B DA  6  1_555 ? ? ? ? ? ? WATSON-CRICK ?     ? ? 
hydrog18 hydrog ?    ? A DT  7  O4    ? ? ? 1_555 B DA  6  N6 ? ? A DT  7  B DA  6  1_555 ? ? ? ? ? ? WATSON-CRICK ?     ? ? 
hydrog19 hydrog ?    ? A ZDU 8  N3    ? ? ? 1_555 B DA  5  N1 ? ? A ZDU 8  B DA  5  1_555 ? ? ? ? ? ? WATSON-CRICK ?     ? ? 
hydrog20 hydrog ?    ? A ZDU 8  O4    ? ? ? 1_555 B DA  5  N6 ? ? A ZDU 8  B DA  5  1_555 ? ? ? ? ? ? WATSON-CRICK ?     ? ? 
hydrog21 hydrog ?    ? A DC  9  N3    ? ? ? 1_555 B DG  4  N1 ? ? A DC  9  B DG  4  1_555 ? ? ? ? ? ? WATSON-CRICK ?     ? ? 
hydrog22 hydrog ?    ? A DC  9  N4    ? ? ? 1_555 B DG  4  O6 ? ? A DC  9  B DG  4  1_555 ? ? ? ? ? ? WATSON-CRICK ?     ? ? 
hydrog23 hydrog ?    ? A DC  9  O2    ? ? ? 1_555 B DG  4  N2 ? ? A DC  9  B DG  4  1_555 ? ? ? ? ? ? WATSON-CRICK ?     ? ? 
hydrog24 hydrog ?    ? A 7GU 10 N1    ? ? ? 1_555 B DC  3  N3 ? ? A 7GU 10 B DC  3  1_555 ? ? ? ? ? ? WATSON-CRICK ?     ? ? 
hydrog25 hydrog ?    ? A 7GU 10 N2    ? ? ? 1_555 B DC  3  O2 ? ? A 7GU 10 B DC  3  1_555 ? ? ? ? ? ? WATSON-CRICK ?     ? ? 
hydrog26 hydrog ?    ? A 7GU 10 O6    ? ? ? 1_555 B DC  3  N4 ? ? A 7GU 10 B DC  3  1_555 ? ? ? ? ? ? WATSON-CRICK ?     ? ? 
hydrog27 hydrog ?    ? A DC  11 N3    ? ? ? 1_555 B DG  2  N1 ? ? A DC  11 B DG  2  1_555 ? ? ? ? ? ? WATSON-CRICK ?     ? ? 
hydrog28 hydrog ?    ? A DC  11 N4    ? ? ? 1_555 B DG  2  O6 ? ? A DC  11 B DG  2  1_555 ? ? ? ? ? ? WATSON-CRICK ?     ? ? 
hydrog29 hydrog ?    ? A DC  11 O2    ? ? ? 1_555 B DG  2  N2 ? ? A DC  11 B DG  2  1_555 ? ? ? ? ? ? WATSON-CRICK ?     ? ? 
hydrog30 hydrog ?    ? A DG  12 N1    ? ? ? 1_555 B DC  1  N3 ? ? A DG  12 B DC  1  1_555 ? ? ? ? ? ? WATSON-CRICK ?     ? ? 
hydrog31 hydrog ?    ? A DG  12 N2    ? ? ? 1_555 B DC  1  O2 ? ? A DG  12 B DC  1  1_555 ? ? ? ? ? ? WATSON-CRICK ?     ? ? 
hydrog32 hydrog ?    ? A DG  12 O6    ? ? ? 1_555 B DC  1  N4 ? ? A DG  12 B DC  1  1_555 ? ? ? ? ? ? WATSON-CRICK ?     ? ? 
# 
loop_
_struct_conn_type.id 
_struct_conn_type.criteria 
_struct_conn_type.reference 
covale ? ? 
hydrog ? ? 
# 
_atom_sites.entry_id                    2QEF 
_atom_sites.fract_transf_matrix[1][1]   -0.02387624 
_atom_sites.fract_transf_matrix[1][2]   -0.01873978 
_atom_sites.fract_transf_matrix[1][3]   -0.02640148 
_atom_sites.fract_transf_matrix[2][1]   -0.01847391 
_atom_sites.fract_transf_matrix[2][2]   0.01452657 
_atom_sites.fract_transf_matrix[2][3]   0.00639596 
_atom_sites.fract_transf_matrix[3][1]   0.00403976 
_atom_sites.fract_transf_matrix[3][2]   0.00981272 
_atom_sites.fract_transf_matrix[3][3]   -0.01061843 
_atom_sites.fract_transf_vector[1]      0.600531 
_atom_sites.fract_transf_vector[2]      0.503648 
_atom_sites.fract_transf_vector[3]      0.139746 
# 
loop_
_atom_type.symbol 
C 
N 
O 
P 
# 
loop_
_atom_site.group_PDB 
_atom_site.id 
_atom_site.type_symbol 
_atom_site.label_atom_id 
_atom_site.label_alt_id 
_atom_site.label_comp_id 
_atom_site.label_asym_id 
_atom_site.label_entity_id 
_atom_site.label_seq_id 
_atom_site.pdbx_PDB_ins_code 
_atom_site.Cartn_x 
_atom_site.Cartn_y 
_atom_site.Cartn_z 
_atom_site.occupancy 
_atom_site.B_iso_or_equiv 
_atom_site.pdbx_formal_charge 
_atom_site.auth_seq_id 
_atom_site.auth_comp_id 
_atom_site.auth_asym_id 
_atom_site.auth_atom_id 
_atom_site.pdbx_PDB_model_num 
ATOM   1   O "O5'" . DC  A 1 1  ? -9.511  15.000  -9.238  1.00 46.87  ? 1  DC  A "O5'" 1 
ATOM   2   C "C5'" . DC  A 1 1  ? -8.095  15.078  -9.358  1.00 42.87  ? 1  DC  A "C5'" 1 
ATOM   3   C "C4'" . DC  A 1 1  ? -7.519  13.853  -10.055 1.00 41.53  ? 1  DC  A "C4'" 1 
ATOM   4   O "O4'" . DC  A 1 1  ? -6.202  14.209  -10.558 1.00 38.27  ? 1  DC  A "O4'" 1 
ATOM   5   C "C3'" . DC  A 1 1  ? -7.299  12.616  -9.182  1.00 42.64  ? 1  DC  A "C3'" 1 
ATOM   6   O "O3'" . DC  A 1 1  ? -7.408  11.412  -9.921  1.00 45.55  ? 1  DC  A "O3'" 1 
ATOM   7   C "C2'" . DC  A 1 1  ? -5.859  12.784  -8.750  1.00 37.92  ? 1  DC  A "C2'" 1 
ATOM   8   C "C1'" . DC  A 1 1  ? -5.272  13.261  -10.074 1.00 38.01  ? 1  DC  A "C1'" 1 
ATOM   9   N N1    . DC  A 1 1  ? -3.931  13.845  -9.898  1.00 35.55  ? 1  DC  A N1    1 
ATOM   10  C C2    . DC  A 1 1  ? -2.903  13.540  -10.805 1.00 33.18  ? 1  DC  A C2    1 
ATOM   11  O O2    . DC  A 1 1  ? -3.156  12.870  -11.809 1.00 33.27  ? 1  DC  A O2    1 
ATOM   12  N N3    . DC  A 1 1  ? -1.660  14.011  -10.571 1.00 31.21  ? 1  DC  A N3    1 
ATOM   13  C C4    . DC  A 1 1  ? -1.419  14.725  -9.471  1.00 36.84  ? 1  DC  A C4    1 
ATOM   14  N N4    . DC  A 1 1  ? -0.175  15.167  -9.259  1.00 39.06  ? 1  DC  A N4    1 
ATOM   15  C C5    . DC  A 1 1  ? -2.445  15.016  -8.530  1.00 37.37  ? 1  DC  A C5    1 
ATOM   16  C C6    . DC  A 1 1  ? -3.673  14.567  -8.772  1.00 36.22  ? 1  DC  A C6    1 
ATOM   17  P P     . DG  A 1 2  ? -8.187  10.129  -9.361  1.00 47.68  ? 2  DG  A P     1 
ATOM   18  O OP1   . DG  A 1 2  ? -9.617  10.503  -9.306  1.00 49.75  ? 2  DG  A OP1   1 
ATOM   19  O OP2   . DG  A 1 2  ? -7.518  9.562   -8.160  1.00 44.86  ? 2  DG  A OP2   1 
ATOM   20  O "O5'" . DG  A 1 2  ? -7.923  9.099   -10.563 1.00 47.05  ? 2  DG  A "O5'" 1 
ATOM   21  C "C5'" . DG  A 1 2  ? -7.920  9.546   -11.930 1.00 45.53  ? 2  DG  A "C5'" 1 
ATOM   22  C "C4'" . DG  A 1 2  ? -6.887  8.813   -12.782 1.00 44.12  ? 2  DG  A "C4'" 1 
ATOM   23  O "O4'" . DG  A 1 2  ? -5.593  9.478   -12.686 1.00 40.15  ? 2  DG  A "O4'" 1 
ATOM   24  C "C3'" . DG  A 1 2  ? -6.657  7.355   -12.390 1.00 44.34  ? 2  DG  A "C3'" 1 
ATOM   25  O "O3'" . DG  A 1 2  ? -6.578  6.491   -13.513 1.00 48.91  ? 2  DG  A "O3'" 1 
ATOM   26  C "C2'" . DG  A 1 2  ? -5.335  7.374   -11.648 1.00 39.84  ? 2  DG  A "C2'" 1 
ATOM   27  C "C1'" . DG  A 1 2  ? -4.597  8.542   -12.285 1.00 38.15  ? 2  DG  A "C1'" 1 
ATOM   28  N N9    . DG  A 1 2  ? -3.687  9.200   -11.350 1.00 33.62  ? 2  DG  A N9    1 
ATOM   29  C C8    . DG  A 1 2  ? -4.058  9.830   -10.185 1.00 32.85  ? 2  DG  A C8    1 
ATOM   30  N N7    . DG  A 1 2  ? -3.061  10.335  -9.525  1.00 34.48  ? 2  DG  A N7    1 
ATOM   31  C C5    . DG  A 1 2  ? -1.954  10.036  -10.307 1.00 30.97  ? 2  DG  A C5    1 
ATOM   32  C C6    . DG  A 1 2  ? -0.591  10.359  -10.103 1.00 33.13  ? 2  DG  A C6    1 
ATOM   33  O O6    . DG  A 1 2  ? -0.094  11.001  -9.165  1.00 33.76  ? 2  DG  A O6    1 
ATOM   34  N N1    . DG  A 1 2  ? 0.227   9.847   -11.107 1.00 31.70  ? 2  DG  A N1    1 
ATOM   35  C C2    . DG  A 1 2  ? -0.224  9.151   -12.199 1.00 32.10  ? 2  DG  A C2    1 
ATOM   36  N N2    . DG  A 1 2  ? 0.720   8.752   -13.067 1.00 29.69  ? 2  DG  A N2    1 
ATOM   37  N N3    . DG  A 1 2  ? -1.500  8.841   -12.403 1.00 31.61  ? 2  DG  A N3    1 
ATOM   38  C C4    . DG  A 1 2  ? -2.313  9.329   -11.432 1.00 34.13  ? 2  DG  A C4    1 
ATOM   39  P P     . DC  A 1 3  ? -6.695  4.901   -13.328 1.00 53.35  ? 3  DC  A P     1 
ATOM   40  O OP1   . DC  A 1 3  ? -7.270  4.394   -14.592 1.00 55.53  ? 3  DC  A OP1   1 
ATOM   41  O OP2   . DC  A 1 3  ? -7.321  4.587   -12.023 1.00 51.62  ? 3  DC  A OP2   1 
ATOM   42  O "O5'" . DC  A 1 3  ? -5.184  4.406   -13.205 1.00 45.89  ? 3  DC  A "O5'" 1 
ATOM   43  C "C5'" . DC  A 1 3  ? -4.338  4.503   -14.321 1.00 39.07  ? 3  DC  A "C5'" 1 
ATOM   44  C "C4'" . DC  A 1 3  ? -2.920  4.253   -13.883 1.00 35.82  ? 3  DC  A "C4'" 1 
ATOM   45  O "O4'" . DC  A 1 3  ? -2.530  5.303   -12.984 1.00 31.13  ? 3  DC  A "O4'" 1 
ATOM   46  C "C3'" . DC  A 1 3  ? -2.739  2.972   -13.085 1.00 35.73  ? 3  DC  A "C3'" 1 
ATOM   47  O "O3'" . DC  A 1 3  ? -2.379  1.927   -13.941 1.00 38.13  ? 3  DC  A "O3'" 1 
ATOM   48  C "C2'" . DC  A 1 3  ? -1.649  3.307   -12.078 1.00 35.30  ? 3  DC  A "C2'" 1 
ATOM   49  C "C1'" . DC  A 1 3  ? -1.440  4.813   -12.234 1.00 33.38  ? 3  DC  A "C1'" 1 
ATOM   50  N N1    . DC  A 1 3  ? -1.445  5.558   -10.963 1.00 30.40  ? 3  DC  A N1    1 
ATOM   51  C C2    . DC  A 1 3  ? -0.257  6.105   -10.491 1.00 28.13  ? 3  DC  A C2    1 
ATOM   52  O O2    . DC  A 1 3  ? 0.776   5.911   -11.137 1.00 30.75  ? 3  DC  A O2    1 
ATOM   53  N N3    . DC  A 1 3  ? -0.297  6.857   -9.362  1.00 27.96  ? 3  DC  A N3    1 
ATOM   54  C C4    . DC  A 1 3  ? -1.457  7.040   -8.726  1.00 31.17  ? 3  DC  A C4    1 
ATOM   55  N N4    . DC  A 1 3  ? -1.464  7.794   -7.627  1.00 30.61  ? 3  DC  A N4    1 
ATOM   56  C C5    . DC  A 1 3  ? -2.673  6.444   -9.171  1.00 30.41  ? 3  DC  A C5    1 
ATOM   57  C C6    . DC  A 1 3  ? -2.623  5.722   -10.291 1.00 30.03  ? 3  DC  A C6    1 
ATOM   58  P P     . DG  A 1 4  ? -2.272  0.430   -13.376 1.00 41.21  ? 4  DG  A P     1 
ATOM   59  O OP1   . DG  A 1 4  ? -2.451  -0.491  -14.512 1.00 45.10  ? 4  DG  A OP1   1 
ATOM   60  O OP2   . DG  A 1 4  ? -3.106  0.285   -12.165 1.00 44.82  ? 4  DG  A OP2   1 
ATOM   61  O "O5'" . DG  A 1 4  ? -0.754  0.361   -12.885 1.00 40.34  ? 4  DG  A "O5'" 1 
ATOM   62  C "C5'" . DG  A 1 4  ? 0.321   0.547   -13.786 1.00 38.72  ? 4  DG  A "C5'" 1 
ATOM   63  C "C4'" . DG  A 1 4  ? 1.607   0.351   -13.016 1.00 39.27  ? 4  DG  A "C4'" 1 
ATOM   64  O "O4'" . DG  A 1 4  ? 1.705   1.345   -11.963 1.00 37.11  ? 4  DG  A "O4'" 1 
ATOM   65  C "C3'" . DG  A 1 4  ? 1.702   -0.999  -12.318 1.00 38.19  ? 4  DG  A "C3'" 1 
ATOM   66  O "O3'" . DG  A 1 4  ? 3.047   -1.443  -12.383 1.00 40.68  ? 4  DG  A "O3'" 1 
ATOM   67  C "C2'" . DG  A 1 4  ? 1.212   -0.704  -10.906 1.00 35.42  ? 4  DG  A "C2'" 1 
ATOM   68  C "C1'" . DG  A 1 4  ? 1.711   0.726   -10.694 1.00 33.68  ? 4  DG  A "C1'" 1 
ATOM   69  N N9    . DG  A 1 4  ? 0.914   1.564   -9.800  1.00 31.22  ? 4  DG  A N9    1 
ATOM   70  C C8    . DG  A 1 4  ? -0.450  1.551   -9.621  1.00 30.44  ? 4  DG  A C8    1 
ATOM   71  N N7    . DG  A 1 4  ? -0.872  2.453   -8.781  1.00 30.65  ? 4  DG  A N7    1 
ATOM   72  C C5    . DG  A 1 4  ? 0.285   3.096   -8.358  1.00 29.40  ? 4  DG  A C5    1 
ATOM   73  C C6    . DG  A 1 4  ? 0.459   4.145   -7.419  1.00 28.21  ? 4  DG  A C6    1 
ATOM   74  O O6    . DG  A 1 4  ? -0.404  4.736   -6.751  1.00 31.57  ? 4  DG  A O6    1 
ATOM   75  N N1    . DG  A 1 4  ? 1.805   4.482   -7.264  1.00 30.23  ? 4  DG  A N1    1 
ATOM   76  C C2    . DG  A 1 4  ? 2.846   3.882   -7.921  1.00 29.59  ? 4  DG  A C2    1 
ATOM   77  N N2    . DG  A 1 4  ? 4.071   4.364   -7.657  1.00 29.57  ? 4  DG  A N2    1 
ATOM   78  N N3    . DG  A 1 4  ? 2.694   2.930   -8.837  1.00 30.69  ? 4  DG  A N3    1 
ATOM   79  C C4    . DG  A 1 4  ? 1.389   2.567   -8.983  1.00 29.10  ? 4  DG  A C4    1 
ATOM   80  P P     . DA  A 1 5  ? 3.475   -2.838  -11.744 1.00 45.64  ? 5  DA  A P     1 
ATOM   81  O OP1   . DA  A 1 5  ? 4.529   -3.399  -12.620 1.00 49.02  ? 5  DA  A OP1   1 
ATOM   82  O OP2   . DA  A 1 5  ? 2.247   -3.599  -11.396 1.00 46.85  ? 5  DA  A OP2   1 
ATOM   83  O "O5'" . DA  A 1 5  ? 4.152   -2.353  -10.385 1.00 42.83  ? 5  DA  A "O5'" 1 
ATOM   84  C "C5'" . DA  A 1 5  ? 5.186   -1.391  -10.469 1.00 39.96  ? 5  DA  A "C5'" 1 
ATOM   85  C "C4'" . DA  A 1 5  ? 5.611   -0.950  -9.093  1.00 38.62  ? 5  DA  A "C4'" 1 
ATOM   86  O "O4'" . DA  A 1 5  ? 4.584   -0.119  -8.514  1.00 36.30  ? 5  DA  A "O4'" 1 
ATOM   87  C "C3'" . DA  A 1 5  ? 5.858   -2.095  -8.122  1.00 39.18  ? 5  DA  A "C3'" 1 
ATOM   88  O "O3'" . DA  A 1 5  ? 7.090   -1.829  -7.501  1.00 43.48  ? 5  DA  A "O3'" 1 
ATOM   89  C "C2'" . DA  A 1 5  ? 4.673   -2.018  -7.169  1.00 37.61  ? 5  DA  A "C2'" 1 
ATOM   90  C "C1'" . DA  A 1 5  ? 4.382   -0.526  -7.177  1.00 33.66  ? 5  DA  A "C1'" 1 
ATOM   91  N N9    . DA  A 1 5  ? 3.030   -0.159  -6.777  1.00 32.53  ? 5  DA  A N9    1 
ATOM   92  C C8    . DA  A 1 5  ? 1.862   -0.744  -7.162  1.00 31.43  ? 5  DA  A C8    1 
ATOM   93  N N7    . DA  A 1 5  ? 0.794   -0.188  -6.650  1.00 31.91  ? 5  DA  A N7    1 
ATOM   94  C C5    . DA  A 1 5  ? 1.305   0.839   -5.874  1.00 29.36  ? 5  DA  A C5    1 
ATOM   95  C C6    . DA  A 1 5  ? 0.674   1.769   -5.033  1.00 30.97  ? 5  DA  A C6    1 
ATOM   96  N N6    . DA  A 1 5  ? -0.660  1.834   -4.904  1.00 29.80  ? 5  DA  A N6    1 
ATOM   97  N N1    . DA  A 1 5  ? 1.475   2.645   -4.372  1.00 29.91  ? 5  DA  A N1    1 
ATOM   98  C C2    . DA  A 1 5  ? 2.800   2.569   -4.541  1.00 31.97  ? 5  DA  A C2    1 
ATOM   99  N N3    . DA  A 1 5  ? 3.506   1.732   -5.297  1.00 32.72  ? 5  DA  A N3    1 
ATOM   100 C C4    . DA  A 1 5  ? 2.683   0.865   -5.924  1.00 31.28  ? 5  DA  A C4    1 
ATOM   101 P P     . DA  A 1 6  ? 7.776   -2.794  -6.443  1.00 44.73  ? 6  DA  A P     1 
ATOM   102 O OP1   . DA  A 1 6  ? 9.152   -3.022  -6.927  1.00 46.55  ? 6  DA  A OP1   1 
ATOM   103 O OP2   . DA  A 1 6  ? 6.863   -3.905  -6.093  1.00 45.17  ? 6  DA  A OP2   1 
ATOM   104 O "O5'" . DA  A 1 6  ? 7.875   -1.828  -5.191  1.00 41.22  ? 6  DA  A "O5'" 1 
ATOM   105 C "C5'" . DA  A 1 6  ? 8.537   -0.586  -5.341  1.00 38.09  ? 6  DA  A "C5'" 1 
ATOM   106 C "C4'" . DA  A 1 6  ? 8.401   0.190   -4.055  1.00 35.07  ? 6  DA  A "C4'" 1 
ATOM   107 O "O4'" . DA  A 1 6  ? 7.015   0.573   -3.844  1.00 32.96  ? 6  DA  A "O4'" 1 
ATOM   108 C "C3'" . DA  A 1 6  ? 8.821   -0.585  -2.816  1.00 33.12  ? 6  DA  A "C3'" 1 
ATOM   109 O "O3'" . DA  A 1 6  ? 9.546   0.316   -2.009  1.00 34.99  ? 6  DA  A "O3'" 1 
ATOM   110 C "C2'" . DA  A 1 6  ? 7.505   -1.038  -2.212  1.00 30.56  ? 6  DA  A "C2'" 1 
ATOM   111 C "C1'" . DA  A 1 6  ? 6.540   0.068   -2.606  1.00 31.12  ? 6  DA  A "C1'" 1 
ATOM   112 N N9    . DA  A 1 6  ? 5.154   -0.378  -2.794  1.00 28.84  ? 6  DA  A N9    1 
ATOM   113 C C8    . DA  A 1 6  ? 4.712   -1.408  -3.574  1.00 29.33  ? 6  DA  A C8    1 
ATOM   114 N N7    . DA  A 1 6  ? 3.408   -1.555  -3.584  1.00 28.57  ? 6  DA  A N7    1 
ATOM   115 C C5    . DA  A 1 6  ? 2.960   -0.542  -2.754  1.00 26.79  ? 6  DA  A C5    1 
ATOM   116 C C6    . DA  A 1 6  ? 1.672   -0.162  -2.334  1.00 28.99  ? 6  DA  A C6    1 
ATOM   117 N N6    . DA  A 1 6  ? 0.559   -0.766  -2.749  1.00 27.36  ? 6  DA  A N6    1 
ATOM   118 N N1    . DA  A 1 6  ? 1.566   0.879   -1.478  1.00 29.51  ? 6  DA  A N1    1 
ATOM   119 C C2    . DA  A 1 6  ? 2.676   1.509   -1.088  1.00 28.91  ? 6  DA  A C2    1 
ATOM   120 N N3    . DA  A 1 6  ? 3.940   1.246   -1.420  1.00 28.11  ? 6  DA  A N3    1 
ATOM   121 C C4    . DA  A 1 6  ? 4.018   0.190   -2.253  1.00 28.93  ? 6  DA  A C4    1 
ATOM   122 P P     . DT  A 1 7  ? 10.205  -0.104  -0.622  1.00 34.38  ? 7  DT  A P     1 
ATOM   123 O OP1   . DT  A 1 7  ? 11.359  0.796   -0.443  1.00 35.76  ? 7  DT  A OP1   1 
ATOM   124 O OP2   . DT  A 1 7  ? 10.305  -1.580  -0.529  1.00 33.81  ? 7  DT  A OP2   1 
ATOM   125 O "O5'" . DT  A 1 7  ? 9.054   0.331   0.386   1.00 34.09  ? 7  DT  A "O5'" 1 
ATOM   126 C "C5'" . DT  A 1 7  ? 8.714   1.695   0.486   1.00 32.30  ? 7  DT  A "C5'" 1 
ATOM   127 C "C4'" . DT  A 1 7  ? 7.517   1.859   1.392   1.00 32.93  ? 7  DT  A "C4'" 1 
ATOM   128 O "O4'" . DT  A 1 7  ? 6.360   1.147   0.887   1.00 29.65  ? 7  DT  A "O4'" 1 
ATOM   129 C "C3'" . DT  A 1 7  ? 7.749   1.330   2.794   1.00 32.64  ? 7  DT  A "C3'" 1 
ATOM   130 O "O3'" . DT  A 1 7  ? 7.560   2.411   3.671   1.00 38.53  ? 7  DT  A "O3'" 1 
ATOM   131 C "C2'" . DT  A 1 7  ? 6.714   0.227   2.972   1.00 33.02  ? 7  DT  A "C2'" 1 
ATOM   132 C "C1'" . DT  A 1 7  ? 5.641   0.650   1.995   1.00 31.57  ? 7  DT  A "C1'" 1 
ATOM   133 N N1    . DT  A 1 7  ? 4.765   -0.412  1.475   1.00 28.08  ? 7  DT  A N1    1 
ATOM   134 C C2    . DT  A 1 7  ? 3.405   -0.282  1.612   1.00 27.76  ? 7  DT  A C2    1 
ATOM   135 O O2    . DT  A 1 7  ? 2.867   0.574   2.289   1.00 29.79  ? 7  DT  A O2    1 
ATOM   136 N N3    . DT  A 1 7  ? 2.679   -1.281  1.031   1.00 26.53  ? 7  DT  A N3    1 
ATOM   137 C C4    . DT  A 1 7  ? 3.142   -2.319  0.258   1.00 28.01  ? 7  DT  A C4    1 
ATOM   138 O O4    . DT  A 1 7  ? 2.361   -3.112  -0.280  1.00 30.36  ? 7  DT  A O4    1 
ATOM   139 C C5    . DT  A 1 7  ? 4.577   -2.394  0.131   1.00 28.32  ? 7  DT  A C5    1 
ATOM   140 C C7    . DT  A 1 7  ? 5.205   -3.577  -0.544  1.00 30.85  ? 7  DT  A C7    1 
ATOM   141 C C6    . DT  A 1 7  ? 5.310   -1.444  0.724   1.00 27.99  ? 7  DT  A C6    1 
HETATM 142 P P     . ZDU A 1 8  ? 7.964   2.311   5.206   1.00 41.34  ? 8  ZDU A P     1 
HETATM 143 O OP1   . ZDU A 1 8  ? 8.368   3.688   5.581   1.00 45.66  ? 8  ZDU A OP1   1 
HETATM 144 O OP2   . ZDU A 1 8  ? 8.875   1.166   5.417   1.00 44.28  ? 8  ZDU A OP2   1 
HETATM 145 O "O5'" . ZDU A 1 8  ? 6.559   1.933   5.875   1.00 37.23  ? 8  ZDU A "O5'" 1 
HETATM 146 N N1    . ZDU A 1 8  ? 2.981   -0.963  5.372   1.00 28.73  ? 8  ZDU A N1    1 
HETATM 147 C C6    . ZDU A 1 8  ? 4.138   -1.583  4.925   1.00 29.34  ? 8  ZDU A C6    1 
HETATM 148 C C2    . ZDU A 1 8  ? 1.740   -1.411  4.998   1.00 28.47  ? 8  ZDU A C2    1 
HETATM 149 O O2    . ZDU A 1 8  ? 0.697   -0.896  5.344   1.00 29.64  ? 8  ZDU A O2    1 
HETATM 150 N N3    . ZDU A 1 8  ? 1.749   -2.518  4.207   1.00 25.93  ? 8  ZDU A N3    1 
HETATM 151 C C4    . ZDU A 1 8  ? 2.849   -3.215  3.758   1.00 27.82  ? 8  ZDU A C4    1 
HETATM 152 O O4    . ZDU A 1 8  ? 2.714   -4.176  3.016   1.00 27.96  ? 8  ZDU A O4    1 
HETATM 153 C C5    . ZDU A 1 8  ? 4.130   -2.707  4.182   1.00 28.89  ? 8  ZDU A C5    1 
HETATM 154 C C5A   . ZDU A 1 8  ? 5.430   -3.451  3.789   1.00 32.65  ? 8  ZDU A C5A   1 
HETATM 155 C C5B   . ZDU A 1 8  ? 5.726   -4.701  4.643   1.00 34.67  ? 8  ZDU A C5B   1 
HETATM 156 C C5G   . ZDU A 1 8  ? 7.041   -5.396  4.234   1.00 39.01  ? 8  ZDU A C5G   1 
HETATM 157 N N5D   . ZDU A 1 8  ? 7.121   -6.816  4.767   1.00 44.40  ? 8  ZDU A N5D   1 
HETATM 158 C "C2'" . ZDU A 1 8  ? 3.705   0.239   7.504   1.00 34.36  ? 8  ZDU A "C2'" 1 
HETATM 159 C "C5'" . ZDU A 1 8  ? 5.522   2.875   5.792   1.00 33.49  ? 8  ZDU A "C5'" 1 
HETATM 160 C "C4'" . ZDU A 1 8  ? 4.226   2.257   6.260   1.00 34.43  ? 8  ZDU A "C4'" 1 
HETATM 161 O "O4'" . ZDU A 1 8  ? 3.864   1.166   5.384   1.00 31.98  ? 8  ZDU A "O4'" 1 
HETATM 162 C "C1'" . ZDU A 1 8  ? 3.048   0.292   6.138   1.00 30.21  ? 8  ZDU A "C1'" 1 
HETATM 163 C "C3'" . ZDU A 1 8  ? 4.269   1.656   7.654   1.00 33.64  ? 8  ZDU A "C3'" 1 
HETATM 164 O "O3'" . ZDU A 1 8  ? 3.493   2.485   8.503   1.00 36.52  ? 8  ZDU A "O3'" 1 
ATOM   165 P P     . DC  A 1 9  ? 3.062   2.011   10.006  1.00 38.60  ? 9  DC  A P     1 
ATOM   166 O OP1   . DC  A 1 9  ? 2.893   3.345   10.623  1.00 39.68  ? 9  DC  A OP1   1 
ATOM   167 O OP2   . DC  A 1 9  ? 3.865   0.952   10.659  1.00 42.45  ? 9  DC  A OP2   1 
ATOM   168 O "O5'" . DC  A 1 9  ? 1.626   1.378   9.732   1.00 37.34  ? 9  DC  A "O5'" 1 
ATOM   169 C "C5'" . DC  A 1 9  ? 0.633   2.118   9.049   1.00 34.25  ? 9  DC  A "C5'" 1 
ATOM   170 C "C4'" . DC  A 1 9  ? -0.633  1.292   8.956   1.00 33.50  ? 9  DC  A "C4'" 1 
ATOM   171 O "O4'" . DC  A 1 9  ? -0.427  0.079   8.191   1.00 30.99  ? 9  DC  A "O4'" 1 
ATOM   172 C "C3'" . DC  A 1 9  ? -1.177  0.845   10.307  1.00 33.25  ? 9  DC  A "C3'" 1 
ATOM   173 O "O3'" . DC  A 1 9  ? -2.542  1.183   10.312  1.00 34.76  ? 9  DC  A "O3'" 1 
ATOM   174 C "C2'" . DC  A 1 9  ? -0.912  -0.660  10.355  1.00 32.68  ? 9  DC  A "C2'" 1 
ATOM   175 C "C1'" . DC  A 1 9  ? -0.977  -1.026  8.883   1.00 30.33  ? 9  DC  A "C1'" 1 
ATOM   176 N N1    . DC  A 1 9  ? -0.176  -2.194  8.439   1.00 30.07  ? 9  DC  A N1    1 
ATOM   177 C C2    . DC  A 1 9  ? -0.769  -3.194  7.658   1.00 28.35  ? 9  DC  A C2    1 
ATOM   178 O O2    . DC  A 1 9  ? -1.993  -3.201  7.490   1.00 29.17  ? 9  DC  A O2    1 
ATOM   179 N N3    . DC  A 1 9  ? 0.010   -4.176  7.156   1.00 28.20  ? 9  DC  A N3    1 
ATOM   180 C C4    . DC  A 1 9  ? 1.328   -4.163  7.357   1.00 27.88  ? 9  DC  A C4    1 
ATOM   181 N N4    . DC  A 1 9  ? 2.052   -5.142  6.799   1.00 29.71  ? 9  DC  A N4    1 
ATOM   182 C C5    . DC  A 1 9  ? 1.955   -3.148  8.138   1.00 29.21  ? 9  DC  A C5    1 
ATOM   183 C C6    . DC  A 1 9  ? 1.179   -2.170  8.611   1.00 30.65  ? 9  DC  A C6    1 
HETATM 184 P P     . 7GU A 1 10 ? -3.429  1.244   11.635  1.00 38.07  ? 10 7GU A P     1 
HETATM 185 O OP1   . 7GU A 1 10 ? -4.541  2.159   11.298  1.00 42.06  ? 10 7GU A OP1   1 
HETATM 186 O OP2   . 7GU A 1 10 ? -2.586  1.460   12.833  1.00 39.61  ? 10 7GU A OP2   1 
HETATM 187 O "O5'" . 7GU A 1 10 ? -3.988  -0.250  11.733  1.00 37.28  ? 10 7GU A "O5'" 1 
HETATM 188 N N9    . 7GU A 1 10 ? -2.118  -4.307  11.262  1.00 31.25  ? 10 7GU A N9    1 
HETATM 189 C C4    . 7GU A 1 10 ? -1.771  -5.320  10.428  1.00 32.15  ? 10 7GU A C4    1 
HETATM 190 N N3    . 7GU A 1 10 ? -2.685  -6.054  9.743   1.00 30.87  ? 10 7GU A N3    1 
HETATM 191 C C2    . 7GU A 1 10 ? -2.119  -6.992  8.995   1.00 31.03  ? 10 7GU A C2    1 
HETATM 192 N N2    . 7GU A 1 10 ? -2.893  -7.789  8.243   1.00 28.26  ? 10 7GU A N2    1 
HETATM 193 N N1    . 7GU A 1 10 ? -0.762  -7.217  8.949   1.00 30.18  ? 10 7GU A N1    1 
HETATM 194 C C6    . 7GU A 1 10 ? 0.192   -6.487  9.644   1.00 30.03  ? 10 7GU A C6    1 
HETATM 195 O O6    . 7GU A 1 10 ? 1.382   -6.797  9.526   1.00 32.19  ? 10 7GU A O6    1 
HETATM 196 C C5    . 7GU A 1 10 ? -0.392  -5.475  10.440  1.00 31.79  ? 10 7GU A C5    1 
HETATM 197 C C7    . 7GU A 1 10 ? 0.187   -4.506  11.340  1.00 32.00  ? 10 7GU A C7    1 
HETATM 198 C C8    . 7GU A 1 10 ? -0.910  -3.875  11.764  1.00 32.36  ? 10 7GU A C8    1 
HETATM 199 C "C2'" . 7GU A 1 10 ? -3.810  -3.176  12.810  1.00 33.87  ? 10 7GU A "C2'" 1 
HETATM 200 C "C5'" . 7GU A 1 10 ? -4.883  -0.759  10.763  1.00 37.68  ? 10 7GU A "C5'" 1 
HETATM 201 C "C4'" . 7GU A 1 10 ? -5.038  -2.249  10.973  1.00 36.04  ? 10 7GU A "C4'" 1 
HETATM 202 O "O4'" . 7GU A 1 10 ? -3.827  -2.901  10.532  1.00 34.11  ? 10 7GU A "O4'" 1 
HETATM 203 C "C1'" . 7GU A 1 10 ? -3.480  -3.867  11.495  1.00 32.27  ? 10 7GU A "C1'" 1 
HETATM 204 C "C3'" . 7GU A 1 10 ? -5.192  -2.679  12.425  1.00 34.74  ? 10 7GU A "C3'" 1 
HETATM 205 O "O3'" . 7GU A 1 10 ? -6.131  -3.734  12.500  1.00 36.52  ? 10 7GU A "O3'" 1 
ATOM   206 P P     . DC  A 1 11 ? -7.697  -3.576  12.928  1.00 41.61  ? 11 DC  A P     1 
ATOM   207 O OP1   . DC  A 1 11 ? -8.185  -2.314  12.333  1.00 45.88  ? 11 DC  A OP1   1 
ATOM   208 O OP2   . DC  A 1 11 ? -7.755  -3.832  14.382  1.00 45.30  ? 11 DC  A OP2   1 
ATOM   209 O "O5'" . DC  A 1 11 ? -8.370  -4.813  12.187  1.00 38.33  ? 11 DC  A "O5'" 1 
ATOM   210 C "C5'" . DC  A 1 11 ? -8.575  -4.773  10.786  1.00 37.03  ? 11 DC  A "C5'" 1 
ATOM   211 C "C4'" . DC  A 1 11 ? -8.681  -6.182  10.244  1.00 35.35  ? 11 DC  A "C4'" 1 
ATOM   212 O "O4'" . DC  A 1 11 ? -7.384  -6.832  10.207  1.00 34.31  ? 11 DC  A "O4'" 1 
ATOM   213 C "C3'" . DC  A 1 11 ? -9.558  -7.093  11.072  1.00 35.55  ? 11 DC  A "C3'" 1 
ATOM   214 O "O3'" . DC  A 1 11 ? -10.298 -7.909  10.173  1.00 37.14  ? 11 DC  A "O3'" 1 
ATOM   215 C "C2'" . DC  A 1 11 ? -8.546  -7.850  11.925  1.00 32.59  ? 11 DC  A "C2'" 1 
ATOM   216 C "C1'" . DC  A 1 11 ? -7.361  -8.013  10.994  1.00 32.80  ? 11 DC  A "C1'" 1 
ATOM   217 N N1    . DC  A 1 11 ? -5.991  -8.047  11.604  1.00 29.88  ? 11 DC  A N1    1 
ATOM   218 C C2    . DC  A 1 11 ? -4.996  -8.864  11.043  1.00 30.81  ? 11 DC  A C2    1 
ATOM   219 O O2    . DC  A 1 11 ? -5.297  -9.665  10.150  1.00 30.54  ? 11 DC  A O2    1 
ATOM   220 N N3    . DC  A 1 11 ? -3.726  -8.782  11.505  1.00 30.11  ? 11 DC  A N3    1 
ATOM   221 C C4    . DC  A 1 11 ? -3.415  -7.894  12.451  1.00 32.73  ? 11 DC  A C4    1 
ATOM   222 N N4    . DC  A 1 11 ? -2.140  -7.809  12.837  1.00 32.00  ? 11 DC  A N4    1 
ATOM   223 C C5    . DC  A 1 11 ? -4.400  -7.041  13.022  1.00 31.08  ? 11 DC  A C5    1 
ATOM   224 C C6    . DC  A 1 11 ? -5.649  -7.134  12.564  1.00 32.46  ? 11 DC  A C6    1 
ATOM   225 P P     . DG  A 1 12 ? -11.591 -8.715  10.651  1.00 38.78  ? 12 DG  A P     1 
ATOM   226 O OP1   . DG  A 1 12 ? -12.353 -9.082  9.438   1.00 40.75  ? 12 DG  A OP1   1 
ATOM   227 O OP2   . DG  A 1 12 ? -12.228 -7.965  11.751  1.00 41.98  ? 12 DG  A OP2   1 
ATOM   228 O "O5'" . DG  A 1 12 ? -10.953 -10.033 11.282  1.00 38.01  ? 12 DG  A "O5'" 1 
ATOM   229 C "C5'" . DG  A 1 12 ? -10.556 -11.092 10.431  1.00 34.67  ? 12 DG  A "C5'" 1 
ATOM   230 C "C4'" . DG  A 1 12 ? -9.714  -12.090 11.196  1.00 34.00  ? 12 DG  A "C4'" 1 
ATOM   231 O "O4'" . DG  A 1 12 ? -8.461  -11.493 11.608  1.00 33.27  ? 12 DG  A "O4'" 1 
ATOM   232 C "C3'" . DG  A 1 12 ? -10.335 -12.561 12.502  1.00 35.76  ? 12 DG  A "C3'" 1 
ATOM   233 O "O3'" . DG  A 1 12 ? -11.171 -13.693 12.306  1.00 37.95  ? 12 DG  A "O3'" 1 
ATOM   234 C "C2'" . DG  A 1 12 ? -9.128  -12.859 13.389  1.00 34.67  ? 12 DG  A "C2'" 1 
ATOM   235 C "C1'" . DG  A 1 12 ? -7.925  -12.345 12.602  1.00 32.37  ? 12 DG  A "C1'" 1 
ATOM   236 N N9    . DG  A 1 12 ? -6.956  -11.587 13.393  1.00 33.76  ? 12 DG  A N9    1 
ATOM   237 C C8    . DG  A 1 12 ? -7.227  -10.553 14.251  1.00 33.20  ? 12 DG  A C8    1 
ATOM   238 N N7    . DG  A 1 12 ? -6.156  -10.034 14.798  1.00 33.70  ? 12 DG  A N7    1 
ATOM   239 C C5    . DG  A 1 12 ? -5.104  -10.736 14.225  1.00 33.56  ? 12 DG  A C5    1 
ATOM   240 C C6    . DG  A 1 12 ? -3.710  -10.613 14.417  1.00 31.99  ? 12 DG  A C6    1 
ATOM   241 O O6    . DG  A 1 12 ? -3.094  -9.810  15.143  1.00 34.48  ? 12 DG  A O6    1 
ATOM   242 N N1    . DG  A 1 12 ? -2.998  -11.521 13.649  1.00 32.64  ? 12 DG  A N1    1 
ATOM   243 C C2    . DG  A 1 12 ? -3.549  -12.447 12.797  1.00 32.04  ? 12 DG  A C2    1 
ATOM   244 N N2    . DG  A 1 12 ? -2.682  -13.252 12.151  1.00 32.50  ? 12 DG  A N2    1 
ATOM   245 N N3    . DG  A 1 12 ? -4.860  -12.562 12.596  1.00 32.50  ? 12 DG  A N3    1 
ATOM   246 C C4    . DG  A 1 12 ? -5.578  -11.691 13.349  1.00 32.25  ? 12 DG  A C4    1 
ATOM   247 O "O5'" . DC  B 1 1  ? 5.912   -13.550 14.875  1.00 61.14  ? 1  DC  B "O5'" 1 
ATOM   248 C "C5'" . DC  B 1 1  ? 5.331   -14.803 15.223  1.00 58.71  ? 1  DC  B "C5'" 1 
ATOM   249 C "C4'" . DC  B 1 1  ? 4.325   -15.264 14.184  1.00 57.94  ? 1  DC  B "C4'" 1 
ATOM   250 O "O4'" . DC  B 1 1  ? 3.031   -14.651 14.428  1.00 55.67  ? 1  DC  B "O4'" 1 
ATOM   251 C "C3'" . DC  B 1 1  ? 4.658   -14.908 12.745  1.00 57.12  ? 1  DC  B "C3'" 1 
ATOM   252 O "O3'" . DC  B 1 1  ? 4.123   -15.917 11.906  1.00 58.43  ? 1  DC  B "O3'" 1 
ATOM   253 C "C2'" . DC  B 1 1  ? 3.956   -13.565 12.574  1.00 55.52  ? 1  DC  B "C2'" 1 
ATOM   254 C "C1'" . DC  B 1 1  ? 2.660   -13.846 13.327  1.00 52.23  ? 1  DC  B "C1'" 1 
ATOM   255 N N1    . DC  B 1 1  ? 1.911   -12.667 13.857  1.00 48.49  ? 1  DC  B N1    1 
ATOM   256 C C2    . DC  B 1 1  ? 0.540   -12.546 13.591  1.00 46.85  ? 1  DC  B C2    1 
ATOM   257 O O2    . DC  B 1 1  ? -0.007  -13.392 12.880  1.00 44.75  ? 1  DC  B O2    1 
ATOM   258 N N3    . DC  B 1 1  ? -0.147  -11.494 14.105  1.00 43.84  ? 1  DC  B N3    1 
ATOM   259 C C4    . DC  B 1 1  ? 0.481   -10.584 14.852  1.00 48.90  ? 1  DC  B C4    1 
ATOM   260 N N4    . DC  B 1 1  ? -0.235  -9.560  15.331  1.00 48.03  ? 1  DC  B N4    1 
ATOM   261 C C5    . DC  B 1 1  ? 1.872   -10.705 15.153  1.00 48.74  ? 1  DC  B C5    1 
ATOM   262 C C6    . DC  B 1 1  ? 2.536   -11.754 14.653  1.00 49.83  ? 1  DC  B C6    1 
ATOM   263 P P     . DG  B 1 2  ? 4.902   -16.437 10.612  1.00 57.20  ? 2  DG  B P     1 
ATOM   264 O OP1   . DG  B 1 2  ? 5.114   -17.895 10.781  1.00 55.15  ? 2  DG  B OP1   1 
ATOM   265 O OP2   . DG  B 1 2  ? 6.035   -15.523 10.331  1.00 56.50  ? 2  DG  B OP2   1 
ATOM   266 O "O5'" . DG  B 1 2  ? 3.832   -16.199 9.450   1.00 50.92  ? 2  DG  B "O5'" 1 
ATOM   267 C "C5'" . DG  B 1 2  ? 2.677   -17.012 9.376   1.00 45.52  ? 2  DG  B "C5'" 1 
ATOM   268 C "C4'" . DG  B 1 2  ? 1.678   -16.359 8.446   1.00 43.05  ? 2  DG  B "C4'" 1 
ATOM   269 O "O4'" . DG  B 1 2  ? 1.118   -15.217 9.126   1.00 38.64  ? 2  DG  B "O4'" 1 
ATOM   270 C "C3'" . DG  B 1 2  ? 2.268   -15.832 7.145   1.00 41.14  ? 2  DG  B "C3'" 1 
ATOM   271 O "O3'" . DG  B 1 2  ? 1.665   -16.461 6.030   1.00 44.08  ? 2  DG  B "O3'" 1 
ATOM   272 C "C2'" . DG  B 1 2  ? 2.015   -14.325 7.160   1.00 39.66  ? 2  DG  B "C2'" 1 
ATOM   273 C "C1'" . DG  B 1 2  ? 0.930   -14.163 8.209   1.00 34.44  ? 2  DG  B "C1'" 1 
ATOM   274 N N9    . DG  B 1 2  ? 0.996   -12.933 8.989   1.00 33.57  ? 2  DG  B N9    1 
ATOM   275 C C8    . DG  B 1 2  ? 2.110   -12.333 9.520   1.00 33.58  ? 2  DG  B C8    1 
ATOM   276 N N7    . DG  B 1 2  ? 1.841   -11.270 10.224  1.00 34.05  ? 2  DG  B N7    1 
ATOM   277 C C5    . DG  B 1 2  ? 0.458   -11.157 10.152  1.00 30.58  ? 2  DG  B C5    1 
ATOM   278 C C6    . DG  B 1 2  ? -0.413  -10.211 10.728  1.00 29.07  ? 2  DG  B C6    1 
ATOM   279 O O6    . DG  B 1 2  ? -0.106  -9.220  11.407  1.00 32.05  ? 2  DG  B O6    1 
ATOM   280 N N1    . DG  B 1 2  ? -1.741  -10.451 10.380  1.00 30.57  ? 2  DG  B N1    1 
ATOM   281 C C2    . DG  B 1 2  ? -2.175  -11.506 9.612   1.00 30.00  ? 2  DG  B C2    1 
ATOM   282 N N2    . DG  B 1 2  ? -3.494  -11.607 9.360   1.00 28.71  ? 2  DG  B N2    1 
ATOM   283 N N3    . DG  B 1 2  ? -1.368  -12.416 9.109   1.00 30.62  ? 2  DG  B N3    1 
ATOM   284 C C4    . DG  B 1 2  ? -0.075  -12.180 9.411   1.00 31.46  ? 2  DG  B C4    1 
ATOM   285 P P     . DC  B 1 3  ? 1.997   -15.933 4.547   1.00 46.85  ? 3  DC  B P     1 
ATOM   286 O OP1   . DC  B 1 3  ? 2.008   -17.104 3.665   1.00 49.16  ? 3  DC  B OP1   1 
ATOM   287 O OP2   . DC  B 1 3  ? 3.169   -15.026 4.558   1.00 48.72  ? 3  DC  B OP2   1 
ATOM   288 O "O5'" . DC  B 1 3  ? 0.723   -15.040 4.174   1.00 41.58  ? 3  DC  B "O5'" 1 
ATOM   289 C "C5'" . DC  B 1 3  ? -0.589  -15.489 4.491   1.00 36.69  ? 3  DC  B "C5'" 1 
ATOM   290 C "C4'" . DC  B 1 3  ? -1.512  -14.294 4.567   1.00 33.93  ? 3  DC  B "C4'" 1 
ATOM   291 O "O4'" . DC  B 1 3  ? -1.050  -13.431 5.621   1.00 32.47  ? 3  DC  B "O4'" 1 
ATOM   292 C "C3'" . DC  B 1 3  ? -1.506  -13.411 3.326   1.00 34.45  ? 3  DC  B "C3'" 1 
ATOM   293 O "O3'" . DC  B 1 3  ? -2.549  -13.785 2.480   1.00 37.47  ? 3  DC  B "O3'" 1 
ATOM   294 C "C2'" . DC  B 1 3  ? -1.711  -12.001 3.859   1.00 37.04  ? 3  DC  B "C2'" 1 
ATOM   295 C "C1'" . DC  B 1 3  ? -1.481  -12.116 5.356   1.00 33.92  ? 3  DC  B "C1'" 1 
ATOM   296 N N1    . DC  B 1 3  ? -0.444  -11.197 5.884   1.00 32.17  ? 3  DC  B N1    1 
ATOM   297 C C2    . DC  B 1 3  ? -0.842  -10.087 6.626   1.00 28.04  ? 3  DC  B C2    1 
ATOM   298 O O2    . DC  B 1 3  ? -2.043  -9.871  6.758   1.00 30.30  ? 3  DC  B O2    1 
ATOM   299 N N3    . DC  B 1 3  ? 0.099   -9.267  7.147   1.00 29.05  ? 3  DC  B N3    1 
ATOM   300 C C4    . DC  B 1 3  ? 1.387   -9.550  7.001   1.00 31.06  ? 3  DC  B C4    1 
ATOM   301 N N4    . DC  B 1 3  ? 2.270   -8.715  7.559   1.00 33.62  ? 3  DC  B N4    1 
ATOM   302 C C5    . DC  B 1 3  ? 1.815   -10.683 6.249   1.00 33.53  ? 3  DC  B C5    1 
ATOM   303 C C6    . DC  B 1 3  ? 0.880   -11.464 5.704   1.00 33.71  ? 3  DC  B C6    1 
ATOM   304 P P     . DG  B 1 4  ? -2.711  -13.133 1.029   1.00 40.01  ? 4  DG  B P     1 
ATOM   305 O OP1   . DG  B 1 4  ? -3.362  -14.158 0.188   1.00 44.29  ? 4  DG  B OP1   1 
ATOM   306 O OP2   . DG  B 1 4  ? -1.434  -12.514 0.607   1.00 40.11  ? 4  DG  B OP2   1 
ATOM   307 O "O5'" . DG  B 1 4  ? -3.751  -11.945 1.249   1.00 36.79  ? 4  DG  B "O5'" 1 
ATOM   308 C "C5'" . DG  B 1 4  ? -5.017  -12.190 1.864   1.00 33.25  ? 4  DG  B "C5'" 1 
ATOM   309 C "C4'" . DG  B 1 4  ? -5.666  -10.864 2.199   1.00 33.46  ? 4  DG  B "C4'" 1 
ATOM   310 O "O4'" . DG  B 1 4  ? -4.820  -10.152 3.133   1.00 31.70  ? 4  DG  B "O4'" 1 
ATOM   311 C "C3'" . DG  B 1 4  ? -5.870  -9.928  1.016   1.00 32.36  ? 4  DG  B "C3'" 1 
ATOM   312 O "O3'" . DG  B 1 4  ? -7.128  -9.283  1.182   1.00 34.99  ? 4  DG  B "O3'" 1 
ATOM   313 C "C2'" . DG  B 1 4  ? -4.667  -8.994  1.079   1.00 30.63  ? 4  DG  B "C2'" 1 
ATOM   314 C "C1'" . DG  B 1 4  ? -4.401  -8.918  2.573   1.00 31.04  ? 4  DG  B "C1'" 1 
ATOM   315 N N9    . DG  B 1 4  ? -3.017  -8.633  2.924   1.00 28.25  ? 4  DG  B N9    1 
ATOM   316 C C8    . DG  B 1 4  ? -1.865  -9.157  2.389   1.00 30.06  ? 4  DG  B C8    1 
ATOM   317 N N7    . DG  B 1 4  ? -0.771  -8.682  2.923   1.00 29.97  ? 4  DG  B N7    1 
ATOM   318 C C5    . DG  B 1 4  ? -1.232  -7.755  3.853   1.00 26.90  ? 4  DG  B C5    1 
ATOM   319 C C6    . DG  B 1 4  ? -0.523  -6.905  4.739   1.00 28.03  ? 4  DG  B C6    1 
ATOM   320 O O6    . DG  B 1 4  ? 0.704   -6.820  4.874   1.00 27.91  ? 4  DG  B O6    1 
ATOM   321 N N1    . DG  B 1 4  ? -1.375  -6.155  5.554   1.00 27.40  ? 4  DG  B N1    1 
ATOM   322 C C2    . DG  B 1 4  ? -2.751  -6.180  5.477   1.00 28.02  ? 4  DG  B C2    1 
ATOM   323 N N2    . DG  B 1 4  ? -3.437  -5.358  6.292   1.00 28.06  ? 4  DG  B N2    1 
ATOM   324 N N3    . DG  B 1 4  ? -3.420  -6.977  4.666   1.00 27.45  ? 4  DG  B N3    1 
ATOM   325 C C4    . DG  B 1 4  ? -2.606  -7.738  3.888   1.00 29.28  ? 4  DG  B C4    1 
ATOM   326 P P     . DA  B 1 5  ? -7.549  -7.901  0.485   1.00 36.25  ? 5  DA  B P     1 
ATOM   327 O OP1   . DA  B 1 5  ? -9.017  -7.956  0.349   1.00 38.30  ? 5  DA  B OP1   1 
ATOM   328 O OP2   . DA  B 1 5  ? -6.718  -7.607  -0.709  1.00 37.76  ? 5  DA  B OP2   1 
ATOM   329 O "O5'" . DA  B 1 5  ? -7.205  -6.829  1.608   1.00 34.01  ? 5  DA  B "O5'" 1 
ATOM   330 C "C5'" . DA  B 1 5  ? -7.904  -6.844  2.838   1.00 31.58  ? 5  DA  B "C5'" 1 
ATOM   331 C "C4'" . DA  B 1 5  ? -7.745  -5.503  3.511   1.00 33.29  ? 5  DA  B "C4'" 1 
ATOM   332 O "O4'" . DA  B 1 5  ? -6.346  -5.263  3.772   1.00 32.38  ? 5  DA  B "O4'" 1 
ATOM   333 C "C3'" . DA  B 1 5  ? -8.230  -4.309  2.708   1.00 33.65  ? 5  DA  B "C3'" 1 
ATOM   334 O "O3'" . DA  B 1 5  ? -8.896  -3.457  3.604   1.00 38.65  ? 5  DA  B "O3'" 1 
ATOM   335 C "C2'" . DA  B 1 5  ? -6.967  -3.688  2.108   1.00 32.61  ? 5  DA  B "C2'" 1 
ATOM   336 C "C1'" . DA  B 1 5  ? -5.896  -4.085  3.118   1.00 29.72  ? 5  DA  B "C1'" 1 
ATOM   337 N N9    . DA  B 1 5  ? -4.588  -4.431  2.574   1.00 29.72  ? 5  DA  B N9    1 
ATOM   338 C C8    . DA  B 1 5  ? -4.305  -5.346  1.606   1.00 28.65  ? 5  DA  B C8    1 
ATOM   339 N N7    . DA  B 1 5  ? -3.019  -5.505  1.389   1.00 28.39  ? 5  DA  B N7    1 
ATOM   340 C C5    . DA  B 1 5  ? -2.419  -4.670  2.299   1.00 26.80  ? 5  DA  B C5    1 
ATOM   341 C C6    . DA  B 1 5  ? -1.072  -4.368  2.541   1.00 25.60  ? 5  DA  B C6    1 
ATOM   342 N N6    . DA  B 1 5  ? -0.054  -4.984  1.927   1.00 26.48  ? 5  DA  B N6    1 
ATOM   343 N N1    . DA  B 1 5  ? -0.818  -3.468  3.512   1.00 27.43  ? 5  DA  B N1    1 
ATOM   344 C C2    . DA  B 1 5  ? -1.840  -2.885  4.151   1.00 29.01  ? 5  DA  B C2    1 
ATOM   345 N N3    . DA  B 1 5  ? -3.148  -3.071  3.988   1.00 28.34  ? 5  DA  B N3    1 
ATOM   346 C C4    . DA  B 1 5  ? -3.370  -3.982  3.028   1.00 25.40  ? 5  DA  B C4    1 
ATOM   347 P P     . DA  B 1 6  ? -9.437  -2.035  3.129   1.00 40.44  ? 6  DA  B P     1 
ATOM   348 O OP1   . DA  B 1 6  ? -10.550 -1.701  4.047   1.00 42.05  ? 6  DA  B OP1   1 
ATOM   349 O OP2   . DA  B 1 6  ? -9.605  -2.076  1.657   1.00 38.00  ? 6  DA  B OP2   1 
ATOM   350 O "O5'" . DA  B 1 6  ? -8.188  -1.083  3.388   1.00 37.39  ? 6  DA  B "O5'" 1 
ATOM   351 C "C5'" . DA  B 1 6  ? -7.720  -0.833  4.701   1.00 36.91  ? 6  DA  B "C5'" 1 
ATOM   352 C "C4'" . DA  B 1 6  ? -6.558  0.136   4.635   1.00 35.26  ? 6  DA  B "C4'" 1 
ATOM   353 O "O4'" . DA  B 1 6  ? -5.411  -0.506  4.018   1.00 32.10  ? 6  DA  B "O4'" 1 
ATOM   354 C "C3'" . DA  B 1 6  ? -6.824  1.410   3.840   1.00 35.30  ? 6  DA  B "C3'" 1 
ATOM   355 O "O3'" . DA  B 1 6  ? -6.702  2.489   4.749   1.00 38.33  ? 6  DA  B "O3'" 1 
ATOM   356 C "C2'" . DA  B 1 6  ? -5.765  1.411   2.736   1.00 33.09  ? 6  DA  B "C2'" 1 
ATOM   357 C "C1'" . DA  B 1 6  ? -4.704  0.452   3.247   1.00 30.47  ? 6  DA  B "C1'" 1 
ATOM   358 N N9    . DA  B 1 6  ? -3.974  -0.295  2.225   1.00 29.62  ? 6  DA  B N9    1 
ATOM   359 C C8    . DA  B 1 6  ? -4.509  -1.091  1.257   1.00 28.49  ? 6  DA  B C8    1 
ATOM   360 N N7    . DA  B 1 6  ? -3.623  -1.707  0.518   1.00 29.73  ? 6  DA  B N7    1 
ATOM   361 C C5    . DA  B 1 6  ? -2.411  -1.260  1.023   1.00 26.84  ? 6  DA  B C5    1 
ATOM   362 C C6    . DA  B 1 6  ? -1.076  -1.577  0.697   1.00 29.05  ? 6  DA  B C6    1 
ATOM   363 N N6    . DA  B 1 6  ? -0.728  -2.422  -0.275  1.00 27.85  ? 6  DA  B N6    1 
ATOM   364 N N1    . DA  B 1 6  ? -0.103  -0.970  1.397   1.00 26.38  ? 6  DA  B N1    1 
ATOM   365 C C2    . DA  B 1 6  ? -0.441  -0.134  2.387   1.00 28.68  ? 6  DA  B C2    1 
ATOM   366 N N3    . DA  B 1 6  ? -1.655  0.207   2.810   1.00 28.82  ? 6  DA  B N3    1 
ATOM   367 C C4    . DA  B 1 6  ? -2.606  -0.416  2.092   1.00 29.19  ? 6  DA  B C4    1 
ATOM   368 P P     . DT  B 1 7  ? -6.698  4.034   4.323   1.00 41.80  ? 7  DT  B P     1 
ATOM   369 O OP1   . DT  B 1 7  ? -7.124  4.811   5.509   1.00 45.41  ? 7  DT  B OP1   1 
ATOM   370 O OP2   . DT  B 1 7  ? -7.380  4.186   3.019   1.00 43.57  ? 7  DT  B OP2   1 
ATOM   371 O "O5'" . DT  B 1 7  ? -5.149  4.332   4.067   1.00 37.90  ? 7  DT  B "O5'" 1 
ATOM   372 C "C5'" . DT  B 1 7  ? -4.204  4.087   5.085   1.00 38.39  ? 7  DT  B "C5'" 1 
ATOM   373 C "C4'" . DT  B 1 7  ? -2.810  4.328   4.546   1.00 34.86  ? 7  DT  B "C4'" 1 
ATOM   374 O "O4'" . DT  B 1 7  ? -2.530  3.388   3.482   1.00 34.43  ? 7  DT  B "O4'" 1 
ATOM   375 C "C3'" . DT  B 1 7  ? -2.584  5.715   3.949   1.00 37.33  ? 7  DT  B "C3'" 1 
ATOM   376 O "O3'" . DT  B 1 7  ? -1.504  6.298   4.646   1.00 40.45  ? 7  DT  B "O3'" 1 
ATOM   377 C "C2'" . DT  B 1 7  ? -2.290  5.465   2.474   1.00 37.10  ? 7  DT  B "C2'" 1 
ATOM   378 C "C1'" . DT  B 1 7  ? -1.735  4.053   2.510   1.00 33.54  ? 7  DT  B "C1'" 1 
ATOM   379 N N1    . DT  B 1 7  ? -1.826  3.245   1.285   1.00 28.64  ? 7  DT  B N1    1 
ATOM   380 C C2    . DT  B 1 7  ? -0.674  2.718   0.736   1.00 29.65  ? 7  DT  B C2    1 
ATOM   381 O O2    . DT  B 1 7  ? 0.444   2.934   1.173   1.00 29.28  ? 7  DT  B O2    1 
ATOM   382 N N3    . DT  B 1 7  ? -0.876  1.909   -0.345  1.00 28.48  ? 7  DT  B N3    1 
ATOM   383 C C4    . DT  B 1 7  ? -2.081  1.571   -0.930  1.00 30.22  ? 7  DT  B C4    1 
ATOM   384 O O4    . DT  B 1 7  ? -2.129  0.795   -1.889  1.00 29.63  ? 7  DT  B O4    1 
ATOM   385 C C5    . DT  B 1 7  ? -3.243  2.175   -0.323  1.00 30.12  ? 7  DT  B C5    1 
ATOM   386 C C7    . DT  B 1 7  ? -4.619  1.930   -0.869  1.00 32.88  ? 7  DT  B C7    1 
ATOM   387 C C6    . DT  B 1 7  ? -3.061  2.982   0.737   1.00 29.38  ? 7  DT  B C6    1 
HETATM 388 P P     . ZDU B 1 8  ? -1.043  7.819   4.466   1.00 43.98  ? 8  ZDU B P     1 
HETATM 389 O OP1   . ZDU B 1 8  ? -0.404  8.215   5.741   1.00 48.65  ? 8  ZDU B OP1   1 
HETATM 390 O OP2   . ZDU B 1 8  ? -2.101  8.641   3.837   1.00 42.68  ? 8  ZDU B OP2   1 
HETATM 391 O "O5'" . ZDU B 1 8  ? 0.094   7.592   3.379   1.00 39.08  ? 8  ZDU B "O5'" 1 
HETATM 392 N N1    . ZDU B 1 8  ? 1.022   5.871   -0.703  1.00 31.88  ? 8  ZDU B N1    1 
HETATM 393 C C6    . ZDU B 1 8  ? -0.327  6.150   -0.621  1.00 29.47  ? 8  ZDU B C6    1 
HETATM 394 C C2    . ZDU B 1 8  ? 1.501   4.961   -1.624  1.00 30.09  ? 8  ZDU B C2    1 
HETATM 395 O O2    . ZDU B 1 8  ? 2.684   4.701   -1.764  1.00 29.26  ? 8  ZDU B O2    1 
HETATM 396 N N3    . ZDU B 1 8  ? 0.549   4.390   -2.425  1.00 29.56  ? 8  ZDU B N3    1 
HETATM 397 C C4    . ZDU B 1 8  ? -0.808  4.623   -2.398  1.00 30.46  ? 8  ZDU B C4    1 
HETATM 398 O O4    . ZDU B 1 8  ? -1.583  4.027   -3.151  1.00 31.50  ? 8  ZDU B O4    1 
HETATM 399 C C5    . ZDU B 1 8  ? -1.245  5.586   -1.416  1.00 31.04  ? 8  ZDU B C5    1 
HETATM 400 C C5A   . ZDU B 1 8  ? -2.726  6.022   -1.373  1.00 34.78  ? 8  ZDU B C5A   1 
HETATM 401 C C5B   . ZDU B 1 8  ? -3.092  7.027   -2.476  1.00 36.31  ? 8  ZDU B C5B   1 
HETATM 402 C C5G   . ZDU B 1 8  ? -4.584  7.377   -2.529  1.00 39.23  ? 8  ZDU B C5G   1 
HETATM 403 N N5D   . ZDU B 1 8  ? -4.815  8.439   -3.584  1.00 41.55  ? 8  ZDU B N5D   1 
HETATM 404 C "C2'" . ZDU B 1 8  ? 1.977   7.977   0.425   1.00 33.69  ? 8  ZDU B "C2'" 1 
HETATM 405 C "C5'" . ZDU B 1 8  ? 1.290   6.923   3.746   1.00 38.13  ? 8  ZDU B "C5'" 1 
HETATM 406 C "C4'" . ZDU B 1 8  ? 2.207   6.833   2.547   1.00 37.18  ? 8  ZDU B "C4'" 1 
HETATM 407 O "O4'" . ZDU B 1 8  ? 1.595   5.994   1.549   1.00 33.59  ? 8  ZDU B "O4'" 1 
HETATM 408 C "C1'" . ZDU B 1 8  ? 1.974   6.465   0.274   1.00 33.92  ? 8  ZDU B "C1'" 1 
HETATM 409 C "C3'" . ZDU B 1 8  ? 2.471   8.164   1.863   1.00 37.82  ? 8  ZDU B "C3'" 1 
HETATM 410 O "O3'" . ZDU B 1 8  ? 3.860   8.441   1.972   1.00 40.15  ? 8  ZDU B "O3'" 1 
ATOM   411 P P     . DC  B 1 9  ? 4.458   9.732   1.392   1.00 44.43  ? 9  DC  B P     1 
ATOM   412 O OP1   . DC  B 1 9  ? 5.478   10.067  2.408   1.00 48.21  ? 9  DC  B OP1   1 
ATOM   413 O OP2   . DC  B 1 9  ? 3.502   10.764  0.913   1.00 45.13  ? 9  DC  B OP2   1 
ATOM   414 O "O5'" . DC  B 1 9  ? 5.193   9.144   0.108   1.00 43.44  ? 9  DC  B "O5'" 1 
ATOM   415 C "C5'" . DC  B 1 9  ? 6.053   8.027   0.236   1.00 41.74  ? 9  DC  B "C5'" 1 
ATOM   416 C "C4'" . DC  B 1 9  ? 6.399   7.520   -1.144  1.00 38.78  ? 9  DC  B "C4'" 1 
ATOM   417 O "O4'" . DC  B 1 9  ? 5.208   6.952   -1.730  1.00 35.09  ? 9  DC  B "O4'" 1 
ATOM   418 C "C3'" . DC  B 1 9  ? 6.855   8.631   -2.082  1.00 40.54  ? 9  DC  B "C3'" 1 
ATOM   419 O "O3'" . DC  B 1 9  ? 8.223   8.499   -2.375  1.00 43.22  ? 9  DC  B "O3'" 1 
ATOM   420 C "C2'" . DC  B 1 9  ? 6.008   8.489   -3.338  1.00 39.41  ? 9  DC  B "C2'" 1 
ATOM   421 C "C1'" . DC  B 1 9  ? 5.266   7.183   -3.123  1.00 36.23  ? 9  DC  B "C1'" 1 
ATOM   422 N N1    . DC  B 1 9  ? 3.874   7.189   -3.619  1.00 31.43  ? 9  DC  B N1    1 
ATOM   423 C C2    . DC  B 1 9  ? 3.539   6.335   -4.668  1.00 31.94  ? 9  DC  B C2    1 
ATOM   424 O O2    . DC  B 1 9  ? 4.426   5.641   -5.177  1.00 31.72  ? 9  DC  B O2    1 
ATOM   425 N N3    . DC  B 1 9  ? 2.249   6.285   -5.070  1.00 30.13  ? 9  DC  B N3    1 
ATOM   426 C C4    . DC  B 1 9  ? 1.330   7.064   -4.494  1.00 32.34  ? 9  DC  B C4    1 
ATOM   427 N N4    . DC  B 1 9  ? 0.063   6.945   -4.908  1.00 32.00  ? 9  DC  B N4    1 
ATOM   428 C C5    . DC  B 1 9  ? 1.663   7.966   -3.442  1.00 31.30  ? 9  DC  B C5    1 
ATOM   429 C C6    . DC  B 1 9  ? 2.938   7.992   -3.038  1.00 32.79  ? 9  DC  B C6    1 
HETATM 430 P P     . 7GU B 1 10 ? 8.991   9.719   -3.057  1.00 47.54  ? 10 7GU B P     1 
HETATM 431 O OP1   . 7GU B 1 10 ? 10.376  9.611   -2.571  1.00 49.05  ? 10 7GU B OP1   1 
HETATM 432 O OP2   . 7GU B 1 10 ? 8.190   10.948  -2.817  1.00 46.70  ? 10 7GU B OP2   1 
HETATM 433 O "O5'" . 7GU B 1 10 ? 8.967   9.513   -4.643  1.00 42.81  ? 10 7GU B "O5'" 1 
HETATM 434 N N9    . 7GU B 1 10 ? 5.707   9.323   -7.168  1.00 33.59  ? 10 7GU B N9    1 
HETATM 435 C C4    . 7GU B 1 10 ? 4.580   8.759   -7.677  1.00 31.35  ? 10 7GU B C4    1 
HETATM 436 N N3    . 7GU B 1 10 ? 4.580   7.887   -8.716  1.00 31.29  ? 10 7GU B N3    1 
HETATM 437 C C2    . 7GU B 1 10 ? 3.352   7.497   -9.050  1.00 29.51  ? 10 7GU B C2    1 
HETATM 438 N N2    . 7GU B 1 10 ? 3.188   6.649   -10.073 1.00 30.52  ? 10 7GU B N2    1 
HETATM 439 N N1    . 7GU B 1 10 ? 2.203   7.928   -8.432  1.00 30.99  ? 10 7GU B N1    1 
HETATM 440 C C6    . 7GU B 1 10 ? 2.171   8.809   -7.354  1.00 30.31  ? 10 7GU B C6    1 
HETATM 441 O O6    . 7GU B 1 10 ? 1.078   9.159   -6.893  1.00 32.74  ? 10 7GU B O6    1 
HETATM 442 C C5    . 7GU B 1 10 ? 3.473   9.243   -6.983  1.00 31.65  ? 10 7GU B C5    1 
HETATM 443 C C7    . 7GU B 1 10 ? 3.907   10.150  -5.953  1.00 33.16  ? 10 7GU B C7    1 
HETATM 444 C C8    . 7GU B 1 10 ? 5.225   10.122  -6.150  1.00 32.41  ? 10 7GU B C8    1 
HETATM 445 C "C2'" . 7GU B 1 10 ? 8.053   10.238  -7.487  1.00 39.62  ? 10 7GU B "C2'" 1 
HETATM 446 C "C5'" . 7GU B 1 10 ? 9.416   8.289   -5.180  1.00 42.75  ? 10 7GU B "C5'" 1 
HETATM 447 C "C4'" . 7GU B 1 10 ? 9.048   8.235   -6.643  1.00 41.25  ? 10 7GU B "C4'" 1 
HETATM 448 O "O4'" . 7GU B 1 10 ? 7.613   8.063   -6.746  1.00 39.45  ? 10 7GU B "O4'" 1 
HETATM 449 C "C1'" . 7GU B 1 10 ? 7.080   9.061   -7.585  1.00 35.49  ? 10 7GU B "C1'" 1 
HETATM 450 C "C3'" . 7GU B 1 10 ? 9.385   9.508   -7.399  1.00 40.60  ? 10 7GU B "C3'" 1 
HETATM 451 O "O3'" . 7GU B 1 10 ? 9.914   9.173   -8.668  1.00 45.01  ? 10 7GU B "O3'" 1 
ATOM   452 P P     . DC  B 1 11 ? 10.657  10.075  -9.830  1.00 45.10  ? 11 DC  B P     1 
ATOM   453 O OP1   . DC  B 1 11 ? 11.861  9.423   -10.395 1.00 47.92  ? 11 DC  B OP1   1 
ATOM   454 O OP2   . DC  B 1 11 ? 10.703  11.478  -9.372  1.00 47.56  ? 11 DC  B OP2   1 
ATOM   455 O "O5'" . DC  B 1 11 ? 9.529   9.982   -10.944 1.00 44.42  ? 11 DC  B "O5'" 1 
ATOM   456 C "C5'" . DC  B 1 11 ? 9.553   8.883   -11.830 1.00 43.10  ? 11 DC  B "C5'" 1 
ATOM   457 C "C4'" . DC  B 1 11 ? 8.348   8.990   -12.721 1.00 41.57  ? 11 DC  B "C4'" 1 
ATOM   458 O "O4'" . DC  B 1 11 ? 7.190   9.058   -11.864 1.00 42.59  ? 11 DC  B "O4'" 1 
ATOM   459 C "C3'" . DC  B 1 11 ? 8.351   10.265  -13.554 1.00 39.88  ? 11 DC  B "C3'" 1 
ATOM   460 O "O3'" . DC  B 1 11 ? 8.582   9.947   -14.907 1.00 43.60  ? 11 DC  B "O3'" 1 
ATOM   461 C "C2'" . DC  B 1 11 ? 6.989   10.896  -13.289 1.00 42.09  ? 11 DC  B "C2'" 1 
ATOM   462 C "C1'" . DC  B 1 11 ? 6.222   9.826   -12.524 1.00 38.26  ? 11 DC  B "C1'" 1 
ATOM   463 N N1    . DC  B 1 11 ? 5.266   10.352  -11.510 1.00 38.39  ? 11 DC  B N1    1 
ATOM   464 C C2    . DC  B 1 11 ? 3.908   10.047  -11.639 1.00 35.52  ? 11 DC  B C2    1 
ATOM   465 O O2    . DC  B 1 11 ? 3.544   9.321   -12.571 1.00 35.48  ? 11 DC  B O2    1 
ATOM   466 N N3    . DC  B 1 11 ? 3.032   10.575  -10.754 1.00 36.71  ? 11 DC  B N3    1 
ATOM   467 C C4    . DC  B 1 11 ? 3.467   11.343  -9.754  1.00 36.02  ? 11 DC  B C4    1 
ATOM   468 N N4    . DC  B 1 11 ? 2.571   11.851  -8.909  1.00 36.41  ? 11 DC  B N4    1 
ATOM   469 C C5    . DC  B 1 11 ? 4.845   11.647  -9.597  1.00 34.72  ? 11 DC  B C5    1 
ATOM   470 C C6    . DC  B 1 11 ? 5.700   11.131  -10.480 1.00 34.85  ? 11 DC  B C6    1 
ATOM   471 P P     . DG  B 1 12 ? 8.708   11.092  -16.030 1.00 46.48  ? 12 DG  B P     1 
ATOM   472 O OP1   . DG  B 1 12 ? 9.476   10.527  -17.155 1.00 49.38  ? 12 DG  B OP1   1 
ATOM   473 O OP2   . DG  B 1 12 ? 9.096   12.362  -15.391 1.00 47.36  ? 12 DG  B OP2   1 
ATOM   474 O "O5'" . DG  B 1 12 ? 7.208   11.248  -16.529 1.00 37.61  ? 12 DG  B "O5'" 1 
ATOM   475 C "C5'" . DG  B 1 12 ? 6.616   10.131  -17.123 1.00 33.67  ? 12 DG  B "C5'" 1 
ATOM   476 C "C4'" . DG  B 1 12 ? 5.127   10.338  -17.192 1.00 30.46  ? 12 DG  B "C4'" 1 
ATOM   477 O "O4'" . DG  B 1 12 ? 4.586   10.382  -15.851 1.00 30.25  ? 12 DG  B "O4'" 1 
ATOM   478 C "C3'" . DG  B 1 12 ? 4.678   11.655  -17.801 1.00 30.36  ? 12 DG  B "C3'" 1 
ATOM   479 O "O3'" . DG  B 1 12 ? 4.738   11.575  -19.210 1.00 31.66  ? 12 DG  B "O3'" 1 
ATOM   480 C "C2'" . DG  B 1 12 ? 3.270   11.778  -17.238 1.00 29.40  ? 12 DG  B "C2'" 1 
ATOM   481 C "C1'" . DG  B 1 12 ? 3.357   11.072  -15.890 1.00 29.95  ? 12 DG  B "C1'" 1 
ATOM   482 N N9    . DG  B 1 12 ? 3.304   11.968  -14.742 1.00 29.50  ? 12 DG  B N9    1 
ATOM   483 C C8    . DG  B 1 12 ? 4.329   12.700  -14.202 1.00 29.40  ? 12 DG  B C8    1 
ATOM   484 N N7    . DG  B 1 12 ? 3.959   13.404  -13.168 1.00 30.93  ? 12 DG  B N7    1 
ATOM   485 C C5    . DG  B 1 12 ? 2.590   13.170  -13.065 1.00 27.00  ? 12 DG  B C5    1 
ATOM   486 C C6    . DG  B 1 12 ? 1.644   13.640  -12.128 1.00 28.42  ? 12 DG  B C6    1 
ATOM   487 O O6    . DG  B 1 12 ? 1.821   14.441  -11.199 1.00 32.20  ? 12 DG  B O6    1 
ATOM   488 N N1    . DG  B 1 12 ? 0.369   13.144  -12.389 1.00 27.25  ? 12 DG  B N1    1 
ATOM   489 C C2    . DG  B 1 12 ? 0.052   12.286  -13.408 1.00 28.54  ? 12 DG  B C2    1 
ATOM   490 N N2    . DG  B 1 12 ? -1.241  11.925  -13.528 1.00 28.19  ? 12 DG  B N2    1 
ATOM   491 N N3    . DG  B 1 12 ? 0.945   11.804  -14.258 1.00 26.51  ? 12 DG  B N3    1 
ATOM   492 C C4    . DG  B 1 12 ? 2.179   12.292  -14.030 1.00 28.33  ? 12 DG  B C4    1 
HETATM 493 O O     . HOH C 2 .  ? 4.701   -5.370  7.936   1.00 41.99  ? 13 HOH A O     1 
HETATM 494 O O     . HOH C 2 .  ? 3.586   -5.610  10.354  1.00 47.58  ? 14 HOH A O     1 
HETATM 495 O O     . HOH C 2 .  ? -4.133  -1.849  6.446   1.00 32.47  ? 15 HOH A O     1 
HETATM 496 O O     . HOH C 2 .  ? 2.248   -5.268  -1.868  1.00 39.80  ? 16 HOH A O     1 
HETATM 497 O O     . HOH C 2 .  ? 5.967   -6.938  0.647   1.00 44.87  ? 17 HOH A O     1 
HETATM 498 O O     . HOH C 2 .  ? 2.238   -3.857  -4.427  1.00 43.19  ? 18 HOH A O     1 
HETATM 499 O O     . HOH C 2 .  ? -0.410  -3.148  -4.469  1.00 46.55  ? 19 HOH A O     1 
HETATM 500 O O     . HOH C 2 .  ? -5.302  -5.512  8.980   1.00 34.68  ? 20 HOH A O     1 
HETATM 501 O O     . HOH C 2 .  ? 4.900   4.365   2.074   1.00 39.64  ? 21 HOH A O     1 
HETATM 502 O O     . HOH C 2 .  ? 8.491   -2.891  1.333   1.00 38.80  ? 22 HOH A O     1 
HETATM 503 O O     . HOH C 2 .  ? 5.144   3.706   -0.698  1.00 34.91  ? 23 HOH A O     1 
HETATM 504 O O     . HOH C 2 .  ? 5.546   1.245   -12.996 1.00 44.44  ? 24 HOH A O     1 
HETATM 505 O O     . HOH C 2 .  ? 4.946   2.520   -10.619 1.00 41.43  ? 25 HOH A O     1 
HETATM 506 O O     . HOH C 2 .  ? 6.725   -4.803  -3.318  1.00 52.05  ? 26 HOH A O     1 
HETATM 507 O O     . HOH C 2 .  ? 8.273   -5.369  0.707   1.00 45.90  ? 27 HOH A O     1 
HETATM 508 O O     . HOH C 2 .  ? 2.589   -1.290  11.416  1.00 51.14  ? 28 HOH A O     1 
HETATM 509 O O     . HOH C 2 .  ? -3.616  0.584   -17.164 1.00 52.01  ? 29 HOH A O     1 
HETATM 510 O O     . HOH C 2 .  ? -1.126  1.184   5.490   1.00 33.08  ? 30 HOH A O     1 
HETATM 511 O O     . HOH C 2 .  ? 5.054   -6.810  -1.920  1.00 62.35  ? 31 HOH A O     1 
HETATM 512 O O     . HOH C 2 .  ? 5.103   -8.177  5.808   1.00 60.59  ? 32 HOH A O     1 
HETATM 513 O O     . HOH C 2 .  ? 3.961   -6.453  2.033   1.00 42.12  ? 33 HOH A O     1 
HETATM 514 O O     . HOH C 2 .  ? 3.873   -3.421  11.987  1.00 52.43  ? 34 HOH A O     1 
HETATM 515 O O     . HOH C 2 .  ? -3.209  -7.099  16.500  1.00 49.32  ? 35 HOH A O     1 
HETATM 516 O O     . HOH C 2 .  ? -6.617  -8.052  16.514  1.00 62.45  ? 36 HOH A O     1 
HETATM 517 O O     . HOH C 2 .  ? -5.429  -4.750  15.683  1.00 64.71  ? 37 HOH A O     1 
HETATM 518 O O     . HOH C 2 .  ? -11.196 -7.691  14.250  0.50 40.07  ? 38 HOH A O     1 
HETATM 519 O O     . HOH C 2 .  ? -10.345 -9.851  15.452  0.50 31.91  ? 39 HOH A O     1 
HETATM 520 O O     . HOH C 2 .  ? -12.383 -4.812  12.737  1.00 78.61  ? 40 HOH A O     1 
HETATM 521 O O     . HOH C 2 .  ? 6.478   5.895   3.652   1.00 50.30  ? 41 HOH A O     1 
HETATM 522 O O     . HOH C 2 .  ? -3.419  2.647   -7.690  1.00 58.61  ? 42 HOH A O     1 
HETATM 523 O O     . HOH C 2 .  ? -4.986  1.388   -10.214 1.00 63.75  ? 43 HOH A O     1 
HETATM 524 O O     . HOH C 2 .  ? -7.909  6.107   -4.961  1.00 79.64  ? 44 HOH A O     1 
HETATM 525 O O     . HOH C 2 .  ? -9.942  9.785   -5.159  1.00 68.79  ? 45 HOH A O     1 
HETATM 526 O O     . HOH C 2 .  ? -1.119  12.576  -6.926  1.00 60.71  ? 46 HOH A O     1 
HETATM 527 O O     . HOH C 2 .  ? -3.409  10.939  -6.898  1.00 47.66  ? 47 HOH A O     1 
HETATM 528 O O     . HOH C 2 .  ? -6.274  0.703   -11.633 1.00 69.74  ? 48 HOH A O     1 
HETATM 529 O O     . HOH C 2 .  ? -1.584  -1.467  -7.599  1.00 65.83  ? 49 HOH A O     1 
HETATM 530 O O     . HOH C 2 .  ? 1.494   -3.627  -8.815  1.00 49.71  ? 50 HOH A O     1 
HETATM 531 O O     . HOH C 2 .  ? 7.017   -4.547  -10.708 1.00 64.85  ? 51 HOH A O     1 
HETATM 532 O O     . HOH C 2 .  ? 9.498   -0.031  -9.460  1.00 73.69  ? 52 HOH A O     1 
HETATM 533 O O     . HOH C 2 .  ? 7.521   4.056   -2.125  1.00 45.08  ? 53 HOH A O     1 
HETATM 534 O O     . HOH C 2 .  ? 8.736   -4.918  -1.789  1.00 54.25  ? 54 HOH A O     1 
HETATM 535 O O     . HOH C 2 .  ? 6.101   2.257   -5.989  1.00 44.47  ? 55 HOH A O     1 
HETATM 536 O O     . HOH C 2 .  ? 7.089   2.318   -8.493  1.00 50.54  ? 56 HOH A O     1 
HETATM 537 O O     . HOH C 2 .  ? 11.623  -3.154  -2.549  1.00 62.29  ? 57 HOH A O     1 
HETATM 538 O O     . HOH C 2 .  ? 9.055   -2.610  3.690   1.00 54.09  ? 58 HOH A O     1 
HETATM 539 O O     . HOH C 2 .  ? 2.286   5.593   9.625   1.00 67.12  ? 59 HOH A O     1 
HETATM 540 O O     . HOH C 2 .  ? -3.674  0.926   6.796   1.00 38.44  ? 60 HOH A O     1 
HETATM 541 O O     . HOH C 2 .  ? -4.820  2.383   8.446   1.00 53.85  ? 61 HOH A O     1 
HETATM 542 O O     . HOH C 2 .  ? -12.553 -14.504 9.559   1.00 46.63  ? 62 HOH A O     1 
HETATM 543 O O     . HOH C 2 .  ? -3.047  4.717   -5.929  1.00 47.29  ? 63 HOH A O     1 
HETATM 544 O O     . HOH C 2 .  ? -6.260  7.162   -7.797  1.00 52.88  ? 64 HOH A O     1 
HETATM 545 O O     . HOH C 2 .  ? 2.986   -5.352  -6.635  1.00 51.23  ? 65 HOH A O     1 
HETATM 546 O O     . HOH C 2 .  ? 9.771   4.773   -1.595  1.00 60.01  ? 66 HOH A O     1 
HETATM 547 O O     . HOH C 2 .  ? 11.715  3.014   -2.161  1.00 58.08  ? 67 HOH A O     1 
HETATM 548 O O     . HOH D 2 .  ? -6.319  -3.053  7.623   1.00 41.52  ? 13 HOH B O     1 
HETATM 549 O O     . HOH D 2 .  ? -2.072  -6.646  -0.904  1.00 43.89  ? 14 HOH B O     1 
HETATM 550 O O     . HOH D 2 .  ? -3.790  -0.253  -3.545  1.00 45.03  ? 15 HOH B O     1 
HETATM 551 O O     . HOH D 2 .  ? 0.742   3.300   5.471   1.00 37.50  ? 16 HOH B O     1 
HETATM 552 O O     . HOH D 2 .  ? 2.470   3.215   3.001   1.00 32.69  ? 17 HOH B O     1 
HETATM 553 O O     . HOH D 2 .  ? -5.597  5.170   0.939   1.00 46.84  ? 18 HOH B O     1 
HETATM 554 O O     . HOH D 2 .  ? -7.582  -0.279  -0.096  1.00 50.44  ? 19 HOH B O     1 
HETATM 555 O O     . HOH D 2 .  ? 2.826   -8.045  3.742   1.00 44.48  ? 20 HOH B O     1 
HETATM 556 O O     . HOH D 2 .  ? -6.692  -0.771  -2.359  1.00 61.73  ? 21 HOH B O     1 
HETATM 557 O O     . HOH D 2 .  ? 0.701   5.490   7.075   1.00 50.39  ? 22 HOH B O     1 
HETATM 558 O O     . HOH D 2 .  ? -8.291  -1.447  8.771   1.00 50.36  ? 23 HOH B O     1 
HETATM 559 O O     . HOH D 2 .  ? 9.380   13.546  -11.961 1.00 83.08  ? 24 HOH B O     1 
HETATM 560 O O     . HOH D 2 .  ? -10.269 -10.088 0.708   1.00 61.15  ? 25 HOH B O     1 
HETATM 561 O O     . HOH D 2 .  ? -4.558  -3.228  -1.548  1.00 40.81  ? 26 HOH B O     1 
HETATM 562 O O     . HOH D 2 .  ? -8.203  -14.521 2.510   1.00 47.63  ? 27 HOH B O     1 
HETATM 563 O O     . HOH D 2 .  ? -1.639  9.299   -4.507  1.00 44.07  ? 28 HOH B O     1 
HETATM 564 O O     . HOH D 2 .  ? -4.094  7.013   -5.875  1.00 45.98  ? 29 HOH B O     1 
HETATM 565 O O     . HOH D 2 .  ? 4.505   -7.708  11.783  1.00 65.36  ? 30 HOH B O     1 
HETATM 566 O O     . HOH D 2 .  ? -1.860  -4.056  -2.257  1.00 43.47  ? 31 HOH B O     1 
HETATM 567 O O     . HOH D 2 .  ? 15.099  11.106  -12.129 1.00 100.57 ? 32 HOH B O     1 
HETATM 568 O O     . HOH D 2 .  ? 10.454  12.935  -4.806  1.00 75.81  ? 33 HOH B O     1 
HETATM 569 O O     . HOH D 2 .  ? -4.954  7.795   1.136   1.00 50.75  ? 34 HOH B O     1 
HETATM 570 O O     . HOH D 2 .  ? 1.977   -7.761  12.612  1.00 56.90  ? 35 HOH B O     1 
HETATM 571 O O     . HOH D 2 .  ? 8.601   9.659   2.001   1.00 70.94  ? 36 HOH B O     1 
HETATM 572 O O     . HOH D 2 .  ? -7.235  -5.267  6.727   1.00 46.23  ? 37 HOH B O     1 
HETATM 573 O O     . HOH D 2 .  ? -6.121  -15.067 0.430   1.00 68.15  ? 38 HOH B O     1 
HETATM 574 O O     . HOH D 2 .  ? -6.795  -4.912  -1.283  1.00 56.78  ? 39 HOH B O     1 
HETATM 575 O O     . HOH D 2 .  ? 0.560   -6.842  -0.312  1.00 46.10  ? 40 HOH B O     1 
HETATM 576 O O     . HOH D 2 .  ? 1.504   -10.713 1.737   1.00 64.02  ? 41 HOH B O     1 
HETATM 577 O O     . HOH D 2 .  ? -10.203 2.399   3.239   1.00 82.00  ? 42 HOH B O     1 
HETATM 578 O O     . HOH D 2 .  ? -8.144  2.318   0.368   1.00 71.70  ? 43 HOH B O     1 
HETATM 579 O O     . HOH D 2 .  ? -7.055  4.619   -1.333  1.00 59.87  ? 44 HOH B O     1 
HETATM 580 O O     . HOH D 2 .  ? -3.928  3.560   -3.635  1.00 79.82  ? 45 HOH B O     1 
HETATM 581 O O     . HOH D 2 .  ? 3.332   11.071  -1.735  1.00 49.84  ? 46 HOH B O     1 
HETATM 582 O O     . HOH D 2 .  ? 5.606   12.065  -3.409  1.00 56.31  ? 47 HOH B O     1 
HETATM 583 O O     . HOH D 2 .  ? 3.540   13.581  -6.920  1.00 58.38  ? 48 HOH B O     1 
HETATM 584 O O     . HOH D 2 .  ? -6.117  7.389   5.765   1.00 83.22  ? 49 HOH B O     1 
HETATM 585 O O     . HOH D 2 .  ? 0.577   11.088  -5.465  1.00 44.47  ? 50 HOH B O     1 
HETATM 586 O O     . HOH D 2 .  ? -6.459  3.923   -3.428  1.00 53.98  ? 51 HOH B O     1 
HETATM 587 O O     . HOH D 2 .  ? -10.031 -4.988  6.941   1.00 49.76  ? 52 HOH B O     1 
HETATM 588 O O     . HOH D 2 .  ? -6.786  11.844  -2.092  1.00 85.04  ? 53 HOH B O     1 
# 
loop_
_atom_site_anisotrop.id 
_atom_site_anisotrop.type_symbol 
_atom_site_anisotrop.pdbx_label_atom_id 
_atom_site_anisotrop.pdbx_label_alt_id 
_atom_site_anisotrop.pdbx_label_comp_id 
_atom_site_anisotrop.pdbx_label_asym_id 
_atom_site_anisotrop.pdbx_label_seq_id 
_atom_site_anisotrop.pdbx_PDB_ins_code 
_atom_site_anisotrop.U[1][1] 
_atom_site_anisotrop.U[2][2] 
_atom_site_anisotrop.U[3][3] 
_atom_site_anisotrop.U[1][2] 
_atom_site_anisotrop.U[1][3] 
_atom_site_anisotrop.U[2][3] 
_atom_site_anisotrop.pdbx_auth_seq_id 
_atom_site_anisotrop.pdbx_auth_comp_id 
_atom_site_anisotrop.pdbx_auth_asym_id 
_atom_site_anisotrop.pdbx_auth_atom_id 
1   O "O5'" . DC  A 1  ? 0.5879 0.6252 0.5677 -0.0167 -0.0215 -0.0642 1  DC  A "O5'" 
2   C "C5'" . DC  A 1  ? 0.5251 0.5865 0.5171 0.0082  0.0260  -0.0129 1  DC  A "C5'" 
3   C "C4'" . DC  A 1  ? 0.5367 0.5187 0.5225 -0.0039 0.0167  -0.0098 1  DC  A "C4'" 
4   O "O4'" . DC  A 1  ? 0.4860 0.4996 0.4683 0.0072  0.0155  -0.0088 1  DC  A "O4'" 
5   C "C3'" . DC  A 1  ? 0.5496 0.5293 0.5410 -0.0155 0.0164  -0.0081 1  DC  A "C3'" 
6   O "O3'" . DC  A 1  ? 0.5958 0.5128 0.6217 -0.0631 0.0346  -0.0386 1  DC  A "O3'" 
7   C "C2'" . DC  A 1  ? 0.4863 0.4513 0.5031 -0.0184 0.0344  -0.0017 1  DC  A "C2'" 
8   C "C1'" . DC  A 1  ? 0.4945 0.4776 0.4720 0.0136  0.0277  -0.0186 1  DC  A "C1'" 
9   N N1    . DC  A 1  ? 0.4642 0.4439 0.4425 0.0421  0.0275  -0.0333 1  DC  A N1    
10  C C2    . DC  A 1  ? 0.4224 0.4218 0.4162 0.0259  0.0392  -0.0094 1  DC  A C2    
11  O O2    . DC  A 1  ? 0.4410 0.4058 0.4173 0.0321  0.0368  -0.0502 1  DC  A O2    
12  N N3    . DC  A 1  ? 0.4229 0.3587 0.4043 -0.0047 0.0378  -0.0273 1  DC  A N3    
13  C C4    . DC  A 1  ? 0.4770 0.4654 0.4571 -0.0252 0.0540  -0.0359 1  DC  A C4    
14  N N4    . DC  A 1  ? 0.4889 0.5036 0.4915 -0.0046 0.0218  -0.0593 1  DC  A N4    
15  C C5    . DC  A 1  ? 0.4916 0.4644 0.4638 0.0037  0.0363  -0.0661 1  DC  A C5    
16  C C6    . DC  A 1  ? 0.4653 0.4696 0.4414 0.0136  0.0240  -0.0466 1  DC  A C6    
17  P P     . DG  A 2  ? 0.5729 0.6090 0.6295 -0.1122 0.0480  -0.0284 2  DG  A P     
18  O OP1   . DG  A 2  ? 0.6017 0.6480 0.6404 -0.0690 0.0145  -0.0380 2  DG  A OP1   
19  O OP2   . DG  A 2  ? 0.5812 0.5045 0.6187 -0.1416 0.0432  -0.0876 2  DG  A OP2   
20  O "O5'" . DG  A 2  ? 0.5925 0.5712 0.6237 -0.1012 0.0376  -0.0475 2  DG  A "O5'" 
21  C "C5'" . DG  A 2  ? 0.5658 0.5973 0.5667 -0.0396 0.0012  0.0096  2  DG  A "C5'" 
22  C "C4'" . DG  A 2  ? 0.5628 0.5546 0.5587 -0.0105 -0.0107 -0.0031 2  DG  A "C4'" 
23  O "O4'" . DG  A 2  ? 0.5576 0.4710 0.4970 -0.0070 -0.0123 0.0463  2  DG  A "O4'" 
24  C "C3'" . DG  A 2  ? 0.5689 0.5479 0.5680 -0.0134 0.0084  -0.0053 2  DG  A "C3'" 
25  O "O3'" . DG  A 2  ? 0.6041 0.5881 0.6660 -0.0232 -0.0036 -0.0224 2  DG  A "O3'" 
26  C "C2'" . DG  A 2  ? 0.5208 0.4685 0.5244 -0.0123 -0.0140 0.0031  2  DG  A "C2'" 
27  C "C1'" . DG  A 2  ? 0.4986 0.4758 0.4748 -0.0121 -0.0183 0.0307  2  DG  A "C1'" 
28  N N9    . DG  A 2  ? 0.4551 0.3952 0.4269 -0.0203 -0.0347 0.0186  2  DG  A N9    
29  C C8    . DG  A 2  ? 0.4483 0.3902 0.4096 -0.0235 -0.0153 0.0313  2  DG  A C8    
30  N N7    . DG  A 2  ? 0.4515 0.4187 0.4398 -0.0287 -0.0307 0.0347  2  DG  A N7    
31  C C5    . DG  A 2  ? 0.4474 0.3431 0.3861 -0.0130 -0.0411 0.0214  2  DG  A C5    
32  C C6    . DG  A 2  ? 0.4598 0.3754 0.4235 -0.0052 -0.0311 0.0436  2  DG  A C6    
33  O O6    . DG  A 2  ? 0.4646 0.3948 0.4232 -0.0293 -0.0427 0.0151  2  DG  A O6    
34  N N1    . DG  A 2  ? 0.4605 0.3443 0.3997 -0.0222 -0.0400 0.0757  2  DG  A N1    
35  C C2    . DG  A 2  ? 0.4755 0.3366 0.4072 -0.0034 -0.0425 0.0715  2  DG  A C2    
36  N N2    . DG  A 2  ? 0.4175 0.3567 0.3536 -0.0263 -0.0392 0.0514  2  DG  A N2    
37  N N3    . DG  A 2  ? 0.4510 0.3178 0.4322 -0.0313 -0.0133 0.0559  2  DG  A N3    
38  C C4    . DG  A 2  ? 0.4842 0.3688 0.4438 -0.0330 -0.0241 0.0399  2  DG  A C4    
39  P P     . DC  A 3  ? 0.6714 0.6067 0.7488 0.0023  0.0143  -0.0399 3  DC  A P     
40  O OP1   . DC  A 3  ? 0.6986 0.6389 0.7721 -0.0167 0.0259  -0.0652 3  DC  A OP1   
41  O OP2   . DC  A 3  ? 0.6831 0.5461 0.7322 0.0165  0.0775  0.0129  3  DC  A OP2   
42  O "O5'" . DC  A 3  ? 0.5975 0.5128 0.6330 -0.0242 0.0047  -0.0031 3  DC  A "O5'" 
43  C "C5'" . DC  A 3  ? 0.5071 0.4557 0.5216 -0.0205 -0.0071 -0.0226 3  DC  A "C5'" 
44  C "C4'" . DC  A 3  ? 0.4994 0.4199 0.4417 -0.0131 -0.0072 -0.0082 3  DC  A "C4'" 
45  O "O4'" . DC  A 3  ? 0.4286 0.3567 0.3974 -0.0656 -0.0464 0.0408  3  DC  A "O4'" 
46  C "C3'" . DC  A 3  ? 0.4923 0.4057 0.4595 -0.0212 -0.0020 0.0047  3  DC  A "C3'" 
47  O "O3'" . DC  A 3  ? 0.5502 0.4176 0.4810 -0.0550 -0.0101 -0.0336 3  DC  A "O3'" 
48  C "C2'" . DC  A 3  ? 0.4903 0.3865 0.4645 0.0033  -0.0352 0.0262  3  DC  A "C2'" 
49  C "C1'" . DC  A 3  ? 0.4567 0.3889 0.4225 0.0063  -0.0380 0.0145  3  DC  A "C1'" 
50  N N1    . DC  A 3  ? 0.4279 0.3608 0.3663 -0.0088 -0.0534 0.0277  3  DC  A N1    
51  C C2    . DC  A 3  ? 0.4109 0.3383 0.3194 -0.0163 -0.0226 0.0553  3  DC  A C2    
52  O O2    . DC  A 3  ? 0.3962 0.3763 0.3956 -0.0238 -0.0375 0.0107  3  DC  A O2    
53  N N3    . DC  A 3  ? 0.4396 0.3175 0.3052 -0.0318 -0.0432 0.0536  3  DC  A N3    
54  C C4    . DC  A 3  ? 0.4397 0.3873 0.3570 -0.0151 -0.0347 0.0400  3  DC  A C4    
55  N N4    . DC  A 3  ? 0.4605 0.3388 0.3636 -0.0033 -0.0583 0.0471  3  DC  A N4    
56  C C5    . DC  A 3  ? 0.4376 0.3644 0.3532 -0.0286 -0.0319 0.0262  3  DC  A C5    
57  C C6    . DC  A 3  ? 0.4118 0.3695 0.3597 0.0008  -0.0207 -0.0114 3  DC  A C6    
58  P P     . DG  A 4  ? 0.6240 0.4141 0.5276 -0.0643 0.0240  -0.0259 4  DG  A P     
59  O OP1   . DG  A 4  ? 0.6809 0.4819 0.5505 -0.0714 0.0179  -0.0597 4  DG  A OP1   
60  O OP2   . DG  A 4  ? 0.6659 0.4316 0.6053 -0.0898 0.0491  -0.0181 4  DG  A OP2   
61  O "O5'" . DG  A 4  ? 0.5852 0.4445 0.5030 -0.0426 0.0220  -0.0118 4  DG  A "O5'" 
62  C "C5'" . DG  A 4  ? 0.5261 0.4415 0.5033 -0.0039 -0.0164 -0.0111 4  DG  A "C5'" 
63  C "C4'" . DG  A 4  ? 0.5420 0.4559 0.4941 -0.0104 0.0001  -0.0274 4  DG  A "C4'" 
64  O "O4'" . DG  A 4  ? 0.5561 0.4241 0.4296 -0.0391 -0.0095 -0.0087 4  DG  A "O4'" 
65  C "C3'" . DG  A 4  ? 0.5410 0.4691 0.4407 -0.0020 -0.0191 -0.0225 4  DG  A "C3'" 
66  O "O3'" . DG  A 4  ? 0.6077 0.4871 0.4508 0.0017  -0.0280 -0.0076 4  DG  A "O3'" 
67  C "C2'" . DG  A 4  ? 0.5193 0.4283 0.3981 -0.0177 -0.0049 0.0125  4  DG  A "C2'" 
68  C "C1'" . DG  A 4  ? 0.4705 0.4020 0.4072 -0.0213 -0.0201 0.0275  4  DG  A "C1'" 
69  N N9    . DG  A 4  ? 0.4396 0.3927 0.3538 -0.0243 -0.0152 0.0417  4  DG  A N9    
70  C C8    . DG  A 4  ? 0.4357 0.3664 0.3542 -0.0245 -0.0256 0.0447  4  DG  A C8    
71  N N7    . DG  A 4  ? 0.4426 0.3780 0.3438 -0.0388 -0.0330 0.0838  4  DG  A N7    
72  C C5    . DG  A 4  ? 0.4177 0.3483 0.3509 -0.0345 -0.0278 0.0808  4  DG  A C5    
73  C C6    . DG  A 4  ? 0.4071 0.3277 0.3366 -0.0221 -0.0123 0.0696  4  DG  A C6    
74  O O6    . DG  A 4  ? 0.4768 0.3498 0.3729 -0.0110 -0.0076 0.0849  4  DG  A O6    
75  N N1    . DG  A 4  ? 0.4638 0.3412 0.3433 -0.0284 -0.0191 0.0524  4  DG  A N1    
76  C C2    . DG  A 4  ? 0.4294 0.3420 0.3527 -0.0215 -0.0353 0.0630  4  DG  A C2    
77  N N2    . DG  A 4  ? 0.4384 0.3711 0.3137 -0.0308 -0.0431 0.0780  4  DG  A N2    
78  N N3    . DG  A 4  ? 0.4490 0.3810 0.3360 -0.0317 -0.0383 0.0809  4  DG  A N3    
79  C C4    . DG  A 4  ? 0.4160 0.3498 0.3399 -0.0478 -0.0207 0.0751  4  DG  A C4    
80  P P     . DA  A 5  ? 0.6809 0.5276 0.5256 0.0035  -0.0142 -0.0539 5  DA  A P     
81  O OP1   . DA  A 5  ? 0.7071 0.5775 0.5777 0.0114  -0.0235 -0.0303 5  DA  A OP1   
82  O OP2   . DA  A 5  ? 0.6784 0.5525 0.5491 -0.0395 0.0099  -0.0407 5  DA  A OP2   
83  O "O5'" . DA  A 5  ? 0.6392 0.5389 0.4492 -0.0040 -0.0097 0.0070  5  DA  A "O5'" 
84  C "C5'" . DA  A 5  ? 0.5482 0.4967 0.4733 0.0122  -0.0174 0.0043  5  DA  A "C5'" 
85  C "C4'" . DA  A 5  ? 0.5188 0.4814 0.4669 0.0070  0.0016  0.0199  5  DA  A "C4'" 
86  O "O4'" . DA  A 5  ? 0.5279 0.4687 0.3826 -0.0007 -0.0021 0.0310  5  DA  A "O4'" 
87  C "C3'" . DA  A 5  ? 0.5309 0.4790 0.4788 -0.0042 -0.0041 0.0027  5  DA  A "C3'" 
88  O "O3'" . DA  A 5  ? 0.5606 0.5372 0.5541 0.0163  -0.0311 0.0280  5  DA  A "O3'" 
89  C "C2'" . DA  A 5  ? 0.5134 0.4543 0.4614 0.0053  0.0076  0.0270  5  DA  A "C2'" 
90  C "C1'" . DA  A 5  ? 0.4988 0.3991 0.3811 -0.0167 -0.0125 0.0156  5  DA  A "C1'" 
91  N N9    . DA  A 5  ? 0.5056 0.3865 0.3437 -0.0246 -0.0185 0.0387  5  DA  A N9    
92  C C8    . DA  A 5  ? 0.4983 0.3805 0.3152 -0.0111 -0.0118 0.0449  5  DA  A C8    
93  N N7    . DA  A 5  ? 0.5446 0.3655 0.3020 -0.0245 -0.0042 0.0036  5  DA  A N7    
94  C C5    . DA  A 5  ? 0.4987 0.3145 0.3023 -0.0312 -0.0441 0.0585  5  DA  A C5    
95  C C6    . DA  A 5  ? 0.5069 0.3431 0.3264 -0.0166 -0.0136 0.0566  5  DA  A C6    
96  N N6    . DA  A 5  ? 0.4743 0.3374 0.3204 -0.0137 -0.0295 0.0622  5  DA  A N6    
97  N N1    . DA  A 5  ? 0.4620 0.3543 0.3199 -0.0325 -0.0255 0.0720  5  DA  A N1    
98  C C2    . DA  A 5  ? 0.5128 0.3518 0.3500 -0.0126 -0.0135 0.0375  5  DA  A C2    
99  N N3    . DA  A 5  ? 0.5469 0.3654 0.3306 0.0040  -0.0314 0.0825  5  DA  A N3    
100 C C4    . DA  A 5  ? 0.5304 0.3468 0.3111 -0.0192 -0.0112 0.0436  5  DA  A C4    
101 P P     . DA  A 6  ? 0.5839 0.5708 0.5448 0.0151  -0.0163 0.0195  6  DA  A P     
102 O OP1   . DA  A 6  ? 0.5570 0.6498 0.5618 -0.0138 -0.0042 0.0079  6  DA  A OP1   
103 O OP2   . DA  A 6  ? 0.5908 0.5619 0.5633 0.0235  -0.0348 -0.0082 6  DA  A OP2   
104 O "O5'" . DA  A 6  ? 0.5643 0.5102 0.4914 -0.0090 -0.0253 0.0207  6  DA  A "O5'" 
105 C "C5'" . DA  A 6  ? 0.4894 0.4942 0.4637 -0.0060 0.0035  0.0307  6  DA  A "C5'" 
106 C "C4'" . DA  A 6  ? 0.4551 0.4574 0.4199 0.0095  -0.0048 0.0284  6  DA  A "C4'" 
107 O "O4'" . DA  A 6  ? 0.4239 0.4399 0.3884 0.0068  0.0205  0.0752  6  DA  A "O4'" 
108 C "C3'" . DA  A 6  ? 0.4238 0.4436 0.3910 0.0060  0.0099  0.0281  6  DA  A "C3'" 
109 O "O3'" . DA  A 6  ? 0.4500 0.4784 0.4008 -0.0119 0.0105  0.0131  6  DA  A "O3'" 
110 C "C2'" . DA  A 6  ? 0.4233 0.3955 0.3421 0.0230  -0.0116 0.0491  6  DA  A "C2'" 
111 C "C1'" . DA  A 6  ? 0.4164 0.4045 0.3615 0.0198  0.0162  0.0422  6  DA  A "C1'" 
112 N N9    . DA  A 6  ? 0.3790 0.3888 0.3279 0.0007  0.0155  0.0461  6  DA  A N9    
113 C C8    . DA  A 6  ? 0.3906 0.3561 0.3674 0.0256  0.0273  0.0446  6  DA  A C8    
114 N N7    . DA  A 6  ? 0.3928 0.3575 0.3351 0.0242  0.0245  0.0549  6  DA  A N7    
115 C C5    . DA  A 6  ? 0.4023 0.3206 0.2949 0.0128  0.0001  0.0662  6  DA  A C5    
116 C C6    . DA  A 6  ? 0.4010 0.3498 0.3506 0.0201  0.0089  0.0546  6  DA  A C6    
117 N N6    . DA  A 6  ? 0.4072 0.3276 0.3048 0.0006  0.0186  0.0676  6  DA  A N6    
118 N N1    . DA  A 6  ? 0.3994 0.3618 0.3600 0.0153  0.0009  0.0627  6  DA  A N1    
119 C C2    . DA  A 6  ? 0.3998 0.3491 0.3495 0.0299  -0.0093 0.0621  6  DA  A C2    
120 N N3    . DA  A 6  ? 0.3684 0.3635 0.3358 0.0224  0.0054  0.0549  6  DA  A N3    
121 C C4    . DA  A 6  ? 0.3968 0.3620 0.3403 0.0267  -0.0068 0.0789  6  DA  A C4    
122 P P     . DT  A 7  ? 0.4378 0.4492 0.4189 -0.0086 -0.0158 0.0200  7  DT  A P     
123 O OP1   . DT  A 7  ? 0.4518 0.4716 0.4350 -0.0098 -0.0627 0.0286  7  DT  A OP1   
124 O OP2   . DT  A 7  ? 0.4877 0.4070 0.3896 0.0354  -0.0086 0.0194  7  DT  A OP2   
125 O "O5'" . DT  A 7  ? 0.4633 0.4204 0.4115 0.0125  -0.0069 0.0301  7  DT  A "O5'" 
126 C "C5'" . DT  A 7  ? 0.4149 0.4003 0.4119 0.0148  -0.0237 0.0169  7  DT  A "C5'" 
127 C "C4'" . DT  A 7  ? 0.4238 0.4178 0.4095 0.0054  -0.0009 0.0062  7  DT  A "C4'" 
128 O "O4'" . DT  A 7  ? 0.3445 0.3996 0.3821 0.0032  0.0042  0.0287  7  DT  A "O4'" 
129 C "C3'" . DT  A 7  ? 0.3934 0.4295 0.4172 0.0053  0.0053  -0.0139 7  DT  A "C3'" 
130 O "O3'" . DT  A 7  ? 0.4335 0.4994 0.5309 -0.0114 -0.0032 -0.0492 7  DT  A "O3'" 
131 C "C2'" . DT  A 7  ? 0.4168 0.4391 0.3986 0.0147  0.0038  0.0100  7  DT  A "C2'" 
132 C "C1'" . DT  A 7  ? 0.4109 0.4070 0.3814 0.0215  0.0094  0.0207  7  DT  A "C1'" 
133 N N1    . DT  A 7  ? 0.3626 0.3657 0.3386 0.0128  0.0075  0.0384  7  DT  A N1    
134 C C2    . DT  A 7  ? 0.3774 0.3458 0.3314 0.0287  -0.0010 0.0474  7  DT  A C2    
135 O O2    . DT  A 7  ? 0.3884 0.3580 0.3853 0.0031  0.0252  0.0439  7  DT  A O2    
136 N N3    . DT  A 7  ? 0.3769 0.3083 0.3228 -0.0093 0.0082  0.0145  7  DT  A N3    
137 C C4    . DT  A 7  ? 0.4015 0.3343 0.3284 0.0011  0.0413  0.0434  7  DT  A C4    
138 O O4    . DT  A 7  ? 0.4477 0.3647 0.3408 0.0005  0.0118  0.0618  7  DT  A O4    
139 C C5    . DT  A 7  ? 0.3884 0.3421 0.3455 0.0060  0.0050  0.0214  7  DT  A C5    
140 C C7    . DT  A 7  ? 0.4153 0.3963 0.3605 0.0032  0.0096  0.0078  7  DT  A C7    
141 C C6    . DT  A 7  ? 0.3661 0.3978 0.2994 0.0188  0.0183  0.0423  7  DT  A C6    
142 P P     . ZDU A 8  ? 0.4827 0.5203 0.5674 -0.0182 -0.0317 -0.1095 8  ZDU A P     
143 O OP1   . ZDU A 8  ? 0.5336 0.5512 0.6500 -0.0358 -0.0226 -0.1130 8  ZDU A OP1   
144 O OP2   . ZDU A 8  ? 0.5359 0.5825 0.5638 0.0342  -0.0607 -0.1262 8  ZDU A OP2   
145 O "O5'" . ZDU A 8  ? 0.4615 0.4883 0.4648 -0.0075 0.0005  -0.0549 8  ZDU A "O5'" 
146 N N1    . ZDU A 8  ? 0.3620 0.3654 0.3641 -0.0143 -0.0054 0.0147  8  ZDU A N1    
147 C C6    . ZDU A 8  ? 0.3959 0.3822 0.3366 -0.0103 0.0007  0.0182  8  ZDU A C6    
148 C C2    . ZDU A 8  ? 0.3568 0.3642 0.3605 0.0061  -0.0132 0.0113  8  ZDU A C2    
149 O O2    . ZDU A 8  ? 0.4202 0.3579 0.3479 0.0155  0.0198  0.0096  8  ZDU A O2    
150 N N3    . ZDU A 8  ? 0.3620 0.3087 0.3142 -0.0010 -0.0194 0.0142  8  ZDU A N3    
151 C C4    . ZDU A 8  ? 0.3670 0.3277 0.3623 -0.0222 0.0146  0.0349  8  ZDU A C4    
152 O O4    . ZDU A 8  ? 0.3897 0.3438 0.3286 -0.0015 0.0111  0.0315  8  ZDU A O4    
153 C C5    . ZDU A 8  ? 0.3763 0.3576 0.3637 -0.0060 0.0084  0.0272  8  ZDU A C5    
154 C C5A   . ZDU A 8  ? 0.4244 0.3822 0.4336 0.0063  -0.0046 0.0265  8  ZDU A C5A   
155 C C5B   . ZDU A 8  ? 0.4364 0.4304 0.4502 0.0199  0.0020  0.0180  8  ZDU A C5B   
156 C C5G   . ZDU A 8  ? 0.5053 0.4618 0.5151 0.0023  0.0183  0.0266  8  ZDU A C5G   
157 N N5D   . ZDU A 8  ? 0.6208 0.5332 0.5327 0.0229  -0.0180 0.0390  8  ZDU A N5D   
158 C "C2'" . ZDU A 8  ? 0.4298 0.4382 0.4374 0.0131  0.0125  0.0037  8  ZDU A "C2'" 
159 C "C5'" . ZDU A 8  ? 0.4046 0.4376 0.4298 -0.0197 -0.0137 -0.0208 8  ZDU A "C5'" 
160 C "C4'" . ZDU A 8  ? 0.4338 0.4397 0.4344 -0.0109 -0.0072 0.0043  8  ZDU A "C4'" 
161 O "O4'" . ZDU A 8  ? 0.4153 0.3820 0.4177 -0.0200 0.0066  0.0282  8  ZDU A "O4'" 
162 C "C1'" . ZDU A 8  ? 0.3709 0.3874 0.3891 -0.0109 0.0220  0.0099  8  ZDU A "C1'" 
163 C "C3'" . ZDU A 8  ? 0.4132 0.4260 0.4387 -0.0088 0.0010  0.0013  8  ZDU A "C3'" 
164 O "O3'" . ZDU A 8  ? 0.4749 0.4532 0.4593 -0.0317 -0.0175 -0.0120 8  ZDU A "O3'" 
165 P P     . DC  A 9  ? 0.5412 0.4914 0.4339 -0.0474 -0.0248 -0.0648 9  DC  A P     
166 O OP1   . DC  A 9  ? 0.5436 0.4880 0.4759 -0.0074 0.0175  -0.0927 9  DC  A OP1   
167 O OP2   . DC  A 9  ? 0.6011 0.5676 0.4443 0.0075  -0.0376 -0.0394 9  DC  A OP2   
168 O "O5'" . DC  A 9  ? 0.4960 0.5212 0.4014 -0.0398 0.0030  -0.0223 9  DC  A "O5'" 
169 C "C5'" . DC  A 9  ? 0.4479 0.4462 0.4070 -0.0040 0.0082  0.0066  9  DC  A "C5'" 
170 C "C4'" . DC  A 9  ? 0.4606 0.3981 0.4140 -0.0198 0.0175  -0.0107 9  DC  A "C4'" 
171 O "O4'" . DC  A 9  ? 0.4548 0.3719 0.3505 -0.0246 0.0160  -0.0239 9  DC  A "O4'" 
172 C "C3'" . DC  A 9  ? 0.4639 0.3985 0.4008 -0.0232 0.0067  -0.0034 9  DC  A "C3'" 
173 O "O3'" . DC  A 9  ? 0.5076 0.3975 0.4154 -0.0215 0.0629  -0.0262 9  DC  A "O3'" 
174 C "C2'" . DC  A 9  ? 0.4593 0.4110 0.3715 -0.0210 0.0130  -0.0187 9  DC  A "C2'" 
175 C "C1'" . DC  A 9  ? 0.4231 0.3767 0.3526 -0.0303 0.0054  -0.0052 9  DC  A "C1'" 
176 N N1    . DC  A 9  ? 0.4196 0.3533 0.3693 -0.0213 0.0041  0.0360  9  DC  A N1    
177 C C2    . DC  A 9  ? 0.3807 0.3680 0.3285 -0.0252 -0.0510 0.0067  9  DC  A C2    
178 O O2    . DC  A 9  ? 0.4037 0.3813 0.3233 -0.0194 -0.0004 0.0166  9  DC  A O2    
179 N N3    . DC  A 9  ? 0.3916 0.3527 0.3271 -0.0064 -0.0076 0.0355  9  DC  A N3    
180 C C4    . DC  A 9  ? 0.4049 0.3214 0.3332 -0.0322 -0.0209 0.0272  9  DC  A C4    
181 N N4    . DC  A 9  ? 0.4277 0.3486 0.3526 0.0087  0.0123  0.0530  9  DC  A N4    
182 C C5    . DC  A 9  ? 0.3868 0.3615 0.3615 -0.0387 0.0057  0.0159  9  DC  A C5    
183 C C6    . DC  A 9  ? 0.3979 0.3689 0.3975 -0.0439 -0.0199 0.0156  9  DC  A C6    
184 P P     . 7GU A 10 ? 0.5646 0.4478 0.4340 -0.0216 0.0490  -0.0349 10 7GU A P     
185 O OP1   . 7GU A 10 ? 0.5976 0.4896 0.5108 -0.0006 0.0868  -0.0532 10 7GU A OP1   
186 O OP2   . 7GU A 10 ? 0.6070 0.4317 0.4663 -0.0558 0.0087  -0.0880 10 7GU A OP2   
187 O "O5'" . 7GU A 10 ? 0.5266 0.4574 0.4322 -0.0221 0.0025  -0.0137 10 7GU A "O5'" 
188 N N9    . 7GU A 10 ? 0.4382 0.3659 0.3832 -0.0279 -0.0078 0.0010  10 7GU A N9    
189 C C4    . 7GU A 10 ? 0.4432 0.3920 0.3862 -0.0153 0.0059  -0.0043 10 7GU A C4    
190 N N3    . 7GU A 10 ? 0.4446 0.3542 0.3739 -0.0275 0.0210  0.0263  10 7GU A N3    
191 C C2    . 7GU A 10 ? 0.4408 0.3668 0.3712 0.0002  0.0177  0.0177  10 7GU A C2    
192 N N2    . 7GU A 10 ? 0.4141 0.3311 0.3285 -0.0139 -0.0069 0.0391  10 7GU A N2    
193 N N1    . 7GU A 10 ? 0.4423 0.3369 0.3674 -0.0133 0.0030  0.0482  10 7GU A N1    
194 C C6    . 7GU A 10 ? 0.4304 0.3635 0.3471 -0.0044 0.0105  0.0534  10 7GU A C6    
195 O O6    . 7GU A 10 ? 0.4447 0.3867 0.3915 -0.0223 0.0184  0.0412  10 7GU A O6    
196 C C5    . 7GU A 10 ? 0.4531 0.3629 0.3916 -0.0108 -0.0053 0.0190  10 7GU A C5    
197 C C7    . 7GU A 10 ? 0.4291 0.3992 0.3875 0.0022  -0.0287 -0.0003 10 7GU A C7    
198 C C8    . 7GU A 10 ? 0.4421 0.3998 0.3877 -0.0199 0.0114  0.0065  10 7GU A C8    
199 C "C2'" . 7GU A 10 ? 0.4642 0.4312 0.3911 -0.0060 0.0187  -0.0489 10 7GU A "C2'" 
200 C "C5'" . 7GU A 10 ? 0.5071 0.4574 0.4672 0.0014  0.0127  -0.0100 10 7GU A "C5'" 
201 C "C4'" . 7GU A 10 ? 0.4868 0.4421 0.4403 -0.0108 0.0256  -0.0082 10 7GU A "C4'" 
202 O "O4'" . 7GU A 10 ? 0.4707 0.4040 0.4212 0.0096  0.0030  0.0133  10 7GU A "O4'" 
203 C "C1'" . 7GU A 10 ? 0.4543 0.4032 0.3685 -0.0077 0.0216  0.0021  10 7GU A "C1'" 
204 C "C3'" . 7GU A 10 ? 0.4769 0.4427 0.4000 -0.0073 0.0374  -0.0336 10 7GU A "C3'" 
205 O "O3'" . 7GU A 10 ? 0.4697 0.3789 0.5388 0.0013  0.0497  -0.0641 10 7GU A "O3'" 
206 P P     . DC  A 11 ? 0.5609 0.4608 0.5591 -0.0596 0.0818  -0.0640 11 DC  A P     
207 O OP1   . DC  A 11 ? 0.5859 0.4872 0.6699 -0.0536 0.0305  -0.0384 11 DC  A OP1   
208 O OP2   . DC  A 11 ? 0.6205 0.5463 0.5543 -0.0703 0.1096  -0.0377 11 DC  A OP2   
209 O "O5'" . DC  A 11 ? 0.5275 0.4357 0.4928 -0.0605 0.0569  -0.0582 11 DC  A "O5'" 
210 C "C5'" . DC  A 11 ? 0.4775 0.4542 0.4752 -0.0283 0.0317  -0.0113 11 DC  A "C5'" 
211 C "C4'" . DC  A 11 ? 0.4725 0.4217 0.4489 -0.0337 0.0214  -0.0036 11 DC  A "C4'" 
212 O "O4'" . DC  A 11 ? 0.4604 0.4369 0.4063 -0.0254 0.0174  0.0345  11 DC  A "O4'" 
213 C "C3'" . DC  A 11 ? 0.4814 0.4327 0.4365 -0.0202 0.0200  0.0031  11 DC  A "C3'" 
214 O "O3'" . DC  A 11 ? 0.5038 0.4674 0.4398 -0.0221 -0.0006 -0.0081 11 DC  A "O3'" 
215 C "C2'" . DC  A 11 ? 0.4300 0.4333 0.3749 -0.0345 0.0212  0.0034  11 DC  A "C2'" 
216 C "C1'" . DC  A 11 ? 0.4498 0.3919 0.4045 -0.0270 0.0075  0.0157  11 DC  A "C1'" 
217 N N1    . DC  A 11 ? 0.4423 0.3518 0.3410 -0.0191 -0.0025 0.0001  11 DC  A N1    
218 C C2    . DC  A 11 ? 0.4611 0.3778 0.3316 -0.0300 -0.0103 0.0278  11 DC  A C2    
219 O O2    . DC  A 11 ? 0.4539 0.3652 0.3409 -0.0351 0.0090  -0.0107 11 DC  A O2    
220 N N3    . DC  A 11 ? 0.4474 0.3648 0.3317 -0.0414 0.0146  0.0558  11 DC  A N3    
221 C C4    . DC  A 11 ? 0.4632 0.4117 0.3683 -0.0198 0.0021  0.0290  11 DC  A C4    
222 N N4    . DC  A 11 ? 0.4811 0.4210 0.3135 -0.0268 -0.0117 0.0191  11 DC  A N4    
223 C C5    . DC  A 11 ? 0.4608 0.3849 0.3350 -0.0103 0.0028  0.0005  11 DC  A C5    
224 C C6    . DC  A 11 ? 0.4449 0.3896 0.3984 -0.0083 0.0137  -0.0041 11 DC  A C6    
225 P P     . DG  A 12 ? 0.5016 0.4899 0.4818 -0.0580 -0.0041 -0.0158 12 DG  A P     
226 O OP1   . DG  A 12 ? 0.5582 0.5028 0.4873 -0.0300 -0.0478 -0.0284 12 DG  A OP1   
227 O OP2   . DG  A 12 ? 0.5053 0.5153 0.5745 -0.0452 0.0160  -0.0076 12 DG  A OP2   
228 O "O5'" . DG  A 12 ? 0.4752 0.4856 0.4830 -0.0316 0.0169  0.0071  12 DG  A "O5'" 
229 C "C5'" . DG  A 12 ? 0.4401 0.4593 0.4178 -0.0288 0.0195  0.0078  12 DG  A "C5'" 
230 C "C4'" . DG  A 12 ? 0.4319 0.4527 0.4070 -0.0345 0.0061  0.0220  12 DG  A "C4'" 
231 O "O4'" . DG  A 12 ? 0.4361 0.4316 0.3964 -0.0194 0.0184  0.0407  12 DG  A "O4'" 
232 C "C3'" . DG  A 12 ? 0.4748 0.4574 0.4262 -0.0145 0.0138  0.0001  12 DG  A "C3'" 
233 O "O3'" . DG  A 12 ? 0.5062 0.4571 0.4784 -0.0339 -0.0168 -0.0076 12 DG  A "O3'" 
234 C "C2'" . DG  A 12 ? 0.4689 0.4428 0.4054 -0.0181 0.0078  0.0134  12 DG  A "C2'" 
235 C "C1'" . DG  A 12 ? 0.4375 0.4306 0.3616 -0.0485 -0.0009 0.0407  12 DG  A "C1'" 
236 N N9    . DG  A 12 ? 0.4735 0.4373 0.3720 -0.0626 -0.0166 0.0602  12 DG  A N9    
237 C C8    . DG  A 12 ? 0.4597 0.4351 0.3663 -0.0617 0.0076  0.0572  12 DG  A C8    
238 N N7    . DG  A 12 ? 0.4786 0.4571 0.3446 -0.0537 -0.0228 0.0350  12 DG  A N7    
239 C C5    . DG  A 12 ? 0.4828 0.4220 0.3702 -0.0533 -0.0221 0.0626  12 DG  A C5    
240 C C6    . DG  A 12 ? 0.4506 0.4011 0.3637 -0.0596 -0.0323 0.0481  12 DG  A C6    
241 O O6    . DG  A 12 ? 0.4961 0.4413 0.3726 -0.0817 -0.0380 0.0593  12 DG  A O6    
242 N N1    . DG  A 12 ? 0.4487 0.4290 0.3622 -0.0702 -0.0181 0.0591  12 DG  A N1    
243 C C2    . DG  A 12 ? 0.4554 0.4187 0.3429 -0.0649 -0.0049 0.0548  12 DG  A C2    
244 N N2    . DG  A 12 ? 0.4373 0.4423 0.3551 -0.0764 -0.0143 0.0606  12 DG  A N2    
245 N N3    . DG  A 12 ? 0.4779 0.4453 0.3117 -0.0490 -0.0164 0.0717  12 DG  A N3    
246 C C4    . DG  A 12 ? 0.4675 0.4076 0.3502 -0.0516 -0.0228 0.0578  12 DG  A C4    
247 O "O5'" . DC  B 1  ? 0.7582 0.7850 0.7797 0.0026  -0.0262 0.0110  1  DC  B "O5'" 
248 C "C5'" . DC  B 1  ? 0.7297 0.7531 0.7477 -0.0030 -0.0212 0.0001  1  DC  B "C5'" 
249 C "C4'" . DC  B 1  ? 0.7174 0.7430 0.7408 -0.0031 -0.0109 -0.0071 1  DC  B "C4'" 
250 O "O4'" . DC  B 1  ? 0.6739 0.7299 0.7113 0.0024  -0.0378 -0.0066 1  DC  B "O4'" 
251 C "C3'" . DC  B 1  ? 0.7033 0.7443 0.7227 -0.0083 -0.0189 -0.0196 1  DC  B "C3'" 
252 O "O3'" . DC  B 1  ? 0.6965 0.7836 0.7398 -0.0212 -0.0262 -0.0403 1  DC  B "O3'" 
253 C "C2'" . DC  B 1  ? 0.6926 0.7095 0.7073 0.0004  -0.0204 -0.0031 1  DC  B "C2'" 
254 C "C1'" . DC  B 1  ? 0.6446 0.6719 0.6679 -0.0188 -0.0208 0.0092  1  DC  B "C1'" 
255 N N1    . DC  B 1  ? 0.5932 0.6305 0.6186 -0.0267 -0.0386 0.0274  1  DC  B N1    
256 C C2    . DC  B 1  ? 0.5856 0.6169 0.5775 -0.0309 -0.0337 0.0401  1  DC  B C2    
257 O O2    . DC  B 1  ? 0.5250 0.6188 0.5563 -0.0422 -0.0705 0.0198  1  DC  B O2    
258 N N3    . DC  B 1  ? 0.5520 0.6022 0.5112 -0.0139 -0.0886 0.0602  1  DC  B N3    
259 C C4    . DC  B 1  ? 0.6048 0.6312 0.6219 -0.0152 -0.0448 0.0163  1  DC  B C4    
260 N N4    . DC  B 1  ? 0.5978 0.6279 0.5990 -0.0339 -0.0667 0.0106  1  DC  B N4    
261 C C5    . DC  B 1  ? 0.5993 0.6321 0.6203 -0.0223 -0.0418 0.0083  1  DC  B C5    
262 C C6    . DC  B 1  ? 0.6191 0.6437 0.6305 -0.0150 -0.0201 0.0063  1  DC  B C6    
263 P P     . DG  B 2  ? 0.6826 0.7855 0.7051 -0.0076 -0.0285 -0.0512 2  DG  B P     
264 O OP1   . DG  B 2  ? 0.6575 0.7644 0.6735 -0.0464 -0.0515 -0.0352 2  DG  B OP1   
265 O OP2   . DG  B 2  ? 0.6649 0.7681 0.7136 -0.0706 -0.0428 -0.0624 2  DG  B OP2   
266 O "O5'" . DG  B 2  ? 0.6137 0.6902 0.6307 -0.0059 -0.0358 -0.0297 2  DG  B "O5'" 
267 C "C5'" . DG  B 2  ? 0.5616 0.6025 0.5655 0.0104  0.0030  -0.0128 2  DG  B "C5'" 
268 C "C4'" . DG  B 2  ? 0.5469 0.5523 0.5364 0.0127  0.0117  0.0020  2  DG  B "C4'" 
269 O "O4'" . DG  B 2  ? 0.5287 0.4422 0.4972 -0.0017 0.0382  0.0323  2  DG  B "O4'" 
270 C "C3'" . DG  B 2  ? 0.5193 0.5221 0.5216 0.0214  0.0235  0.0127  2  DG  B "C3'" 
271 O "O3'" . DG  B 2  ? 0.5617 0.5543 0.5586 0.0508  0.0280  0.0051  2  DG  B "O3'" 
272 C "C2'" . DG  B 2  ? 0.4981 0.5114 0.4973 0.0068  0.0143  0.0049  2  DG  B "C2'" 
273 C "C1'" . DG  B 2  ? 0.4306 0.4494 0.4284 -0.0004 0.0141  0.0207  2  DG  B "C1'" 
274 N N9    . DG  B 2  ? 0.4170 0.4206 0.4377 -0.0218 -0.0090 0.0202  2  DG  B N9    
275 C C8    . DG  B 2  ? 0.4247 0.4223 0.4287 -0.0026 -0.0059 0.0053  2  DG  B C8    
276 N N7    . DG  B 2  ? 0.4309 0.4142 0.4486 -0.0151 -0.0214 0.0033  2  DG  B N7    
277 C C5    . DG  B 2  ? 0.3859 0.4037 0.3723 -0.0157 -0.0049 0.0283  2  DG  B C5    
278 C C6    . DG  B 2  ? 0.4011 0.3536 0.3498 -0.0005 -0.0090 0.0447  2  DG  B C6    
279 O O6    . DG  B 2  ? 0.4158 0.4004 0.4013 -0.0362 -0.0149 0.0182  2  DG  B O6    
280 N N1    . DG  B 2  ? 0.4115 0.3822 0.3677 -0.0116 0.0071  0.0390  2  DG  B N1    
281 C C2    . DG  B 2  ? 0.4007 0.3767 0.3622 -0.0096 0.0123  0.0185  2  DG  B C2    
282 N N2    . DG  B 2  ? 0.3593 0.3753 0.3560 -0.0565 -0.0037 0.0353  2  DG  B N2    
283 N N3    . DG  B 2  ? 0.3802 0.3957 0.3873 -0.0159 0.0008  0.0341  2  DG  B N3    
284 C C4    . DG  B 2  ? 0.4036 0.3892 0.4022 -0.0120 -0.0154 0.0117  2  DG  B C4    
285 P P     . DC  B 3  ? 0.6230 0.6212 0.5358 0.0266  0.0234  0.0012  3  DC  B P     
286 O OP1   . DC  B 3  ? 0.6889 0.5469 0.6321 0.0351  0.0015  -0.0607 3  DC  B OP1   
287 O OP2   . DC  B 3  ? 0.5943 0.6666 0.5900 0.0477  0.0384  -0.0504 3  DC  B OP2   
288 O "O5'" . DC  B 3  ? 0.5161 0.5281 0.5354 0.0507  0.0349  -0.0157 3  DC  B "O5'" 
289 C "C5'" . DC  B 3  ? 0.4929 0.4533 0.4476 0.0054  0.0127  0.0031  3  DC  B "C5'" 
290 C "C4'" . DC  B 3  ? 0.4402 0.4538 0.3953 0.0045  0.0250  0.0201  3  DC  B "C4'" 
291 O "O4'" . DC  B 3  ? 0.4166 0.4123 0.4045 -0.0190 0.0549  0.0401  3  DC  B "O4'" 
292 C "C3'" . DC  B 3  ? 0.4592 0.4331 0.4165 0.0102  0.0164  0.0199  3  DC  B "C3'" 
293 O "O3'" . DC  B 3  ? 0.4950 0.5172 0.4112 0.0061  -0.0071 0.0187  3  DC  B "O3'" 
294 C "C2'" . DC  B 3  ? 0.4929 0.4591 0.4553 0.0054  -0.0011 0.0268  3  DC  B "C2'" 
295 C "C1'" . DC  B 3  ? 0.4519 0.4163 0.4204 0.0072  0.0240  0.0128  3  DC  B "C1'" 
296 N N1    . DC  B 3  ? 0.4208 0.3932 0.4081 -0.0095 0.0131  0.0157  3  DC  B N1    
297 C C2    . DC  B 3  ? 0.4194 0.3160 0.3298 0.0038  0.0310  0.0398  3  DC  B C2    
298 O O2    . DC  B 3  ? 0.3879 0.3805 0.3829 -0.0007 0.0024  0.0197  3  DC  B O2    
299 N N3    . DC  B 3  ? 0.4167 0.3260 0.3610 -0.0150 0.0271  0.0430  3  DC  B N3    
300 C C4    . DC  B 3  ? 0.4068 0.3608 0.4124 0.0032  0.0195  0.0204  3  DC  B C4    
301 N N4    . DC  B 3  ? 0.4152 0.4000 0.4622 -0.0194 -0.0109 0.0179  3  DC  B N4    
302 C C5    . DC  B 3  ? 0.4010 0.4151 0.4576 -0.0143 0.0128  -0.0027 3  DC  B C5    
303 C C6    . DC  B 3  ? 0.4480 0.4035 0.4293 0.0077  0.0159  0.0107  3  DC  B C6    
304 P P     . DG  B 4  ? 0.5469 0.5702 0.4029 -0.0070 0.0169  0.0245  4  DG  B P     
305 O OP1   . DG  B 4  ? 0.5656 0.6276 0.4897 -0.0025 -0.0310 -0.0141 4  DG  B OP1   
306 O OP2   . DG  B 4  ? 0.5039 0.6064 0.4134 0.0277  0.0357  0.0189  4  DG  B OP2   
307 O "O5'" . DG  B 4  ? 0.5044 0.4975 0.3957 -0.0308 0.0077  0.0012  4  DG  B "O5'" 
308 C "C5'" . DG  B 4  ? 0.4461 0.4382 0.3790 -0.0030 -0.0220 -0.0048 4  DG  B "C5'" 
309 C "C4'" . DG  B 4  ? 0.4518 0.4532 0.3660 -0.0008 -0.0207 -0.0099 4  DG  B "C4'" 
310 O "O4'" . DG  B 4  ? 0.4572 0.3906 0.3565 -0.0417 0.0066  -0.0115 4  DG  B "O4'" 
311 C "C3'" . DG  B 4  ? 0.4472 0.4469 0.3353 -0.0190 0.0017  -0.0040 4  DG  B "C3'" 
312 O "O3'" . DG  B 4  ? 0.4776 0.5039 0.3478 0.0004  -0.0125 -0.0201 4  DG  B "O3'" 
313 C "C2'" . DG  B 4  ? 0.4379 0.4299 0.2958 -0.0251 0.0164  -0.0048 4  DG  B "C2'" 
314 C "C1'" . DG  B 4  ? 0.4460 0.3898 0.3435 -0.0097 0.0050  0.0081  4  DG  B "C1'" 
315 N N9    . DG  B 4  ? 0.4048 0.3358 0.3327 -0.0118 0.0252  0.0266  4  DG  B N9    
316 C C8    . DG  B 4  ? 0.4291 0.3615 0.3512 -0.0237 0.0225  0.0105  4  DG  B C8    
317 N N7    . DG  B 4  ? 0.4628 0.3475 0.3282 -0.0086 0.0242  0.0466  4  DG  B N7    
318 C C5    . DG  B 4  ? 0.4152 0.3063 0.3005 -0.0035 0.0188  0.0268  4  DG  B C5    
319 C C6    . DG  B 4  ? 0.4217 0.3320 0.3111 -0.0208 0.0067  0.0515  4  DG  B C6    
320 O O6    . DG  B 4  ? 0.4062 0.3448 0.3091 -0.0127 0.0218  0.0439  4  DG  B O6    
321 N N1    . DG  B 4  ? 0.3928 0.3305 0.3176 -0.0196 0.0075  0.0487  4  DG  B N1    
322 C C2    . DG  B 4  ? 0.4142 0.3333 0.3170 -0.0166 0.0174  0.0348  4  DG  B C2    
323 N N2    . DG  B 4  ? 0.4141 0.3269 0.3253 -0.0269 0.0191  0.0241  4  DG  B N2    
324 N N3    . DG  B 4  ? 0.3957 0.3351 0.3121 -0.0202 0.0215  0.0263  4  DG  B N3    
325 C C4    . DG  B 4  ? 0.4359 0.3177 0.3585 -0.0091 0.0181  0.0377  4  DG  B C4    
326 P P     . DA  B 5  ? 0.4474 0.5278 0.4020 -0.0063 -0.0373 0.0205  5  DA  B P     
327 O OP1   . DA  B 5  ? 0.4160 0.5796 0.4594 0.0001  -0.0174 0.0078  5  DA  B OP1   
328 O OP2   . DA  B 5  ? 0.4492 0.5828 0.4026 0.0039  -0.0074 0.0554  5  DA  B OP2   
329 O "O5'" . DA  B 5  ? 0.4397 0.4700 0.3826 -0.0243 -0.0081 0.0118  5  DA  B "O5'" 
330 C "C5'" . DA  B 5  ? 0.3582 0.4326 0.4089 -0.0137 -0.0076 0.0195  5  DA  B "C5'" 
331 C "C4'" . DA  B 5  ? 0.4007 0.4546 0.4096 -0.0219 -0.0110 0.0309  5  DA  B "C4'" 
332 O "O4'" . DA  B 5  ? 0.3846 0.4328 0.4128 -0.0087 -0.0447 0.0630  5  DA  B "O4'" 
333 C "C3'" . DA  B 5  ? 0.3913 0.4439 0.4432 -0.0206 -0.0041 0.0166  5  DA  B "C3'" 
334 O "O3'" . DA  B 5  ? 0.4661 0.4957 0.5065 -0.0184 -0.0302 0.0234  5  DA  B "O3'" 
335 C "C2'" . DA  B 5  ? 0.3795 0.4253 0.4339 -0.0213 -0.0270 0.0259  5  DA  B "C2'" 
336 C "C1'" . DA  B 5  ? 0.3678 0.3838 0.3774 -0.0246 -0.0159 0.0312  5  DA  B "C1'" 
337 N N9    . DA  B 5  ? 0.3917 0.3696 0.3677 -0.0091 0.0009  0.0321  5  DA  B N9    
338 C C8    . DA  B 5  ? 0.3794 0.3608 0.3481 0.0016  -0.0174 0.0304  5  DA  B C8    
339 N N7    . DA  B 5  ? 0.3654 0.3734 0.3397 -0.0166 0.0064  0.0118  5  DA  B N7    
340 C C5    . DA  B 5  ? 0.3757 0.3516 0.2909 -0.0262 0.0047  0.0508  5  DA  B C5    
341 C C6    . DA  B 5  ? 0.3633 0.3421 0.2670 -0.0097 -0.0049 0.0536  5  DA  B C6    
342 N N6    . DA  B 5  ? 0.3784 0.3095 0.3180 -0.0135 0.0006  0.0501  5  DA  B N6    
343 N N1    . DA  B 5  ? 0.3693 0.3437 0.3291 -0.0195 -0.0132 0.0305  5  DA  B N1    
344 C C2    . DA  B 5  ? 0.3872 0.3561 0.3590 -0.0162 -0.0050 0.0230  5  DA  B C2    
345 N N3    . DA  B 5  ? 0.3963 0.3380 0.3424 -0.0203 -0.0042 0.0377  5  DA  B N3    
346 C C4    . DA  B 5  ? 0.3539 0.3144 0.2966 -0.0141 -0.0267 0.0483  5  DA  B C4    
347 P P     . DA  B 6  ? 0.4678 0.5059 0.5629 -0.0007 -0.0331 0.0337  6  DA  B P     
348 O OP1   . DA  B 6  ? 0.4835 0.5447 0.5693 0.0069  -0.0159 0.0011  6  DA  B OP1   
349 O OP2   . DA  B 6  ? 0.4497 0.4900 0.5042 -0.0240 -0.0555 -0.0375 6  DA  B OP2   
350 O "O5'" . DA  B 6  ? 0.4746 0.4413 0.5047 -0.0403 -0.0279 0.0219  6  DA  B "O5'" 
351 C "C5'" . DA  B 6  ? 0.4541 0.4607 0.4872 0.0040  -0.0061 0.0113  6  DA  B "C5'" 
352 C "C4'" . DA  B 6  ? 0.4416 0.4330 0.4649 -0.0055 0.0075  0.0309  6  DA  B "C4'" 
353 O "O4'" . DA  B 6  ? 0.4187 0.3835 0.4175 0.0037  0.0398  0.0484  6  DA  B "O4'" 
354 C "C3'" . DA  B 6  ? 0.4242 0.4462 0.4708 0.0057  0.0182  0.0245  6  DA  B "C3'" 
355 O "O3'" . DA  B 6  ? 0.4928 0.4276 0.5359 0.0419  0.0241  0.0222  6  DA  B "O3'" 
356 C "C2'" . DA  B 6  ? 0.4232 0.3934 0.4404 -0.0083 0.0159  0.0346  6  DA  B "C2'" 
357 C "C1'" . DA  B 6  ? 0.3878 0.3833 0.3866 -0.0086 0.0197  0.0432  6  DA  B "C1'" 
358 N N9    . DA  B 6  ? 0.3766 0.3674 0.3811 -0.0014 0.0043  0.0497  6  DA  B N9    
359 C C8    . DA  B 6  ? 0.3540 0.3598 0.3686 -0.0080 0.0059  0.0568  6  DA  B C8    
360 N N7    . DA  B 6  ? 0.3544 0.3843 0.3906 -0.0002 0.0083  0.0857  6  DA  B N7    
361 C C5    . DA  B 6  ? 0.3611 0.3343 0.3245 -0.0162 0.0049  0.0750  6  DA  B C5    
362 C C6    . DA  B 6  ? 0.3887 0.3674 0.3476 -0.0112 0.0086  0.0847  6  DA  B C6    
363 N N6    . DA  B 6  ? 0.4031 0.3557 0.2993 0.0010  -0.0017 0.0698  6  DA  B N6    
364 N N1    . DA  B 6  ? 0.3592 0.3204 0.3224 0.0064  0.0030  0.0702  6  DA  B N1    
365 C C2    . DA  B 6  ? 0.3661 0.3588 0.3648 -0.0034 0.0107  0.0613  6  DA  B C2    
366 N N3    . DA  B 6  ? 0.3545 0.3752 0.3651 -0.0081 0.0131  0.0442  6  DA  B N3    
367 C C4    . DA  B 6  ? 0.3811 0.3409 0.3870 -0.0030 0.0020  0.0615  6  DA  B C4    
368 P P     . DT  B 7  ? 0.5625 0.4425 0.5830 0.0556  0.0160  -0.0197 7  DT  B P     
369 O OP1   . DT  B 7  ? 0.5716 0.5397 0.6140 0.0677  0.0458  -0.0128 7  DT  B OP1   
370 O OP2   . DT  B 7  ? 0.5204 0.5035 0.6312 0.0213  -0.0129 0.0233  7  DT  B OP2   
371 O "O5'" . DT  B 7  ? 0.5043 0.4017 0.5340 0.0010  -0.0047 0.0107  7  DT  B "O5'" 
372 C "C5'" . DT  B 7  ? 0.5056 0.4588 0.4940 0.0153  0.0063  -0.0015 7  DT  B "C5'" 
373 C "C4'" . DT  B 7  ? 0.4781 0.4007 0.4457 -0.0113 0.0164  -0.0097 7  DT  B "C4'" 
374 O "O4'" . DT  B 7  ? 0.4952 0.4022 0.4106 0.0064  0.0234  0.0188  7  DT  B "O4'" 
375 C "C3'" . DT  B 7  ? 0.5107 0.4468 0.4606 -0.0031 0.0233  0.0145  7  DT  B "C3'" 
376 O "O3'" . DT  B 7  ? 0.5481 0.4616 0.5272 -0.0312 0.0300  0.0117  7  DT  B "O3'" 
377 C "C2'" . DT  B 7  ? 0.5251 0.4328 0.4515 0.0073  0.0189  0.0272  7  DT  B "C2'" 
378 C "C1'" . DT  B 7  ? 0.4610 0.4039 0.4093 0.0097  0.0180  0.0316  7  DT  B "C1'" 
379 N N1    . DT  B 7  ? 0.3922 0.3495 0.3463 0.0114  0.0073  0.0557  7  DT  B N1    
380 C C2    . DT  B 7  ? 0.3993 0.3495 0.3774 0.0110  0.0117  0.0494  7  DT  B C2    
381 O O2    . DT  B 7  ? 0.4005 0.3520 0.3599 -0.0033 -0.0001 0.0272  7  DT  B O2    
382 N N3    . DT  B 7  ? 0.3877 0.3225 0.3715 0.0219  -0.0060 0.0616  7  DT  B N3    
383 C C4    . DT  B 7  ? 0.4212 0.3779 0.3492 -0.0086 -0.0072 0.0523  7  DT  B C4    
384 O O4    . DT  B 7  ? 0.4312 0.3659 0.3287 0.0087  -0.0058 0.0610  7  DT  B O4    
385 C C5    . DT  B 7  ? 0.4216 0.3587 0.3642 0.0040  -0.0315 0.0270  7  DT  B C5    
386 C C7    . DT  B 7  ? 0.4303 0.4042 0.4147 -0.0029 -0.0218 0.0151  7  DT  B C7    
387 C C6    . DT  B 7  ? 0.4033 0.3365 0.3763 -0.0093 0.0246  0.0345  7  DT  B C6    
388 P P     . ZDU B 8  ? 0.6138 0.4942 0.5628 -0.0374 0.0032  -0.0406 8  ZDU B P     
389 O OP1   . ZDU B 8  ? 0.6420 0.5828 0.6237 -0.0312 -0.0035 -0.0721 8  ZDU B OP1   
390 O OP2   . ZDU B 8  ? 0.5426 0.4794 0.5996 0.0036  0.0160  -0.0245 8  ZDU B OP2   
391 O "O5'" . ZDU B 8  ? 0.5200 0.4626 0.5022 -0.0248 0.0404  -0.0293 8  ZDU B "O5'" 
392 N N1    . ZDU B 8  ? 0.4549 0.3556 0.4008 -0.0272 0.0041  0.0329  8  ZDU B N1    
393 C C6    . ZDU B 8  ? 0.4139 0.3338 0.3719 -0.0315 0.0293  0.0232  8  ZDU B C6    
394 C C2    . ZDU B 8  ? 0.4307 0.3493 0.3634 0.0108  0.0112  0.0273  8  ZDU B C2    
395 O O2    . ZDU B 8  ? 0.4260 0.3292 0.3564 -0.0232 -0.0277 0.0579  8  ZDU B O2    
396 N N3    . ZDU B 8  ? 0.4284 0.3100 0.3844 -0.0240 -0.0003 0.0399  8  ZDU B N3    
397 C C4    . ZDU B 8  ? 0.4475 0.3879 0.3219 -0.0108 0.0074  0.0439  8  ZDU B C4    
398 O O4    . ZDU B 8  ? 0.4536 0.3470 0.3963 -0.0347 -0.0405 0.0704  8  ZDU B O4    
399 C C5    . ZDU B 8  ? 0.4482 0.3555 0.3754 -0.0076 0.0013  0.0297  8  ZDU B C5    
400 C C5A   . ZDU B 8  ? 0.4665 0.4261 0.4286 -0.0166 -0.0011 0.0282  8  ZDU B C5A   
401 C C5B   . ZDU B 8  ? 0.4623 0.4615 0.4555 0.0074  -0.0017 0.0275  8  ZDU B C5B   
402 C C5G   . ZDU B 8  ? 0.4905 0.5045 0.4956 0.0079  0.0022  0.0299  8  ZDU B C5G   
403 N N5D   . ZDU B 8  ? 0.5079 0.5376 0.5331 0.0206  -0.0141 0.0473  8  ZDU B N5D   
404 C "C2'" . ZDU B 8  ? 0.4975 0.3566 0.4260 -0.0135 -0.0034 0.0340  8  ZDU B "C2'" 
405 C "C5'" . ZDU B 8  ? 0.5230 0.4472 0.4785 -0.0232 0.0052  0.0050  8  ZDU B "C5'" 
406 C "C4'" . ZDU B 8  ? 0.4919 0.4374 0.4834 0.0020  -0.0096 0.0014  8  ZDU B "C4'" 
407 O "O4'" . ZDU B 8  ? 0.4971 0.3591 0.4197 0.0132  -0.0470 0.0261  8  ZDU B "O4'" 
408 C "C1'" . ZDU B 8  ? 0.4601 0.4061 0.4225 -0.0086 0.0006  0.0222  8  ZDU B "C1'" 
409 C "C3'" . ZDU B 8  ? 0.4955 0.4747 0.4668 -0.0022 0.0004  0.0211  8  ZDU B "C3'" 
410 O "O3'" . ZDU B 8  ? 0.5487 0.4903 0.4864 -0.0666 0.0159  0.0454  8  ZDU B "O3'" 
411 P P     . DC  B 9  ? 0.5518 0.5242 0.6121 -0.0693 -0.0433 -0.0340 9  DC  B P     
412 O OP1   . DC  B 9  ? 0.6055 0.6044 0.6215 -0.0484 -0.0667 -0.0465 9  DC  B OP1   
413 O OP2   . DC  B 9  ? 0.5531 0.5099 0.6515 -0.0727 -0.0631 -0.0466 9  DC  B OP2   
414 O "O5'" . DC  B 9  ? 0.5596 0.5258 0.5651 -0.0315 -0.0291 -0.0331 9  DC  B "O5'" 
415 C "C5'" . DC  B 9  ? 0.5454 0.5151 0.5254 -0.0077 -0.0113 0.0117  9  DC  B "C5'" 
416 C "C4'" . DC  B 9  ? 0.5083 0.4943 0.4707 -0.0079 -0.0152 -0.0074 9  DC  B "C4'" 
417 O "O4'" . DC  B 9  ? 0.4976 0.4272 0.4082 -0.0454 -0.0089 0.0228  9  DC  B "O4'" 
418 C "C3'" . DC  B 9  ? 0.5318 0.5325 0.4760 -0.0112 -0.0117 -0.0093 9  DC  B "C3'" 
419 O "O3'" . DC  B 9  ? 0.5673 0.5774 0.4972 -0.0635 -0.0418 0.0070  9  DC  B "O3'" 
420 C "C2'" . DC  B 9  ? 0.5038 0.5064 0.4869 -0.0280 -0.0191 0.0181  9  DC  B "C2'" 
421 C "C1'" . DC  B 9  ? 0.5082 0.4375 0.4309 -0.0147 -0.0271 0.0232  9  DC  B "C1'" 
422 N N1    . DC  B 9  ? 0.4483 0.3784 0.3676 -0.0379 -0.0133 0.0407  9  DC  B N1    
423 C C2    . DC  B 9  ? 0.4802 0.3603 0.3729 -0.0151 -0.0377 0.0472  9  DC  B C2    
424 O O2    . DC  B 9  ? 0.4603 0.3572 0.3874 -0.0339 -0.0506 0.0355  9  DC  B O2    
425 N N3    . DC  B 9  ? 0.4663 0.3267 0.3518 -0.0495 -0.0288 0.0485  9  DC  B N3    
426 C C4    . DC  B 9  ? 0.4818 0.3653 0.3816 -0.0012 -0.0328 0.0311  9  DC  B C4    
427 N N4    . DC  B 9  ? 0.4752 0.3356 0.4050 -0.0276 -0.0432 0.0683  9  DC  B N4    
428 C C5    . DC  B 9  ? 0.4501 0.3704 0.3687 -0.0082 -0.0337 0.0461  9  DC  B C5    
429 C C6    . DC  B 9  ? 0.4672 0.3707 0.4076 -0.0322 -0.0183 0.0351  9  DC  B C6    
430 P P     . 7GU B 10 ? 0.6031 0.6572 0.5460 -0.1048 0.0158  -0.0407 10 7GU B P     
431 O OP1   . 7GU B 10 ? 0.6067 0.6762 0.5807 -0.0537 -0.0498 0.0082  10 7GU B OP1   
432 O OP2   . 7GU B 10 ? 0.5933 0.6072 0.5739 -0.1128 -0.0059 -0.0681 10 7GU B OP2   
433 O "O5'" . 7GU B 10 ? 0.5140 0.5702 0.5421 -0.0829 -0.0184 -0.0243 10 7GU B "O5'" 
434 N N9    . 7GU B 10 ? 0.4615 0.4279 0.3866 -0.0431 -0.0277 0.0455  10 7GU B N9    
435 C C4    . 7GU B 10 ? 0.4438 0.3427 0.4046 -0.0533 -0.0464 0.0427  10 7GU B C4    
436 N N3    . 7GU B 10 ? 0.4762 0.3595 0.3531 -0.0466 -0.0397 0.0691  10 7GU B N3    
437 C C2    . 7GU B 10 ? 0.4241 0.3349 0.3624 -0.0343 -0.0343 0.0640  10 7GU B C2    
438 N N2    . 7GU B 10 ? 0.4531 0.3691 0.3374 -0.0407 -0.0311 0.0674  10 7GU B N2    
439 N N1    . 7GU B 10 ? 0.4697 0.3476 0.3601 -0.0362 -0.0523 0.0869  10 7GU B N1    
440 C C6    . 7GU B 10 ? 0.4409 0.3371 0.3735 -0.0410 -0.0154 0.0765  10 7GU B C6    
441 O O6    . 7GU B 10 ? 0.4822 0.3677 0.3940 -0.0373 -0.0331 0.0725  10 7GU B O6    
442 C C5    . 7GU B 10 ? 0.4564 0.3772 0.3686 -0.0339 -0.0446 0.0604  10 7GU B C5    
443 C C7    . 7GU B 10 ? 0.4634 0.3864 0.4100 -0.0272 -0.0303 0.0540  10 7GU B C7    
444 C C8    . 7GU B 10 ? 0.4422 0.3854 0.4038 -0.0362 -0.0475 0.0479  10 7GU B C8    
445 C "C2'" . 7GU B 10 ? 0.5000 0.4750 0.5304 -0.0323 -0.0256 0.0083  10 7GU B "C2'" 
446 C "C5'" . 7GU B 10 ? 0.5429 0.5628 0.5184 -0.0325 -0.0167 -0.0153 10 7GU B "C5'" 
447 C "C4'" . 7GU B 10 ? 0.5355 0.5368 0.4950 -0.0219 -0.0189 0.0027  10 7GU B "C4'" 
448 O "O4'" . 7GU B 10 ? 0.5391 0.4843 0.4755 -0.0325 -0.0484 0.0290  10 7GU B "O4'" 
449 C "C1'" . 7GU B 10 ? 0.4858 0.4153 0.4472 -0.0357 -0.0360 0.0386  10 7GU B "C1'" 
450 C "C3'" . 7GU B 10 ? 0.5119 0.5214 0.5091 -0.0393 -0.0181 -0.0077 10 7GU B "C3'" 
451 O "O3'" . 7GU B 10 ? 0.5871 0.5834 0.5395 -0.0570 -0.0299 -0.0162 10 7GU B "O3'" 
452 P P     . DC  B 11 ? 0.5064 0.5970 0.6101 -0.0879 -0.0234 -0.0075 11 DC  B P     
453 O OP1   . DC  B 11 ? 0.5820 0.6359 0.6029 -0.0650 -0.0340 -0.0289 11 DC  B OP1   
454 O OP2   . DC  B 11 ? 0.6365 0.6065 0.5638 -0.0638 0.0031  -0.0462 11 DC  B OP2   
455 O "O5'" . DC  B 11 ? 0.5381 0.5648 0.5848 -0.0155 -0.0221 0.0043  11 DC  B "O5'" 
456 C "C5'" . DC  B 11 ? 0.5404 0.5301 0.5668 0.0028  -0.0341 0.0225  11 DC  B "C5'" 
457 C "C4'" . DC  B 11 ? 0.5314 0.5082 0.5398 -0.0182 -0.0305 0.0255  11 DC  B "C4'" 
458 O "O4'" . DC  B 11 ? 0.5492 0.4856 0.5833 0.0008  -0.0513 0.0713  11 DC  B "O4'" 
459 C "C3'" . DC  B 11 ? 0.5083 0.4895 0.5173 -0.0099 -0.0450 0.0467  11 DC  B "C3'" 
460 O "O3'" . DC  B 11 ? 0.4985 0.5717 0.5864 0.0051  -0.0689 0.1330  11 DC  B "O3'" 
461 C "C2'" . DC  B 11 ? 0.5309 0.5388 0.5294 0.0041  -0.0277 0.0350  11 DC  B "C2'" 
462 C "C1'" . DC  B 11 ? 0.4778 0.4531 0.5227 -0.0242 -0.0436 0.0547  11 DC  B "C1'" 
463 N N1    . DC  B 11 ? 0.5110 0.4368 0.5108 -0.0182 -0.0540 0.0595  11 DC  B N1    
464 C C2    . DC  B 11 ? 0.4557 0.4205 0.4734 -0.0203 -0.0408 0.0845  11 DC  B C2    
465 O O2    . DC  B 11 ? 0.4424 0.3979 0.5077 -0.0414 -0.0850 0.0739  11 DC  B O2    
466 N N3    . DC  B 11 ? 0.4848 0.4431 0.4669 -0.0358 -0.0437 0.1082  11 DC  B N3    
467 C C4    . DC  B 11 ? 0.4787 0.4135 0.4763 -0.0538 -0.0263 0.0758  11 DC  B C4    
468 N N4    . DC  B 11 ? 0.4805 0.4022 0.5005 -0.0381 -0.0374 0.0957  11 DC  B N4    
469 C C5    . DC  B 11 ? 0.4453 0.4118 0.4620 -0.0337 -0.0726 0.0547  11 DC  B C5    
470 C C6    . DC  B 11 ? 0.4670 0.4209 0.4362 -0.0299 -0.0305 0.0442  11 DC  B C6    
471 P P     . DG  B 12 ? 0.5449 0.6251 0.5957 -0.0050 -0.0669 0.1664  12 DG  B P     
472 O OP1   . DG  B 12 ? 0.5167 0.6997 0.6597 0.0258  -0.0738 0.1330  12 DG  B OP1   
473 O OP2   . DG  B 12 ? 0.5624 0.5897 0.6471 -0.0092 -0.1562 0.1385  12 DG  B OP2   
474 O "O5'" . DG  B 12 ? 0.4220 0.5250 0.4820 -0.0023 -0.0497 0.1187  12 DG  B "O5'" 
475 C "C5'" . DG  B 12 ? 0.4499 0.4416 0.3878 -0.0005 0.0154  0.0373  12 DG  B "C5'" 
476 C "C4'" . DG  B 12 ? 0.4145 0.4034 0.3395 -0.0048 0.0044  0.0353  12 DG  B "C4'" 
477 O "O4'" . DG  B 12 ? 0.4362 0.3933 0.3197 0.0054  0.0031  0.0270  12 DG  B "O4'" 
478 C "C3'" . DG  B 12 ? 0.4219 0.3982 0.3336 0.0081  0.0038  0.0109  12 DG  B "C3'" 
479 O "O3'" . DG  B 12 ? 0.4976 0.3996 0.3055 -0.0049 -0.0291 0.0103  12 DG  B "O3'" 
480 C "C2'" . DG  B 12 ? 0.4165 0.3523 0.3483 0.0141  -0.0513 0.0228  12 DG  B "C2'" 
481 C "C1'" . DG  B 12 ? 0.4087 0.3704 0.3586 0.0022  -0.0009 0.0112  12 DG  B "C1'" 
482 N N9    . DG  B 12 ? 0.4046 0.3694 0.3467 0.0014  -0.0288 0.0204  12 DG  B N9    
483 C C8    . DG  B 12 ? 0.3999 0.3560 0.3608 -0.0082 -0.0093 0.0246  12 DG  B C8    
484 N N7    . DG  B 12 ? 0.4175 0.3528 0.4049 -0.0064 0.0147  0.0219  12 DG  B N7    
485 C C5    . DG  B 12 ? 0.3637 0.3189 0.3430 -0.0020 -0.0232 0.0195  12 DG  B C5    
486 C C6    . DG  B 12 ? 0.3754 0.3239 0.3805 0.0129  -0.0323 0.0157  12 DG  B C6    
487 O O6    . DG  B 12 ? 0.4486 0.4102 0.3645 0.0076  -0.0211 0.0038  12 DG  B O6    
488 N N1    . DG  B 12 ? 0.3698 0.3153 0.3503 0.0145  0.0065  0.0401  12 DG  B N1    
489 C C2    . DG  B 12 ? 0.3911 0.3398 0.3533 -0.0194 0.0165  0.0318  12 DG  B C2    
490 N N2    . DG  B 12 ? 0.4154 0.3230 0.3324 -0.0084 -0.0003 0.0465  12 DG  B N2    
491 N N3    . DG  B 12 ? 0.4102 0.2858 0.3111 0.0036  -0.0021 0.0385  12 DG  B N3    
492 C C4    . DG  B 12 ? 0.4026 0.3420 0.3315 -0.0002 -0.0034 0.0199  12 DG  B C4    
493 O O     . HOH C .  ? 0.4271 0.6991 0.4689 -0.0355 -0.0141 0.0289  13 HOH A O     
494 O O     . HOH C .  ? 0.5449 0.7211 0.5417 -0.0422 -0.0807 -0.0865 14 HOH A O     
495 O O     . HOH C .  ? 0.4194 0.4026 0.4115 -0.0289 -0.0237 0.0193  15 HOH A O     
496 O O     . HOH C .  ? 0.4793 0.4428 0.5899 -0.0444 0.1040  -0.0757 16 HOH A O     
497 O O     . HOH C .  ? 0.6406 0.4210 0.6432 -0.0169 0.0238  0.0061  17 HOH A O     
498 O O     . HOH C .  ? 0.6511 0.5114 0.4782 -0.1348 0.0573  -0.0458 18 HOH A O     
499 O O     . HOH C .  ? 0.7677 0.4319 0.5691 -0.0858 -0.0319 -0.0017 19 HOH A O     
500 O O     . HOH C .  ? 0.4156 0.4808 0.4213 -0.0136 0.0536  -0.0501 20 HOH A O     
501 O O     . HOH C .  ? 0.5090 0.4693 0.5278 -0.0341 -0.0973 -0.0281 21 HOH A O     
502 O O     . HOH C .  ? 0.4396 0.4516 0.5827 0.0331  0.0166  0.0974  22 HOH A O     
503 O O     . HOH C .  ? 0.4924 0.4414 0.3923 -0.0085 -0.0174 0.0099  23 HOH A O     
504 O O     . HOH C .  ? 0.6595 0.5243 0.5045 0.0333  -0.0690 0.0260  24 HOH A O     
505 O O     . HOH C .  ? 0.6136 0.5631 0.3971 0.0436  -0.0061 0.0927  25 HOH A O     
506 O O     . HOH C .  ? 0.5370 0.8623 0.5784 0.0097  0.1335  0.0478  26 HOH A O     
507 O O     . HOH C .  ? 0.6237 0.5637 0.5563 -0.0332 0.0192  0.0281  27 HOH A O     
508 O O     . HOH C .  ? 0.7057 0.7537 0.4835 -0.1116 -0.2361 -0.0454 28 HOH A O     
509 O O     . HOH C .  ? 0.7770 0.6030 0.5960 -0.0717 -0.1564 -0.0623 29 HOH A O     
510 O O     . HOH C .  ? 0.4540 0.4069 0.3957 -0.0209 0.0636  -0.0285 30 HOH A O     
511 O O     . HOH C .  ? 0.7924 0.6187 0.9574 -0.1197 0.1894  -0.1859 31 HOH A O     
512 O O     . HOH C .  ? 0.5484 0.7091 1.0442 0.1386  0.0005  0.0704  32 HOH A O     
513 O O     . HOH C .  ? 0.5464 0.4717 0.5821 0.0587  0.0712  -0.0376 33 HOH A O     
514 O O     . HOH C .  ? 0.7422 0.7103 0.5395 -0.1689 -0.2216 -0.0101 34 HOH A O     
515 O O     . HOH C .  ? 0.7271 0.6945 0.4522 -0.1203 -0.0605 -0.0157 35 HOH A O     
516 O O     . HOH C .  ? 1.1191 0.6901 0.5634 -0.0108 0.1634  -0.1278 36 HOH A O     
517 O O     . HOH C .  ? 1.0769 0.7231 0.6583 -0.1440 0.1806  0.0829  37 HOH A O     
518 O O     . HOH C .  ? 0.5106 0.4996 0.5121 -0.0030 0.0951  0.0041  38 HOH A O     
519 O O     . HOH C .  ? 0.5433 0.3276 0.3414 -0.0528 0.0402  -0.0403 39 HOH A O     
520 O O     . HOH C .  ? 0.8270 0.6920 1.4677 0.1899  0.1649  0.4215  40 HOH A O     
521 O O     . HOH C .  ? 0.5845 0.5923 0.7343 -0.1400 -0.1185 0.1683  41 HOH A O     
522 O O     . HOH C .  ? 0.8939 0.6990 0.6340 -0.0543 0.2651  0.1062  42 HOH A O     
523 O O     . HOH C .  ? 0.5390 0.9197 0.9632 -0.0526 0.0339  0.2553  43 HOH A O     
524 O O     . HOH C .  ? 0.5610 1.3218 1.1431 -0.0886 0.1974  0.2926  44 HOH A O     
525 O O     . HOH C .  ? 1.1507 0.5835 0.8794 -0.0919 0.0419  0.1220  45 HOH A O     
526 O O     . HOH C .  ? 0.9262 0.8653 0.5153 0.0786  -0.1641 -0.1245 46 HOH A O     
527 O O     . HOH C .  ? 0.7546 0.6030 0.4532 -0.0209 -0.0888 -0.0042 47 HOH A O     
528 O O     . HOH C .  ? 1.0298 0.5547 1.0654 -0.0880 -0.0779 0.0827  48 HOH A O     
529 O O     . HOH C .  ? 0.8584 0.6541 0.9887 -0.1243 0.1618  0.1724  49 HOH A O     
530 O O     . HOH C .  ? 0.7887 0.4564 0.6433 -0.0276 0.0359  -0.1258 50 HOH A O     
531 O O     . HOH C .  ? 0.7600 0.8652 0.8386 0.1509  -0.1577 -0.0467 51 HOH A O     
532 O O     . HOH C .  ? 0.9341 0.8735 0.9921 -0.1616 0.4531  -0.1766 52 HOH A O     
533 O O     . HOH C .  ? 0.5365 0.5550 0.6213 0.0127  -0.0335 0.1309  53 HOH A O     
534 O O     . HOH C .  ? 0.5561 0.7086 0.7964 0.0841  0.0018  0.1477  54 HOH A O     
535 O O     . HOH C .  ? 0.6440 0.4450 0.6004 0.0089  -0.0622 0.0234  55 HOH A O     
536 O O     . HOH C .  ? 0.6022 0.6224 0.6955 -0.1194 -0.0810 0.0991  56 HOH A O     
537 O O     . HOH C .  ? 1.0407 0.6622 0.6638 0.2501  0.0958  -0.0239 57 HOH A O     
538 O O     . HOH C .  ? 0.6628 0.7941 0.5981 0.0584  0.0188  -0.0263 58 HOH A O     
539 O O     . HOH C .  ? 1.3278 0.4593 0.7629 -0.1557 -0.1094 0.0052  59 HOH A O     
540 O O     . HOH C .  ? 0.4823 0.4288 0.5492 0.0082  0.0700  -0.0183 60 HOH A O     
541 O O     . HOH C .  ? 0.8887 0.6038 0.5532 0.0678  0.1247  0.0033  61 HOH A O     
542 O O     . HOH C .  ? 0.5788 0.5934 0.5992 -0.1696 -0.1090 0.0008  62 HOH A O     
543 O O     . HOH C .  ? 0.5992 0.5030 0.6945 -0.0653 0.0271  0.0385  63 HOH A O     
544 O O     . HOH C .  ? 0.5936 0.6907 0.7244 -0.0380 -0.1942 0.0967  64 HOH A O     
545 O O     . HOH C .  ? 0.6836 0.7231 0.5398 -0.2203 0.0340  -0.0832 65 HOH A O     
546 O O     . HOH C .  ? 0.4562 0.7673 1.0564 -0.0486 -0.0814 0.1190  66 HOH A O     
547 O O     . HOH C .  ? 0.7421 0.6155 0.8490 -0.1065 -0.0269 0.1398  67 HOH A O     
548 O O     . HOH D .  ? 0.5599 0.4645 0.5531 -0.0524 0.0691  0.0223  13 HOH B O     
549 O O     . HOH D .  ? 0.5221 0.6268 0.5187 -0.0414 0.1386  -0.0403 14 HOH B O     
550 O O     . HOH D .  ? 0.4564 0.6447 0.6096 0.0019  -0.1061 -0.0181 15 HOH B O     
551 O O     . HOH D .  ? 0.5515 0.4413 0.4321 -0.0409 -0.0503 0.0148  16 HOH B O     
552 O O     . HOH D .  ? 0.5084 0.3791 0.3546 0.0156  -0.0054 -0.0062 17 HOH B O     
553 O O     . HOH D .  ? 0.5728 0.5410 0.6658 0.1204  0.0466  -0.0092 18 HOH B O     
554 O O     . HOH D .  ? 0.5826 0.6507 0.6833 0.0681  -0.1270 0.1019  19 HOH B O     
555 O O     . HOH D .  ? 0.5126 0.4947 0.6826 -0.0077 0.1370  -0.0139 20 HOH B O     
556 O O     . HOH D .  ? 0.8782 0.6044 0.8628 -0.1330 -0.2476 0.1626  21 HOH B O     
557 O O     . HOH D .  ? 0.8350 0.4495 0.6301 -0.0726 0.0405  -0.1028 22 HOH B O     
558 O O     . HOH D .  ? 0.5989 0.6562 0.6582 0.0326  0.0060  0.0241  23 HOH B O     
559 O O     . HOH D .  ? 1.6821 0.7265 0.7481 -0.0274 0.0705  0.0907  24 HOH B O     
560 O O     . HOH D .  ? 0.8046 0.9007 0.6178 -0.2024 -0.1314 0.1103  25 HOH B O     
561 O O     . HOH D .  ? 0.5609 0.5190 0.4705 -0.0371 -0.0270 -0.1220 26 HOH B O     
562 O O     . HOH D .  ? 0.6174 0.6385 0.5536 -0.0613 -0.1782 -0.0748 27 HOH B O     
563 O O     . HOH D .  ? 0.6936 0.3925 0.5884 0.0219  0.1155  0.0674  28 HOH B O     
564 O O     . HOH D .  ? 0.5684 0.6592 0.5193 0.0097  0.0478  -0.0309 29 HOH B O     
565 O O     . HOH D .  ? 0.9088 0.7317 0.8428 0.0360  0.1485  -0.0120 30 HOH B O     
566 O O     . HOH D .  ? 0.6589 0.5130 0.4798 -0.0807 0.0286  0.0025  31 HOH B O     
567 O O     . HOH D .  ? 1.1700 1.4183 1.2328 -0.5089 -0.4808 0.5851  32 HOH B O     
568 O O     . HOH D .  ? 1.1267 0.9895 0.7640 -0.4616 -0.2540 0.1800  33 HOH B O     
569 O O     . HOH D .  ? 0.7501 0.4923 0.6858 0.1239  0.0536  0.0529  34 HOH B O     
570 O O     . HOH D .  ? 0.6759 0.7682 0.7178 -0.1746 -0.1168 0.1838  35 HOH B O     
571 O O     . HOH D .  ? 0.9357 0.8613 0.8983 0.1995  0.0773  -0.0823 36 HOH B O     
572 O O     . HOH D .  ? 0.8350 0.5155 0.4058 0.1158  -0.0126 -0.0671 37 HOH B O     
573 O O     . HOH D .  ? 1.1110 0.6834 0.7948 -0.2876 0.1250  0.0131  38 HOH B O     
574 O O     . HOH D .  ? 0.6956 0.8551 0.6066 0.0296  -0.1352 0.2123  39 HOH B O     
575 O O     . HOH D .  ? 0.8195 0.4897 0.4422 -0.0429 0.1555  -0.0452 40 HOH B O     
576 O O     . HOH D .  ? 0.6127 1.0861 0.7335 0.0749  0.1685  0.2953  41 HOH B O     
577 O O     . HOH D .  ? 0.8662 0.7625 1.4866 0.1224  -0.2595 0.1441  42 HOH B O     
578 O O     . HOH D .  ? 0.5633 0.8815 1.2797 0.0758  0.0646  -0.0005 43 HOH B O     
579 O O     . HOH D .  ? 0.7609 0.6443 0.8694 0.1115  -0.1493 0.0698  44 HOH B O     
580 O O     . HOH D .  ? 1.3718 0.8340 0.8270 -0.1082 0.3650  0.1516  45 HOH B O     
581 O O     . HOH D .  ? 0.7681 0.4032 0.7221 -0.0099 -0.0845 -0.0782 46 HOH B O     
582 O O     . HOH D .  ? 1.0186 0.5683 0.5523 -0.0312 -0.0877 -0.0972 47 HOH B O     
583 O O     . HOH D .  ? 0.9690 0.6179 0.6310 -0.0713 -0.1099 0.0841  48 HOH B O     
584 O O     . HOH D .  ? 1.3399 0.9219 0.9000 0.2999  -0.4296 -0.1494 49 HOH B O     
585 O O     . HOH D .  ? 0.5569 0.5175 0.6153 -0.0190 -0.0329 -0.1389 50 HOH B O     
586 O O     . HOH D .  ? 0.6669 0.6488 0.7353 0.0530  -0.0505 0.0271  51 HOH B O     
587 O O     . HOH D .  ? 0.6211 0.6188 0.6507 0.0570  0.0661  0.0480  52 HOH B O     
588 O O     . HOH D .  ? 1.4786 0.5983 1.1539 -0.1084 0.2499  0.0576  53 HOH B O     
# 
loop_
_pdbx_poly_seq_scheme.asym_id 
_pdbx_poly_seq_scheme.entity_id 
_pdbx_poly_seq_scheme.seq_id 
_pdbx_poly_seq_scheme.mon_id 
_pdbx_poly_seq_scheme.ndb_seq_num 
_pdbx_poly_seq_scheme.pdb_seq_num 
_pdbx_poly_seq_scheme.auth_seq_num 
_pdbx_poly_seq_scheme.pdb_mon_id 
_pdbx_poly_seq_scheme.auth_mon_id 
_pdbx_poly_seq_scheme.pdb_strand_id 
_pdbx_poly_seq_scheme.pdb_ins_code 
_pdbx_poly_seq_scheme.hetero 
A 1 1  DC  1  1  1  DC  C   A . n 
A 1 2  DG  2  2  2  DG  G   A . n 
A 1 3  DC  3  3  3  DC  C   A . n 
A 1 4  DG  4  4  4  DG  G   A . n 
A 1 5  DA  5  5  5  DA  A   A . n 
A 1 6  DA  6  6  6  DA  A   A . n 
A 1 7  DT  7  7  7  DT  T   A . n 
A 1 8  ZDU 8  8  8  ZDU TZ  A . n 
A 1 9  DC  9  9  9  DC  C   A . n 
A 1 10 7GU 10 10 10 7GU 7DG A . n 
A 1 11 DC  11 11 11 DC  C   A . n 
A 1 12 DG  12 12 12 DG  G   A . n 
B 1 1  DC  1  1  13 DC  C   B . n 
B 1 2  DG  2  2  14 DG  G   B . n 
B 1 3  DC  3  3  15 DC  C   B . n 
B 1 4  DG  4  4  16 DG  G   B . n 
B 1 5  DA  5  5  17 DA  A   B . n 
B 1 6  DA  6  6  18 DA  A   B . n 
B 1 7  DT  7  7  19 DT  T   B . n 
B 1 8  ZDU 8  8  20 ZDU TZ  B . n 
B 1 9  DC  9  9  21 DC  C   B . n 
B 1 10 7GU 10 10 22 7GU 7DG B . n 
B 1 11 DC  11 11 23 DC  C   B . n 
B 1 12 DG  12 12 24 DG  G   B . n 
# 
loop_
_pdbx_nonpoly_scheme.asym_id 
_pdbx_nonpoly_scheme.entity_id 
_pdbx_nonpoly_scheme.mon_id 
_pdbx_nonpoly_scheme.ndb_seq_num 
_pdbx_nonpoly_scheme.pdb_seq_num 
_pdbx_nonpoly_scheme.auth_seq_num 
_pdbx_nonpoly_scheme.pdb_mon_id 
_pdbx_nonpoly_scheme.auth_mon_id 
_pdbx_nonpoly_scheme.pdb_strand_id 
_pdbx_nonpoly_scheme.pdb_ins_code 
C 2 HOH 1  13 101 HOH HOH A . 
C 2 HOH 2  14 103 HOH HOH A . 
C 2 HOH 3  15 104 HOH HOH A . 
C 2 HOH 4  16 107 HOH HOH A . 
C 2 HOH 5  17 108 HOH HOH A . 
C 2 HOH 6  18 109 HOH HOH A . 
C 2 HOH 7  19 110 HOH HOH A . 
C 2 HOH 8  20 112 HOH HOH A . 
C 2 HOH 9  21 115 HOH HOH A . 
C 2 HOH 10 22 118 HOH HOH A . 
C 2 HOH 11 23 119 HOH HOH A . 
C 2 HOH 12 24 121 HOH HOH A . 
C 2 HOH 13 25 122 HOH HOH A . 
C 2 HOH 14 26 123 HOH HOH A . 
C 2 HOH 15 27 124 HOH HOH A . 
C 2 HOH 16 28 127 HOH HOH A . 
C 2 HOH 17 29 130 HOH HOH A . 
C 2 HOH 18 30 131 HOH HOH A . 
C 2 HOH 19 31 136 HOH HOH A . 
C 2 HOH 20 32 147 HOH HOH A . 
C 2 HOH 21 33 148 HOH HOH A . 
C 2 HOH 22 34 150 HOH HOH A . 
C 2 HOH 23 35 151 HOH HOH A . 
C 2 HOH 24 36 152 HOH HOH A . 
C 2 HOH 25 37 153 HOH HOH A . 
C 2 HOH 26 38 154 HOH HOH A . 
C 2 HOH 27 39 155 HOH HOH A . 
C 2 HOH 28 40 157 HOH HOH A . 
C 2 HOH 29 41 159 HOH HOH A . 
C 2 HOH 30 42 167 HOH HOH A . 
C 2 HOH 31 43 168 HOH HOH A . 
C 2 HOH 32 44 169 HOH HOH A . 
C 2 HOH 33 45 173 HOH HOH A . 
C 2 HOH 34 46 176 HOH HOH A . 
C 2 HOH 35 47 177 HOH HOH A . 
C 2 HOH 36 48 180 HOH HOH A . 
C 2 HOH 37 49 181 HOH HOH A . 
C 2 HOH 38 50 182 HOH HOH A . 
C 2 HOH 39 51 183 HOH HOH A . 
C 2 HOH 40 52 184 HOH HOH A . 
C 2 HOH 41 53 185 HOH HOH A . 
C 2 HOH 42 54 186 HOH HOH A . 
C 2 HOH 43 55 187 HOH HOH A . 
C 2 HOH 44 56 188 HOH HOH A . 
C 2 HOH 45 57 189 HOH HOH A . 
C 2 HOH 46 58 190 HOH HOH A . 
C 2 HOH 47 59 193 HOH HOH A . 
C 2 HOH 48 60 194 HOH HOH A . 
C 2 HOH 49 61 195 HOH HOH A . 
C 2 HOH 50 62 197 HOH HOH A . 
C 2 HOH 51 63 206 HOH HOH A . 
C 2 HOH 52 64 212 HOH HOH A . 
C 2 HOH 53 65 214 HOH HOH A . 
C 2 HOH 54 66 216 HOH HOH A . 
C 2 HOH 55 67 217 HOH HOH A . 
D 2 HOH 1  13 105 HOH HOH B . 
D 2 HOH 2  14 106 HOH HOH B . 
D 2 HOH 3  15 111 HOH HOH B . 
D 2 HOH 4  16 113 HOH HOH B . 
D 2 HOH 5  17 114 HOH HOH B . 
D 2 HOH 6  18 116 HOH HOH B . 
D 2 HOH 7  19 117 HOH HOH B . 
D 2 HOH 8  20 120 HOH HOH B . 
D 2 HOH 9  21 125 HOH HOH B . 
D 2 HOH 10 22 126 HOH HOH B . 
D 2 HOH 11 23 128 HOH HOH B . 
D 2 HOH 12 24 129 HOH HOH B . 
D 2 HOH 13 25 133 HOH HOH B . 
D 2 HOH 14 26 137 HOH HOH B . 
D 2 HOH 15 27 138 HOH HOH B . 
D 2 HOH 16 28 141 HOH HOH B . 
D 2 HOH 17 29 142 HOH HOH B . 
D 2 HOH 18 30 149 HOH HOH B . 
D 2 HOH 19 31 166 HOH HOH B . 
D 2 HOH 20 32 174 HOH HOH B . 
D 2 HOH 21 33 175 HOH HOH B . 
D 2 HOH 22 34 178 HOH HOH B . 
D 2 HOH 23 35 179 HOH HOH B . 
D 2 HOH 24 36 191 HOH HOH B . 
D 2 HOH 25 37 196 HOH HOH B . 
D 2 HOH 26 38 198 HOH HOH B . 
D 2 HOH 27 39 199 HOH HOH B . 
D 2 HOH 28 40 200 HOH HOH B . 
D 2 HOH 29 41 201 HOH HOH B . 
D 2 HOH 30 42 202 HOH HOH B . 
D 2 HOH 31 43 203 HOH HOH B . 
D 2 HOH 32 44 204 HOH HOH B . 
D 2 HOH 33 45 205 HOH HOH B . 
D 2 HOH 34 46 207 HOH HOH B . 
D 2 HOH 35 47 208 HOH HOH B . 
D 2 HOH 36 48 209 HOH HOH B . 
D 2 HOH 37 49 210 HOH HOH B . 
D 2 HOH 38 50 211 HOH HOH B . 
D 2 HOH 39 51 213 HOH HOH B . 
D 2 HOH 40 52 215 HOH HOH B . 
D 2 HOH 41 53 218 HOH HOH B . 
# 
loop_
_pdbx_struct_mod_residue.id 
_pdbx_struct_mod_residue.label_asym_id 
_pdbx_struct_mod_residue.label_comp_id 
_pdbx_struct_mod_residue.label_seq_id 
_pdbx_struct_mod_residue.auth_asym_id 
_pdbx_struct_mod_residue.auth_comp_id 
_pdbx_struct_mod_residue.auth_seq_id 
_pdbx_struct_mod_residue.PDB_ins_code 
_pdbx_struct_mod_residue.parent_comp_id 
_pdbx_struct_mod_residue.details 
1 A ZDU 8  A ZDU 8  ? DU ? 
2 A 7GU 10 A 7GU 10 ? DG ? 
3 B ZDU 8  B ZDU 8  ? DU ? 
4 B 7GU 10 B 7GU 10 ? DG ? 
# 
_pdbx_struct_assembly.id                   1 
_pdbx_struct_assembly.details              author_and_software_defined_assembly 
_pdbx_struct_assembly.method_details       PISA 
_pdbx_struct_assembly.oligomeric_details   dimeric 
_pdbx_struct_assembly.oligomeric_count     2 
# 
_pdbx_struct_assembly_gen.assembly_id       1 
_pdbx_struct_assembly_gen.oper_expression   1 
_pdbx_struct_assembly_gen.asym_id_list      A,B,C,D 
# 
loop_
_pdbx_struct_assembly_prop.biol_id 
_pdbx_struct_assembly_prop.type 
_pdbx_struct_assembly_prop.value 
_pdbx_struct_assembly_prop.details 
1 'ABSA (A^2)' 3600 ? 
1 MORE         21.5 ? 
1 'SSA (A^2)'  4130 ? 
# 
_pdbx_struct_oper_list.id                   1 
_pdbx_struct_oper_list.type                 'identity operation' 
_pdbx_struct_oper_list.name                 1_555 
_pdbx_struct_oper_list.symmetry_operation   x,y,z 
_pdbx_struct_oper_list.matrix[1][1]         1.0000000000 
_pdbx_struct_oper_list.matrix[1][2]         0.0000000000 
_pdbx_struct_oper_list.matrix[1][3]         0.0000000000 
_pdbx_struct_oper_list.vector[1]            0.0000000000 
_pdbx_struct_oper_list.matrix[2][1]         0.0000000000 
_pdbx_struct_oper_list.matrix[2][2]         1.0000000000 
_pdbx_struct_oper_list.matrix[2][3]         0.0000000000 
_pdbx_struct_oper_list.vector[2]            0.0000000000 
_pdbx_struct_oper_list.matrix[3][1]         0.0000000000 
_pdbx_struct_oper_list.matrix[3][2]         0.0000000000 
_pdbx_struct_oper_list.matrix[3][3]         1.0000000000 
_pdbx_struct_oper_list.vector[3]            0.0000000000 
# 
loop_
_pdbx_audit_revision_history.ordinal 
_pdbx_audit_revision_history.data_content_type 
_pdbx_audit_revision_history.major_revision 
_pdbx_audit_revision_history.minor_revision 
_pdbx_audit_revision_history.revision_date 
1 'Structure model' 1 0 2008-05-06 
2 'Structure model' 1 1 2011-07-13 
3 'Structure model' 1 2 2023-08-30 
# 
_pdbx_audit_revision_details.ordinal             1 
_pdbx_audit_revision_details.revision_ordinal    1 
_pdbx_audit_revision_details.data_content_type   'Structure model' 
_pdbx_audit_revision_details.provider            repository 
_pdbx_audit_revision_details.type                'Initial release' 
_pdbx_audit_revision_details.description         ? 
_pdbx_audit_revision_details.details             ? 
# 
loop_
_pdbx_audit_revision_group.ordinal 
_pdbx_audit_revision_group.revision_ordinal 
_pdbx_audit_revision_group.data_content_type 
_pdbx_audit_revision_group.group 
1 2 'Structure model' 'Version format compliance' 
2 3 'Structure model' 'Data collection'           
3 3 'Structure model' 'Database references'       
4 3 'Structure model' 'Derived calculations'      
5 3 'Structure model' 'Refinement description'    
# 
loop_
_pdbx_audit_revision_category.ordinal 
_pdbx_audit_revision_category.revision_ordinal 
_pdbx_audit_revision_category.data_content_type 
_pdbx_audit_revision_category.category 
1 3 'Structure model' chem_comp_atom                
2 3 'Structure model' chem_comp_bond                
3 3 'Structure model' database_2                    
4 3 'Structure model' pdbx_initial_refinement_model 
5 3 'Structure model' struct_conn                   
# 
loop_
_pdbx_audit_revision_item.ordinal 
_pdbx_audit_revision_item.revision_ordinal 
_pdbx_audit_revision_item.data_content_type 
_pdbx_audit_revision_item.item 
1 3 'Structure model' '_database_2.pdbx_DOI'                
2 3 'Structure model' '_database_2.pdbx_database_accession' 
3 3 'Structure model' '_struct_conn.pdbx_leaving_atom_flag' 
# 
_pdbx_refine_tls.id               1 
_pdbx_refine_tls.details          ? 
_pdbx_refine_tls.method           refined 
_pdbx_refine_tls.origin_x         0.0798 
_pdbx_refine_tls.origin_y         0.0292 
_pdbx_refine_tls.origin_z         -0.0216 
_pdbx_refine_tls.T[1][1]          0.0197 
_pdbx_refine_tls.T[2][2]          0.0053 
_pdbx_refine_tls.T[3][3]          0.0117 
_pdbx_refine_tls.T[1][2]          -0.0162 
_pdbx_refine_tls.T[1][3]          0.0131 
_pdbx_refine_tls.T[2][3]          -0.0090 
_pdbx_refine_tls.L[1][1]          0.1052 
_pdbx_refine_tls.L[2][2]          0.9248 
_pdbx_refine_tls.L[3][3]          0.8457 
_pdbx_refine_tls.L[1][2]          0.2784 
_pdbx_refine_tls.L[1][3]          -0.2069 
_pdbx_refine_tls.L[2][3]          -0.8348 
_pdbx_refine_tls.S[1][1]          0.0364 
_pdbx_refine_tls.S[1][2]          -0.0282 
_pdbx_refine_tls.S[1][3]          0.0160 
_pdbx_refine_tls.S[2][1]          -0.0096 
_pdbx_refine_tls.S[2][2]          -0.0475 
_pdbx_refine_tls.S[2][3]          0.0584 
_pdbx_refine_tls.S[3][1]          -0.0004 
_pdbx_refine_tls.S[3][2]          0.1002 
_pdbx_refine_tls.S[3][3]          0.0112 
_pdbx_refine_tls.pdbx_refine_id   'X-RAY DIFFRACTION' 
# 
loop_
_pdbx_refine_tls_group.id 
_pdbx_refine_tls_group.refine_tls_id 
_pdbx_refine_tls_group.beg_auth_asym_id 
_pdbx_refine_tls_group.beg_auth_seq_id 
_pdbx_refine_tls_group.beg_label_asym_id 
_pdbx_refine_tls_group.beg_label_seq_id 
_pdbx_refine_tls_group.end_auth_asym_id 
_pdbx_refine_tls_group.end_auth_seq_id 
_pdbx_refine_tls_group.end_label_asym_id 
_pdbx_refine_tls_group.end_label_seq_id 
_pdbx_refine_tls_group.selection 
_pdbx_refine_tls_group.pdbx_refine_id 
_pdbx_refine_tls_group.selection_details 
1 1 A 1 A 1 A 12 A 12 ? 'X-RAY DIFFRACTION' ? 
2 1 B 1 B 1 B 12 B 12 ? 'X-RAY DIFFRACTION' ? 
# 
loop_
_software.name 
_software.classification 
_software.version 
_software.citation_id 
_software.pdbx_ordinal 
REFMAC   refinement        5.2.0005 ? 1 
HKL-2000 'data collection' .        ? 2 
HKL-2000 'data reduction'  .        ? 3 
HKL-2000 'data scaling'    .        ? 4 
EPMR     phasing           .        ? 5 
# 
_pdbx_validate_close_contact.id               1 
_pdbx_validate_close_contact.PDB_model_num    1 
_pdbx_validate_close_contact.auth_atom_id_1   O 
_pdbx_validate_close_contact.auth_asym_id_1   A 
_pdbx_validate_close_contact.auth_comp_id_1   HOH 
_pdbx_validate_close_contact.auth_seq_id_1    43 
_pdbx_validate_close_contact.PDB_ins_code_1   ? 
_pdbx_validate_close_contact.label_alt_id_1   ? 
_pdbx_validate_close_contact.auth_atom_id_2   O 
_pdbx_validate_close_contact.auth_asym_id_2   A 
_pdbx_validate_close_contact.auth_comp_id_2   HOH 
_pdbx_validate_close_contact.auth_seq_id_2    48 
_pdbx_validate_close_contact.PDB_ins_code_2   ? 
_pdbx_validate_close_contact.label_alt_id_2   ? 
_pdbx_validate_close_contact.dist             2.03 
# 
loop_
_pdbx_validate_rmsd_angle.id 
_pdbx_validate_rmsd_angle.PDB_model_num 
_pdbx_validate_rmsd_angle.auth_atom_id_1 
_pdbx_validate_rmsd_angle.auth_asym_id_1 
_pdbx_validate_rmsd_angle.auth_comp_id_1 
_pdbx_validate_rmsd_angle.auth_seq_id_1 
_pdbx_validate_rmsd_angle.PDB_ins_code_1 
_pdbx_validate_rmsd_angle.label_alt_id_1 
_pdbx_validate_rmsd_angle.auth_atom_id_2 
_pdbx_validate_rmsd_angle.auth_asym_id_2 
_pdbx_validate_rmsd_angle.auth_comp_id_2 
_pdbx_validate_rmsd_angle.auth_seq_id_2 
_pdbx_validate_rmsd_angle.PDB_ins_code_2 
_pdbx_validate_rmsd_angle.label_alt_id_2 
_pdbx_validate_rmsd_angle.auth_atom_id_3 
_pdbx_validate_rmsd_angle.auth_asym_id_3 
_pdbx_validate_rmsd_angle.auth_comp_id_3 
_pdbx_validate_rmsd_angle.auth_seq_id_3 
_pdbx_validate_rmsd_angle.PDB_ins_code_3 
_pdbx_validate_rmsd_angle.label_alt_id_3 
_pdbx_validate_rmsd_angle.angle_value 
_pdbx_validate_rmsd_angle.angle_target_value 
_pdbx_validate_rmsd_angle.angle_deviation 
_pdbx_validate_rmsd_angle.angle_standard_deviation 
_pdbx_validate_rmsd_angle.linker_flag 
1 1 "O4'" A DC  1  ? ? "C1'" A DC  1  ? ? N1  A DC 1  ? ? 111.91 108.30 3.61  0.30 N 
2 1 "O3'" A ZDU 8  ? ? P     A DC  9  ? ? OP2 A DC 9  ? ? 118.04 110.50 7.54  1.10 Y 
3 1 "O4'" B DG  4  ? ? "C1'" B DG  4  ? ? N9  B DG 4  ? ? 110.84 108.30 2.54  0.30 N 
4 1 "C3'" B 7GU 10 ? ? "O3'" B 7GU 10 ? ? P   B DC 11 ? ? 132.14 119.70 12.44 1.20 Y 
# 
loop_
_chem_comp_atom.comp_id 
_chem_comp_atom.atom_id 
_chem_comp_atom.type_symbol 
_chem_comp_atom.pdbx_aromatic_flag 
_chem_comp_atom.pdbx_stereo_config 
_chem_comp_atom.pdbx_ordinal 
7GU P      P N N 1   
7GU OP1    O N N 2   
7GU OP2    O N N 3   
7GU "O5'"  O N N 4   
7GU N9     N Y N 5   
7GU C4     C Y N 6   
7GU N3     N N N 7   
7GU C2     C N N 8   
7GU N2     N N N 9   
7GU N1     N N N 10  
7GU C6     C N N 11  
7GU O6     O N N 12  
7GU C5     C Y N 13  
7GU C7     C Y N 14  
7GU C8     C Y N 15  
7GU "C2'"  C N N 16  
7GU "C5'"  C N N 17  
7GU "C4'"  C N R 18  
7GU "O4'"  O N N 19  
7GU "C1'"  C N R 20  
7GU "C3'"  C N S 21  
7GU "O3'"  O N N 22  
7GU OP3    O N N 23  
7GU HOP2   H N N 24  
7GU HN21   H N N 25  
7GU HN22   H N N 26  
7GU HN1    H N N 27  
7GU H7     H N N 28  
7GU H8     H N N 29  
7GU "H2'"  H N N 30  
7GU "H2''" H N N 31  
7GU "H5'"  H N N 32  
7GU "H5''" H N N 33  
7GU "H4'"  H N N 34  
7GU "H1'"  H N N 35  
7GU "H3'"  H N N 36  
7GU "HO3'" H N N 37  
7GU HOP3   H N N 38  
DA  OP3    O N N 39  
DA  P      P N N 40  
DA  OP1    O N N 41  
DA  OP2    O N N 42  
DA  "O5'"  O N N 43  
DA  "C5'"  C N N 44  
DA  "C4'"  C N R 45  
DA  "O4'"  O N N 46  
DA  "C3'"  C N S 47  
DA  "O3'"  O N N 48  
DA  "C2'"  C N N 49  
DA  "C1'"  C N R 50  
DA  N9     N Y N 51  
DA  C8     C Y N 52  
DA  N7     N Y N 53  
DA  C5     C Y N 54  
DA  C6     C Y N 55  
DA  N6     N N N 56  
DA  N1     N Y N 57  
DA  C2     C Y N 58  
DA  N3     N Y N 59  
DA  C4     C Y N 60  
DA  HOP3   H N N 61  
DA  HOP2   H N N 62  
DA  "H5'"  H N N 63  
DA  "H5''" H N N 64  
DA  "H4'"  H N N 65  
DA  "H3'"  H N N 66  
DA  "HO3'" H N N 67  
DA  "H2'"  H N N 68  
DA  "H2''" H N N 69  
DA  "H1'"  H N N 70  
DA  H8     H N N 71  
DA  H61    H N N 72  
DA  H62    H N N 73  
DA  H2     H N N 74  
DC  OP3    O N N 75  
DC  P      P N N 76  
DC  OP1    O N N 77  
DC  OP2    O N N 78  
DC  "O5'"  O N N 79  
DC  "C5'"  C N N 80  
DC  "C4'"  C N R 81  
DC  "O4'"  O N N 82  
DC  "C3'"  C N S 83  
DC  "O3'"  O N N 84  
DC  "C2'"  C N N 85  
DC  "C1'"  C N R 86  
DC  N1     N N N 87  
DC  C2     C N N 88  
DC  O2     O N N 89  
DC  N3     N N N 90  
DC  C4     C N N 91  
DC  N4     N N N 92  
DC  C5     C N N 93  
DC  C6     C N N 94  
DC  HOP3   H N N 95  
DC  HOP2   H N N 96  
DC  "H5'"  H N N 97  
DC  "H5''" H N N 98  
DC  "H4'"  H N N 99  
DC  "H3'"  H N N 100 
DC  "HO3'" H N N 101 
DC  "H2'"  H N N 102 
DC  "H2''" H N N 103 
DC  "H1'"  H N N 104 
DC  H41    H N N 105 
DC  H42    H N N 106 
DC  H5     H N N 107 
DC  H6     H N N 108 
DG  OP3    O N N 109 
DG  P      P N N 110 
DG  OP1    O N N 111 
DG  OP2    O N N 112 
DG  "O5'"  O N N 113 
DG  "C5'"  C N N 114 
DG  "C4'"  C N R 115 
DG  "O4'"  O N N 116 
DG  "C3'"  C N S 117 
DG  "O3'"  O N N 118 
DG  "C2'"  C N N 119 
DG  "C1'"  C N R 120 
DG  N9     N Y N 121 
DG  C8     C Y N 122 
DG  N7     N Y N 123 
DG  C5     C Y N 124 
DG  C6     C N N 125 
DG  O6     O N N 126 
DG  N1     N N N 127 
DG  C2     C N N 128 
DG  N2     N N N 129 
DG  N3     N N N 130 
DG  C4     C Y N 131 
DG  HOP3   H N N 132 
DG  HOP2   H N N 133 
DG  "H5'"  H N N 134 
DG  "H5''" H N N 135 
DG  "H4'"  H N N 136 
DG  "H3'"  H N N 137 
DG  "HO3'" H N N 138 
DG  "H2'"  H N N 139 
DG  "H2''" H N N 140 
DG  "H1'"  H N N 141 
DG  H8     H N N 142 
DG  H1     H N N 143 
DG  H21    H N N 144 
DG  H22    H N N 145 
DT  OP3    O N N 146 
DT  P      P N N 147 
DT  OP1    O N N 148 
DT  OP2    O N N 149 
DT  "O5'"  O N N 150 
DT  "C5'"  C N N 151 
DT  "C4'"  C N R 152 
DT  "O4'"  O N N 153 
DT  "C3'"  C N S 154 
DT  "O3'"  O N N 155 
DT  "C2'"  C N N 156 
DT  "C1'"  C N R 157 
DT  N1     N N N 158 
DT  C2     C N N 159 
DT  O2     O N N 160 
DT  N3     N N N 161 
DT  C4     C N N 162 
DT  O4     O N N 163 
DT  C5     C N N 164 
DT  C7     C N N 165 
DT  C6     C N N 166 
DT  HOP3   H N N 167 
DT  HOP2   H N N 168 
DT  "H5'"  H N N 169 
DT  "H5''" H N N 170 
DT  "H4'"  H N N 171 
DT  "H3'"  H N N 172 
DT  "HO3'" H N N 173 
DT  "H2'"  H N N 174 
DT  "H2''" H N N 175 
DT  "H1'"  H N N 176 
DT  H3     H N N 177 
DT  H71    H N N 178 
DT  H72    H N N 179 
DT  H73    H N N 180 
DT  H6     H N N 181 
HOH O      O N N 182 
HOH H1     H N N 183 
HOH H2     H N N 184 
ZDU P      P N N 185 
ZDU OP1    O N N 186 
ZDU OP2    O N N 187 
ZDU "O5'"  O N N 188 
ZDU N1     N N N 189 
ZDU C6     C N N 190 
ZDU C2     C N N 191 
ZDU O2     O N N 192 
ZDU N3     N N N 193 
ZDU C4     C N N 194 
ZDU O4     O N N 195 
ZDU C5     C N N 196 
ZDU C5A    C N N 197 
ZDU C5B    C N N 198 
ZDU C5G    C N N 199 
ZDU N5D    N N N 200 
ZDU "C2'"  C N N 201 
ZDU "C5'"  C N N 202 
ZDU "C4'"  C N R 203 
ZDU "O4'"  O N N 204 
ZDU "C1'"  C N R 205 
ZDU "C3'"  C N S 206 
ZDU "O3'"  O N N 207 
ZDU OP3    O N N 208 
ZDU HOP2   H N N 209 
ZDU H6     H N N 210 
ZDU HN3    H N N 211 
ZDU H5A1   H N N 212 
ZDU H5A2   H N N 213 
ZDU H5B1   H N N 214 
ZDU H5B2   H N N 215 
ZDU H5G1   H N N 216 
ZDU H5G2   H N N 217 
ZDU H5D1   H N N 218 
ZDU H5D2   H N N 219 
ZDU "H2'"  H N N 220 
ZDU "H2''" H N N 221 
ZDU "H5'"  H N N 222 
ZDU "H5''" H N N 223 
ZDU "H4'"  H N N 224 
ZDU "H1'"  H N N 225 
ZDU "H3'"  H N N 226 
ZDU "HO3'" H N N 227 
ZDU HOP3   H N N 228 
# 
loop_
_chem_comp_bond.comp_id 
_chem_comp_bond.atom_id_1 
_chem_comp_bond.atom_id_2 
_chem_comp_bond.value_order 
_chem_comp_bond.pdbx_aromatic_flag 
_chem_comp_bond.pdbx_stereo_config 
_chem_comp_bond.pdbx_ordinal 
7GU P     OP1    doub N N 1   
7GU P     OP2    sing N N 2   
7GU P     "O5'"  sing N N 3   
7GU P     OP3    sing N N 4   
7GU OP2   HOP2   sing N N 5   
7GU "O5'" "C5'"  sing N N 6   
7GU N9    C4     sing Y N 7   
7GU N9    C8     sing Y N 8   
7GU N9    "C1'"  sing N N 9   
7GU C4    N3     sing N N 10  
7GU C4    C5     doub Y N 11  
7GU N3    C2     doub N N 12  
7GU C2    N2     sing N N 13  
7GU C2    N1     sing N N 14  
7GU N2    HN21   sing N N 15  
7GU N2    HN22   sing N N 16  
7GU N1    C6     sing N N 17  
7GU N1    HN1    sing N N 18  
7GU C6    O6     doub N N 19  
7GU C6    C5     sing N N 20  
7GU C5    C7     sing Y N 21  
7GU C7    C8     doub Y N 22  
7GU C7    H7     sing N N 23  
7GU C8    H8     sing N N 24  
7GU "C2'" "C1'"  sing N N 25  
7GU "C2'" "C3'"  sing N N 26  
7GU "C2'" "H2'"  sing N N 27  
7GU "C2'" "H2''" sing N N 28  
7GU "C5'" "C4'"  sing N N 29  
7GU "C5'" "H5'"  sing N N 30  
7GU "C5'" "H5''" sing N N 31  
7GU "C4'" "O4'"  sing N N 32  
7GU "C4'" "C3'"  sing N N 33  
7GU "C4'" "H4'"  sing N N 34  
7GU "O4'" "C1'"  sing N N 35  
7GU "C1'" "H1'"  sing N N 36  
7GU "C3'" "O3'"  sing N N 37  
7GU "C3'" "H3'"  sing N N 38  
7GU "O3'" "HO3'" sing N N 39  
7GU OP3   HOP3   sing N N 40  
DA  OP3   P      sing N N 41  
DA  OP3   HOP3   sing N N 42  
DA  P     OP1    doub N N 43  
DA  P     OP2    sing N N 44  
DA  P     "O5'"  sing N N 45  
DA  OP2   HOP2   sing N N 46  
DA  "O5'" "C5'"  sing N N 47  
DA  "C5'" "C4'"  sing N N 48  
DA  "C5'" "H5'"  sing N N 49  
DA  "C5'" "H5''" sing N N 50  
DA  "C4'" "O4'"  sing N N 51  
DA  "C4'" "C3'"  sing N N 52  
DA  "C4'" "H4'"  sing N N 53  
DA  "O4'" "C1'"  sing N N 54  
DA  "C3'" "O3'"  sing N N 55  
DA  "C3'" "C2'"  sing N N 56  
DA  "C3'" "H3'"  sing N N 57  
DA  "O3'" "HO3'" sing N N 58  
DA  "C2'" "C1'"  sing N N 59  
DA  "C2'" "H2'"  sing N N 60  
DA  "C2'" "H2''" sing N N 61  
DA  "C1'" N9     sing N N 62  
DA  "C1'" "H1'"  sing N N 63  
DA  N9    C8     sing Y N 64  
DA  N9    C4     sing Y N 65  
DA  C8    N7     doub Y N 66  
DA  C8    H8     sing N N 67  
DA  N7    C5     sing Y N 68  
DA  C5    C6     sing Y N 69  
DA  C5    C4     doub Y N 70  
DA  C6    N6     sing N N 71  
DA  C6    N1     doub Y N 72  
DA  N6    H61    sing N N 73  
DA  N6    H62    sing N N 74  
DA  N1    C2     sing Y N 75  
DA  C2    N3     doub Y N 76  
DA  C2    H2     sing N N 77  
DA  N3    C4     sing Y N 78  
DC  OP3   P      sing N N 79  
DC  OP3   HOP3   sing N N 80  
DC  P     OP1    doub N N 81  
DC  P     OP2    sing N N 82  
DC  P     "O5'"  sing N N 83  
DC  OP2   HOP2   sing N N 84  
DC  "O5'" "C5'"  sing N N 85  
DC  "C5'" "C4'"  sing N N 86  
DC  "C5'" "H5'"  sing N N 87  
DC  "C5'" "H5''" sing N N 88  
DC  "C4'" "O4'"  sing N N 89  
DC  "C4'" "C3'"  sing N N 90  
DC  "C4'" "H4'"  sing N N 91  
DC  "O4'" "C1'"  sing N N 92  
DC  "C3'" "O3'"  sing N N 93  
DC  "C3'" "C2'"  sing N N 94  
DC  "C3'" "H3'"  sing N N 95  
DC  "O3'" "HO3'" sing N N 96  
DC  "C2'" "C1'"  sing N N 97  
DC  "C2'" "H2'"  sing N N 98  
DC  "C2'" "H2''" sing N N 99  
DC  "C1'" N1     sing N N 100 
DC  "C1'" "H1'"  sing N N 101 
DC  N1    C2     sing N N 102 
DC  N1    C6     sing N N 103 
DC  C2    O2     doub N N 104 
DC  C2    N3     sing N N 105 
DC  N3    C4     doub N N 106 
DC  C4    N4     sing N N 107 
DC  C4    C5     sing N N 108 
DC  N4    H41    sing N N 109 
DC  N4    H42    sing N N 110 
DC  C5    C6     doub N N 111 
DC  C5    H5     sing N N 112 
DC  C6    H6     sing N N 113 
DG  OP3   P      sing N N 114 
DG  OP3   HOP3   sing N N 115 
DG  P     OP1    doub N N 116 
DG  P     OP2    sing N N 117 
DG  P     "O5'"  sing N N 118 
DG  OP2   HOP2   sing N N 119 
DG  "O5'" "C5'"  sing N N 120 
DG  "C5'" "C4'"  sing N N 121 
DG  "C5'" "H5'"  sing N N 122 
DG  "C5'" "H5''" sing N N 123 
DG  "C4'" "O4'"  sing N N 124 
DG  "C4'" "C3'"  sing N N 125 
DG  "C4'" "H4'"  sing N N 126 
DG  "O4'" "C1'"  sing N N 127 
DG  "C3'" "O3'"  sing N N 128 
DG  "C3'" "C2'"  sing N N 129 
DG  "C3'" "H3'"  sing N N 130 
DG  "O3'" "HO3'" sing N N 131 
DG  "C2'" "C1'"  sing N N 132 
DG  "C2'" "H2'"  sing N N 133 
DG  "C2'" "H2''" sing N N 134 
DG  "C1'" N9     sing N N 135 
DG  "C1'" "H1'"  sing N N 136 
DG  N9    C8     sing Y N 137 
DG  N9    C4     sing Y N 138 
DG  C8    N7     doub Y N 139 
DG  C8    H8     sing N N 140 
DG  N7    C5     sing Y N 141 
DG  C5    C6     sing N N 142 
DG  C5    C4     doub Y N 143 
DG  C6    O6     doub N N 144 
DG  C6    N1     sing N N 145 
DG  N1    C2     sing N N 146 
DG  N1    H1     sing N N 147 
DG  C2    N2     sing N N 148 
DG  C2    N3     doub N N 149 
DG  N2    H21    sing N N 150 
DG  N2    H22    sing N N 151 
DG  N3    C4     sing N N 152 
DT  OP3   P      sing N N 153 
DT  OP3   HOP3   sing N N 154 
DT  P     OP1    doub N N 155 
DT  P     OP2    sing N N 156 
DT  P     "O5'"  sing N N 157 
DT  OP2   HOP2   sing N N 158 
DT  "O5'" "C5'"  sing N N 159 
DT  "C5'" "C4'"  sing N N 160 
DT  "C5'" "H5'"  sing N N 161 
DT  "C5'" "H5''" sing N N 162 
DT  "C4'" "O4'"  sing N N 163 
DT  "C4'" "C3'"  sing N N 164 
DT  "C4'" "H4'"  sing N N 165 
DT  "O4'" "C1'"  sing N N 166 
DT  "C3'" "O3'"  sing N N 167 
DT  "C3'" "C2'"  sing N N 168 
DT  "C3'" "H3'"  sing N N 169 
DT  "O3'" "HO3'" sing N N 170 
DT  "C2'" "C1'"  sing N N 171 
DT  "C2'" "H2'"  sing N N 172 
DT  "C2'" "H2''" sing N N 173 
DT  "C1'" N1     sing N N 174 
DT  "C1'" "H1'"  sing N N 175 
DT  N1    C2     sing N N 176 
DT  N1    C6     sing N N 177 
DT  C2    O2     doub N N 178 
DT  C2    N3     sing N N 179 
DT  N3    C4     sing N N 180 
DT  N3    H3     sing N N 181 
DT  C4    O4     doub N N 182 
DT  C4    C5     sing N N 183 
DT  C5    C7     sing N N 184 
DT  C5    C6     doub N N 185 
DT  C7    H71    sing N N 186 
DT  C7    H72    sing N N 187 
DT  C7    H73    sing N N 188 
DT  C6    H6     sing N N 189 
HOH O     H1     sing N N 190 
HOH O     H2     sing N N 191 
ZDU P     OP1    doub N N 192 
ZDU P     OP2    sing N N 193 
ZDU P     "O5'"  sing N N 194 
ZDU P     OP3    sing N N 195 
ZDU OP2   HOP2   sing N N 196 
ZDU "O5'" "C5'"  sing N N 197 
ZDU N1    C6     sing N N 198 
ZDU N1    C2     sing N N 199 
ZDU N1    "C1'"  sing N N 200 
ZDU C6    C5     doub N N 201 
ZDU C6    H6     sing N N 202 
ZDU C2    O2     doub N N 203 
ZDU C2    N3     sing N N 204 
ZDU N3    C4     sing N N 205 
ZDU N3    HN3    sing N N 206 
ZDU C4    O4     doub N N 207 
ZDU C4    C5     sing N N 208 
ZDU C5    C5A    sing N N 209 
ZDU C5A   C5B    sing N N 210 
ZDU C5A   H5A1   sing N N 211 
ZDU C5A   H5A2   sing N N 212 
ZDU C5B   C5G    sing N N 213 
ZDU C5B   H5B1   sing N N 214 
ZDU C5B   H5B2   sing N N 215 
ZDU C5G   N5D    sing N N 216 
ZDU C5G   H5G1   sing N N 217 
ZDU C5G   H5G2   sing N N 218 
ZDU N5D   H5D1   sing N N 219 
ZDU N5D   H5D2   sing N N 220 
ZDU "C2'" "C1'"  sing N N 221 
ZDU "C2'" "C3'"  sing N N 222 
ZDU "C2'" "H2'"  sing N N 223 
ZDU "C2'" "H2''" sing N N 224 
ZDU "C5'" "C4'"  sing N N 225 
ZDU "C5'" "H5'"  sing N N 226 
ZDU "C5'" "H5''" sing N N 227 
ZDU "C4'" "O4'"  sing N N 228 
ZDU "C4'" "C3'"  sing N N 229 
ZDU "C4'" "H4'"  sing N N 230 
ZDU "O4'" "C1'"  sing N N 231 
ZDU "C1'" "H1'"  sing N N 232 
ZDU "C3'" "O3'"  sing N N 233 
ZDU "C3'" "H3'"  sing N N 234 
ZDU "O3'" "HO3'" sing N N 235 
ZDU OP3   HOP3   sing N N 236 
# 
loop_
_ndb_struct_conf_na.entry_id 
_ndb_struct_conf_na.feature 
2QEF 'double helix'        
2QEF 'b-form double helix' 
# 
loop_
_ndb_struct_na_base_pair.model_number 
_ndb_struct_na_base_pair.i_label_asym_id 
_ndb_struct_na_base_pair.i_label_comp_id 
_ndb_struct_na_base_pair.i_label_seq_id 
_ndb_struct_na_base_pair.i_symmetry 
_ndb_struct_na_base_pair.j_label_asym_id 
_ndb_struct_na_base_pair.j_label_comp_id 
_ndb_struct_na_base_pair.j_label_seq_id 
_ndb_struct_na_base_pair.j_symmetry 
_ndb_struct_na_base_pair.shear 
_ndb_struct_na_base_pair.stretch 
_ndb_struct_na_base_pair.stagger 
_ndb_struct_na_base_pair.buckle 
_ndb_struct_na_base_pair.propeller 
_ndb_struct_na_base_pair.opening 
_ndb_struct_na_base_pair.pair_number 
_ndb_struct_na_base_pair.pair_name 
_ndb_struct_na_base_pair.i_auth_asym_id 
_ndb_struct_na_base_pair.i_auth_seq_id 
_ndb_struct_na_base_pair.i_PDB_ins_code 
_ndb_struct_na_base_pair.j_auth_asym_id 
_ndb_struct_na_base_pair.j_auth_seq_id 
_ndb_struct_na_base_pair.j_PDB_ins_code 
_ndb_struct_na_base_pair.hbond_type_28 
_ndb_struct_na_base_pair.hbond_type_12 
1 A DC  1  1_555 B DG  12 1_555 0.234  -0.178 -0.113 5.256   -5.479  -0.051 1  A_DC1:DG12_B  A 1  ? B 12 ? 19 1 
1 A DG  2  1_555 B DC  11 1_555 -0.250 -0.168 0.124  -0.058  -4.828  -3.973 2  A_DG2:DC11_B  A 2  ? B 11 ? 19 1 
1 A DC  3  1_555 B 7GU 10 1_555 0.172  -0.110 0.036  1.056   -9.050  2.361  3  A_DC3:7GU10_B A 3  ? B 10 ? 19 1 
1 A DG  4  1_555 B DC  9  1_555 -0.339 -0.173 0.018  10.791  -13.483 1.252  4  A_DG4:DC9_B   A 4  ? B 9  ? 19 1 
1 A DA  5  1_555 B ZDU 8  1_555 0.064  -0.173 -0.046 6.170   -11.714 1.101  5  A_DA5:ZDU8_B  A 5  ? B 8  ? 20 1 
1 A DA  6  1_555 B DT  7  1_555 -0.021 -0.031 0.084  1.716   -16.396 5.155  6  A_DA6:DT7_B   A 6  ? B 7  ? 20 1 
1 A DT  7  1_555 B DA  6  1_555 0.019  -0.096 0.180  -1.905  -16.204 5.463  7  A_DT7:DA6_B   A 7  ? B 6  ? 20 1 
1 A ZDU 8  1_555 B DA  5  1_555 0.007  -0.106 0.065  -3.652  -11.225 3.955  8  A_ZDU8:DA5_B  A 8  ? B 5  ? 20 1 
1 A DC  9  1_555 B DG  4  1_555 0.260  -0.146 0.143  -10.537 -10.463 -0.849 9  A_DC9:DG4_B   A 9  ? B 4  ? 19 1 
1 A 7GU 10 1_555 B DC  3  1_555 -0.071 -0.138 0.359  5.878   -4.913  1.904  10 A_7GU10:DC3_B A 10 ? B 3  ? 19 1 
1 A DC  11 1_555 B DG  2  1_555 0.071  -0.199 0.167  1.121   -11.642 -0.799 11 A_DC11:DG2_B  A 11 ? B 2  ? 19 1 
1 A DG  12 1_555 B DC  1  1_555 -0.240 -0.147 0.263  10.870  -7.259  -0.682 12 A_DG12:DC1_B  A 12 ? B 1  ? 19 1 
# 
loop_
_ndb_struct_na_base_pair_step.model_number 
_ndb_struct_na_base_pair_step.i_label_asym_id_1 
_ndb_struct_na_base_pair_step.i_label_comp_id_1 
_ndb_struct_na_base_pair_step.i_label_seq_id_1 
_ndb_struct_na_base_pair_step.i_symmetry_1 
_ndb_struct_na_base_pair_step.j_label_asym_id_1 
_ndb_struct_na_base_pair_step.j_label_comp_id_1 
_ndb_struct_na_base_pair_step.j_label_seq_id_1 
_ndb_struct_na_base_pair_step.j_symmetry_1 
_ndb_struct_na_base_pair_step.i_label_asym_id_2 
_ndb_struct_na_base_pair_step.i_label_comp_id_2 
_ndb_struct_na_base_pair_step.i_label_seq_id_2 
_ndb_struct_na_base_pair_step.i_symmetry_2 
_ndb_struct_na_base_pair_step.j_label_asym_id_2 
_ndb_struct_na_base_pair_step.j_label_comp_id_2 
_ndb_struct_na_base_pair_step.j_label_seq_id_2 
_ndb_struct_na_base_pair_step.j_symmetry_2 
_ndb_struct_na_base_pair_step.shift 
_ndb_struct_na_base_pair_step.slide 
_ndb_struct_na_base_pair_step.rise 
_ndb_struct_na_base_pair_step.tilt 
_ndb_struct_na_base_pair_step.roll 
_ndb_struct_na_base_pair_step.twist 
_ndb_struct_na_base_pair_step.x_displacement 
_ndb_struct_na_base_pair_step.y_displacement 
_ndb_struct_na_base_pair_step.helical_rise 
_ndb_struct_na_base_pair_step.inclination 
_ndb_struct_na_base_pair_step.tip 
_ndb_struct_na_base_pair_step.helical_twist 
_ndb_struct_na_base_pair_step.step_number 
_ndb_struct_na_base_pair_step.step_name 
_ndb_struct_na_base_pair_step.i_auth_asym_id_1 
_ndb_struct_na_base_pair_step.i_auth_seq_id_1 
_ndb_struct_na_base_pair_step.i_PDB_ins_code_1 
_ndb_struct_na_base_pair_step.j_auth_asym_id_1 
_ndb_struct_na_base_pair_step.j_auth_seq_id_1 
_ndb_struct_na_base_pair_step.j_PDB_ins_code_1 
_ndb_struct_na_base_pair_step.i_auth_asym_id_2 
_ndb_struct_na_base_pair_step.i_auth_seq_id_2 
_ndb_struct_na_base_pair_step.i_PDB_ins_code_2 
_ndb_struct_na_base_pair_step.j_auth_asym_id_2 
_ndb_struct_na_base_pair_step.j_auth_seq_id_2 
_ndb_struct_na_base_pair_step.j_PDB_ins_code_2 
1 A DC  1  1_555 B DG  12 1_555 A DG  2  1_555 B DC  11 1_555 -0.938 -0.150 3.516 -4.418 -2.767 34.867 0.201  0.831  3.605 -4.586 
7.323  35.242 1  AA_DC1DG2:DC11DG12_BB  A 1  ? B 12 ? A 2  ? B 11 ? 
1 A DG  2  1_555 B DC  11 1_555 A DC  3  1_555 B 7GU 10 1_555 0.501  -0.290 3.298 2.033  3.279  35.782 -0.940 -0.519 3.282 5.317  
-3.297 35.982 2  AA_DG2DC3:7GU10DC11_BB A 2  ? B 11 ? A 3  ? B 10 ? 
1 A DC  3  1_555 B 7GU 10 1_555 A DG  4  1_555 B DC  9  1_555 -0.345 0.791  3.163 0.581  13.168 29.632 -0.952 0.723  3.210 24.289 
-1.073 32.372 3  AA_DC3DG4:DC97GU10_BB  A 3  ? B 10 ? A 4  ? B 9  ? 
1 A DG  4  1_555 B DC  9  1_555 A DA  5  1_555 B ZDU 8  1_555 0.326  -0.120 3.415 1.234  -1.036 35.737 -0.039 -0.345 3.426 -1.688 
-2.010 35.773 4  AA_DG4DA5:ZDU8DC9_BB   A 4  ? B 9  ? A 5  ? B 8  ? 
1 A DA  5  1_555 B ZDU 8  1_555 A DA  6  1_555 B DT  7  1_555 -0.181 -0.161 3.302 -2.199 0.001  38.289 -0.245 -0.002 3.307 0.001  
3.348  38.350 5  AA_DA5DA6:DT7ZDU8_BB   A 5  ? B 8  ? A 6  ? B 7  ? 
1 A DA  6  1_555 B DT  7  1_555 A DT  7  1_555 B DA  6  1_555 0.000  -0.509 3.337 -0.788 -3.735 34.490 -0.265 -0.124 3.371 -6.275 
1.324  34.694 6  AA_DA6DT7:DA6DT7_BB    A 6  ? B 7  ? A 7  ? B 6  ? 
1 A DT  7  1_555 B DA  6  1_555 A ZDU 8  1_555 B DA  5  1_555 -0.008 -0.420 3.239 1.501  -1.605 34.297 -0.462 0.246  3.252 -2.718 
-2.543 34.366 7  AA_DT7ZDU8:DA5DA6_BB   A 7  ? B 6  ? A 8  ? B 5  ? 
1 A ZDU 8  1_555 B DA  5  1_555 A DC  9  1_555 B DG  4  1_555 -0.141 -0.202 3.440 1.187  -3.646 42.850 0.104  0.316  3.440 -4.979 
-1.621 43.013 8  AA_ZDU8DC9:DG4DA5_BB   A 8  ? B 5  ? A 9  ? B 4  ? 
1 A DC  9  1_555 B DG  4  1_555 A 7GU 10 1_555 B DC  3  1_555 0.642  0.582  3.023 -2.861 1.338  26.752 0.936  -2.051 2.965 2.880  
6.156  26.935 9  AA_DC97GU10:DC3DG4_BB  A 9  ? B 4  ? A 10 ? B 3  ? 
1 A 7GU 10 1_555 B DC  3  1_555 A DC  11 1_555 B DG  2  1_555 -1.459 0.510  3.463 -0.929 -6.310 42.628 1.350  1.891  3.387 -8.621 
1.269  43.080 10 AA_7GU10DC11:DG2DC3_BB A 10 ? B 3  ? A 11 ? B 2  ? 
1 A DC  11 1_555 B DG  2  1_555 A DG  12 1_555 B DC  1  1_555 0.907  0.531  3.164 0.042  1.948  31.976 0.620  -1.636 3.191 3.532  
-0.076 32.034 11 AA_DC11DG12:DC1DG2_BB  A 11 ? B 2  ? A 12 ? B 1  ? 
# 
_pdbx_entity_nonpoly.entity_id   2 
_pdbx_entity_nonpoly.name        water 
_pdbx_entity_nonpoly.comp_id     HOH 
# 
_pdbx_initial_refinement_model.id               1 
_pdbx_initial_refinement_model.entity_id_list   ? 
_pdbx_initial_refinement_model.type             'experimental model' 
_pdbx_initial_refinement_model.source_name      PDB 
_pdbx_initial_refinement_model.accession_code   355D 
_pdbx_initial_refinement_model.details          ? 
# 
